data_1W1W
#
_entry.id   1W1W
#
_cell.length_a   138.465
_cell.length_b   138.465
_cell.length_c   284.074
_cell.angle_alpha   90.00
_cell.angle_beta   90.00
_cell.angle_gamma   90.00
#
_symmetry.space_group_name_H-M   'P 43 21 2'
#
loop_
_entity.id
_entity.type
_entity.pdbx_description
1 polymer 'STRUCTURAL MAINTENANCE OF CHROMOSOME 1'
2 polymer 'SISTER CHROMATID COHESION PROTEIN 1'
3 non-polymer 'MAGNESIUM ION'
4 non-polymer 'PHOSPHOTHIOPHOSPHORIC ACID-ADENYLATE ESTER'
#
loop_
_entity_poly.entity_id
_entity_poly.type
_entity_poly.pdbx_seq_one_letter_code
_entity_poly.pdbx_strand_id
1 'polypeptide(L)'
;MGRLVGLELSNFKSYRGVTKVGFGESNFTSIIGPNGSGKSNMMDAISFVLGVRSNHLRSNILKDLIYRGVLNDENSDDYD
NEGAASSNPQSAYVKAFYQKGNKLVELMRIISRNGDTSYKIDGKTVSYKDYSIFLENENILIKAKNFLVFQGDVEQIAAQ
SPVELSRMFEEVSGSIQYKKEYEELKEKIEKLSKSATESIKNRRRIHGELKTYKSPGLEVLFQGPRGSRYDEAEGRFEVI
NNETEQLKAEEKKILNQFLKIKKKRKELFEKTFDYVSDHLDAIYRELTKNPNSNVELAGGNASLTIEDEDEPFNAGIKYH
ATPPLKRFKDMEYLSGGEKTVAALALLFAINSYQPSPFFVLDEVDAALDITNVQRIAAYIRRHRNPDLQFIVISLKNTMF
EKSDALVGVYRQQQENSSKIITLDLSNYAE
;
A,B,C,D
2 'polypeptide(L)'
;MHHHHHHFPEENIIDAKTRNEQTTIQTEKVRPTPGEVASKAIVQMAKILRKELSEEKEVIFTDVLKSQANTEPENITKRE
ASRGFFDILSLATEGCIGLSQTEAFGNIKIDAKPALFERFI
;
E,F,G,H
#
# COMPACT_ATOMS: atom_id res chain seq x y z
N GLY A 2 25.79 15.01 -58.33
CA GLY A 2 25.91 16.49 -58.52
C GLY A 2 26.09 17.18 -57.19
N ARG A 3 27.04 18.10 -57.11
CA ARG A 3 27.33 18.81 -55.86
C ARG A 3 26.53 20.08 -55.66
N LEU A 4 26.45 20.50 -54.40
CA LEU A 4 25.76 21.73 -54.06
C LEU A 4 26.86 22.77 -54.02
N VAL A 5 27.04 23.48 -55.13
CA VAL A 5 28.08 24.48 -55.27
C VAL A 5 27.86 25.74 -54.42
N GLY A 6 26.62 26.20 -54.34
CA GLY A 6 26.36 27.39 -53.55
C GLY A 6 24.87 27.65 -53.41
N LEU A 7 24.52 28.63 -52.58
CA LEU A 7 23.12 28.98 -52.37
C LEU A 7 23.03 30.50 -52.42
N GLU A 8 21.83 31.00 -52.64
CA GLU A 8 21.60 32.44 -52.67
C GLU A 8 20.26 32.64 -51.98
N LEU A 9 20.27 33.35 -50.86
CA LEU A 9 19.03 33.56 -50.13
C LEU A 9 18.61 35.01 -50.28
N SER A 10 17.30 35.22 -50.21
CA SER A 10 16.72 36.55 -50.31
C SER A 10 15.67 36.71 -49.22
N ASN A 11 16.02 37.43 -48.16
CA ASN A 11 15.11 37.62 -47.04
C ASN A 11 14.60 36.27 -46.56
N PHE A 12 15.46 35.25 -46.56
CA PHE A 12 15.03 33.92 -46.17
C PHE A 12 14.59 33.70 -44.76
N LYS A 13 15.35 34.13 -43.77
CA LYS A 13 14.83 33.98 -42.41
C LYS A 13 15.49 35.03 -41.58
N SER A 14 16.71 34.75 -41.14
CA SER A 14 17.43 35.73 -40.36
C SER A 14 18.40 36.36 -41.36
N TYR A 15 18.35 35.90 -42.60
CA TYR A 15 19.22 36.42 -43.65
C TYR A 15 18.59 37.52 -44.50
N ARG A 16 18.47 38.69 -43.90
CA ARG A 16 17.89 39.88 -44.52
C ARG A 16 18.65 40.30 -45.80
N GLY A 17 17.93 40.67 -46.85
CA GLY A 17 18.59 41.07 -48.08
C GLY A 17 19.01 39.88 -48.92
N VAL A 18 20.10 40.03 -49.68
CA VAL A 18 20.61 38.93 -50.51
C VAL A 18 21.89 38.38 -49.93
N THR A 19 21.92 37.06 -49.75
CA THR A 19 23.06 36.39 -49.17
C THR A 19 23.60 35.31 -50.10
N LYS A 20 24.90 35.33 -50.32
CA LYS A 20 25.50 34.34 -51.18
C LYS A 20 26.41 33.42 -50.36
N VAL A 21 26.17 32.12 -50.45
CA VAL A 21 27.00 31.17 -49.74
C VAL A 21 27.66 30.29 -50.78
N GLY A 22 28.98 30.26 -50.76
CA GLY A 22 29.71 29.43 -51.71
C GLY A 22 30.38 28.27 -51.00
N PHE A 23 30.19 27.06 -51.51
CA PHE A 23 30.82 25.92 -50.87
C PHE A 23 32.14 25.61 -51.53
N GLY A 24 32.39 26.26 -52.67
CA GLY A 24 33.62 26.03 -53.39
C GLY A 24 33.71 24.57 -53.75
N GLU A 25 34.92 24.01 -53.74
CA GLU A 25 35.08 22.62 -54.09
C GLU A 25 35.16 21.74 -52.86
N SER A 26 34.76 22.31 -51.73
CA SER A 26 34.76 21.56 -50.47
C SER A 26 33.74 20.41 -50.53
N ASN A 27 34.15 19.25 -50.07
CA ASN A 27 33.27 18.10 -50.05
C ASN A 27 32.98 17.74 -48.60
N PHE A 28 33.41 18.62 -47.72
CA PHE A 28 33.21 18.47 -46.29
C PHE A 28 33.27 19.91 -45.82
N THR A 29 32.11 20.56 -45.73
CA THR A 29 32.05 21.94 -45.28
C THR A 29 31.39 21.91 -43.93
N SER A 30 31.81 22.79 -43.03
CA SER A 30 31.20 22.86 -41.72
C SER A 30 30.64 24.25 -41.57
N ILE A 31 29.40 24.36 -41.11
CA ILE A 31 28.78 25.66 -40.92
C ILE A 31 28.96 25.96 -39.44
N ILE A 32 29.77 26.97 -39.12
CA ILE A 32 30.01 27.28 -37.72
C ILE A 32 29.71 28.70 -37.33
N GLY A 33 29.53 28.92 -36.05
CA GLY A 33 29.20 30.25 -35.56
C GLY A 33 28.52 30.13 -34.22
N PRO A 34 28.41 31.22 -33.46
CA PRO A 34 27.77 31.22 -32.14
C PRO A 34 26.29 30.84 -32.17
N ASN A 35 25.75 30.61 -30.98
CA ASN A 35 24.35 30.26 -30.79
C ASN A 35 23.49 31.37 -31.32
N GLY A 36 22.42 30.99 -32.01
CA GLY A 36 21.51 31.99 -32.54
C GLY A 36 22.00 32.83 -33.71
N SER A 37 23.18 32.51 -34.24
CA SER A 37 23.73 33.26 -35.34
C SER A 37 22.96 33.04 -36.64
N GLY A 38 22.36 31.87 -36.78
CA GLY A 38 21.58 31.60 -37.98
C GLY A 38 22.03 30.41 -38.80
N LYS A 39 22.70 29.44 -38.17
CA LYS A 39 23.17 28.24 -38.87
C LYS A 39 22.04 27.30 -39.30
N SER A 40 21.16 26.97 -38.37
CA SER A 40 20.07 26.07 -38.69
C SER A 40 19.16 26.73 -39.73
N ASN A 41 19.05 28.06 -39.68
CA ASN A 41 18.23 28.76 -40.65
C ASN A 41 18.82 28.45 -42.03
N MET A 42 20.14 28.33 -42.07
CA MET A 42 20.82 28.03 -43.32
C MET A 42 20.36 26.68 -43.87
N MET A 43 20.28 25.68 -43.00
CA MET A 43 19.85 24.35 -43.42
C MET A 43 18.38 24.43 -43.79
N ASP A 44 17.63 25.25 -43.07
CA ASP A 44 16.23 25.42 -43.37
C ASP A 44 16.09 25.88 -44.83
N ALA A 45 17.03 26.69 -45.29
CA ALA A 45 16.99 27.19 -46.65
C ALA A 45 17.33 26.07 -47.64
N ILE A 46 18.22 25.16 -47.25
CA ILE A 46 18.58 24.07 -48.14
C ILE A 46 17.40 23.12 -48.29
N SER A 47 16.75 22.77 -47.17
CA SER A 47 15.62 21.85 -47.27
C SER A 47 14.44 22.55 -47.96
N PHE A 48 14.50 23.88 -48.04
CA PHE A 48 13.44 24.62 -48.70
C PHE A 48 13.56 24.55 -50.22
N VAL A 49 14.74 24.84 -50.77
CA VAL A 49 14.90 24.77 -52.23
C VAL A 49 14.70 23.38 -52.73
N LEU A 50 14.93 22.38 -51.91
CA LEU A 50 14.72 21.03 -52.39
C LEU A 50 13.24 20.65 -52.37
N GLY A 51 12.44 21.64 -52.80
CA GLY A 51 10.98 21.57 -52.97
C GLY A 51 10.04 20.94 -51.98
N VAL A 52 10.44 20.86 -50.71
CA VAL A 52 9.62 20.29 -49.62
C VAL A 52 8.76 21.40 -48.98
N LEU A 62 5.63 27.56 -43.67
CA LEU A 62 6.04 28.34 -44.84
C LEU A 62 6.17 29.84 -44.57
N LYS A 63 5.05 30.52 -44.31
CA LYS A 63 5.05 31.97 -44.06
C LYS A 63 6.21 32.41 -43.13
N ASP A 64 6.52 31.57 -42.14
CA ASP A 64 7.60 31.87 -41.19
C ASP A 64 8.99 31.89 -41.80
N LEU A 65 9.06 31.55 -43.08
CA LEU A 65 10.33 31.56 -43.77
C LEU A 65 10.62 32.99 -44.19
N ILE A 66 9.64 33.72 -44.71
CA ILE A 66 9.93 35.09 -45.07
C ILE A 66 10.46 35.87 -43.86
N TYR A 67 11.57 36.57 -44.03
CA TYR A 67 12.19 37.37 -42.97
C TYR A 67 11.25 38.41 -42.36
N ARG A 68 11.45 38.72 -41.08
CA ARG A 68 10.63 39.71 -40.36
C ARG A 68 11.49 40.75 -39.61
N GLY A 69 10.90 41.88 -39.24
CA GLY A 69 11.64 42.92 -38.53
C GLY A 69 10.96 43.38 -37.26
N PRO A 89 8.99 43.26 -46.65
CA PRO A 89 9.49 41.96 -47.13
C PRO A 89 8.29 41.05 -47.45
N GLN A 90 7.74 41.19 -48.66
CA GLN A 90 6.57 40.41 -49.06
C GLN A 90 6.83 39.00 -49.58
N SER A 91 8.07 38.73 -49.98
CA SER A 91 8.42 37.42 -50.49
C SER A 91 9.87 37.07 -50.16
N ALA A 92 10.17 35.78 -50.19
CA ALA A 92 11.51 35.30 -49.91
C ALA A 92 11.82 34.21 -50.92
N TYR A 93 13.08 34.06 -51.31
CA TYR A 93 13.44 33.00 -52.24
C TYR A 93 14.77 32.41 -51.87
N VAL A 94 15.05 31.25 -52.44
CA VAL A 94 16.32 30.57 -52.23
C VAL A 94 16.74 29.91 -53.54
N LYS A 95 18.02 30.07 -53.85
CA LYS A 95 18.58 29.48 -55.06
C LYS A 95 19.66 28.49 -54.69
N ALA A 96 19.66 27.37 -55.40
CA ALA A 96 20.65 26.34 -55.18
C ALA A 96 21.34 26.17 -56.53
N PHE A 97 22.66 26.07 -56.50
CA PHE A 97 23.43 25.89 -57.71
C PHE A 97 23.97 24.48 -57.69
N TYR A 98 23.22 23.60 -58.34
CA TYR A 98 23.53 22.17 -58.43
C TYR A 98 24.47 21.89 -59.59
N GLN A 99 25.44 21.01 -59.36
CA GLN A 99 26.42 20.65 -60.39
C GLN A 99 26.01 19.34 -61.07
N LYS A 100 25.21 19.43 -62.12
CA LYS A 100 24.77 18.24 -62.85
C LYS A 100 25.61 18.06 -64.10
N GLY A 101 26.71 17.33 -63.97
CA GLY A 101 27.59 17.11 -65.09
C GLY A 101 28.37 18.36 -65.44
N ASN A 102 28.44 18.67 -66.73
CA ASN A 102 29.17 19.84 -67.20
C ASN A 102 28.41 21.10 -66.83
N LYS A 103 27.10 21.03 -66.93
CA LYS A 103 26.24 22.17 -66.64
C LYS A 103 25.98 22.41 -65.17
N LEU A 104 25.80 23.68 -64.83
CA LEU A 104 25.53 24.11 -63.46
C LEU A 104 24.05 24.53 -63.45
N VAL A 105 23.19 23.72 -62.85
CA VAL A 105 21.76 24.01 -62.80
C VAL A 105 21.38 24.89 -61.61
N GLU A 106 20.53 25.89 -61.86
CA GLU A 106 20.08 26.75 -60.79
C GLU A 106 18.66 26.40 -60.40
N LEU A 107 18.48 25.96 -59.16
CA LEU A 107 17.16 25.64 -58.67
C LEU A 107 16.71 26.83 -57.82
N MET A 108 15.50 27.32 -58.03
CA MET A 108 15.01 28.43 -57.24
C MET A 108 13.61 28.11 -56.70
N ARG A 109 13.27 28.68 -55.55
CA ARG A 109 11.97 28.47 -54.95
C ARG A 109 11.60 29.77 -54.28
N ILE A 110 10.34 30.17 -54.42
CA ILE A 110 9.88 31.44 -53.88
C ILE A 110 8.62 31.26 -53.04
N ILE A 111 8.50 32.02 -51.95
CA ILE A 111 7.31 31.99 -51.10
C ILE A 111 6.81 33.41 -51.03
N SER A 112 5.54 33.61 -51.33
CA SER A 112 4.96 34.94 -51.25
C SER A 112 4.36 35.00 -49.85
N ARG A 113 4.02 36.18 -49.37
CA ARG A 113 3.48 36.24 -48.02
C ARG A 113 2.17 35.46 -47.86
N ASN A 114 1.51 35.17 -48.97
CA ASN A 114 0.24 34.42 -48.95
C ASN A 114 0.44 32.92 -48.79
N GLY A 115 1.67 32.47 -48.93
CA GLY A 115 1.98 31.07 -48.76
C GLY A 115 2.22 30.35 -50.08
N ASP A 116 1.89 31.03 -51.17
CA ASP A 116 2.06 30.46 -52.50
C ASP A 116 3.50 30.26 -52.90
N THR A 117 3.90 29.02 -53.07
CA THR A 117 5.26 28.77 -53.50
C THR A 117 5.29 28.75 -55.02
N SER A 118 6.47 29.05 -55.55
CA SER A 118 6.72 29.09 -56.98
C SER A 118 8.09 28.45 -57.22
N TYR A 119 8.20 27.63 -58.24
CA TYR A 119 9.46 26.99 -58.48
C TYR A 119 10.05 27.47 -59.81
N LYS A 120 11.34 27.22 -60.02
CA LYS A 120 12.06 27.60 -61.25
C LYS A 120 13.35 26.82 -61.49
N ILE A 121 13.60 26.43 -62.74
CA ILE A 121 14.81 25.71 -63.06
C ILE A 121 15.53 26.48 -64.14
N ASP A 122 16.75 26.90 -63.84
CA ASP A 122 17.58 27.66 -64.78
C ASP A 122 16.94 28.94 -65.24
N GLY A 123 16.02 29.48 -64.46
CA GLY A 123 15.39 30.74 -64.84
C GLY A 123 13.97 30.63 -65.36
N LYS A 124 13.60 29.46 -65.87
CA LYS A 124 12.26 29.23 -66.42
C LYS A 124 11.33 28.60 -65.37
N THR A 125 10.11 29.11 -65.28
CA THR A 125 9.16 28.58 -64.32
C THR A 125 8.77 27.14 -64.60
N VAL A 126 8.45 26.41 -63.54
CA VAL A 126 8.04 25.03 -63.68
C VAL A 126 7.01 24.80 -62.61
N SER A 127 5.90 24.20 -62.99
CA SER A 127 4.87 23.89 -62.03
C SER A 127 5.56 23.11 -60.91
N TYR A 128 5.03 23.15 -59.69
CA TYR A 128 5.64 22.40 -58.60
C TYR A 128 6.01 21.06 -59.23
N LYS A 129 5.10 20.52 -60.04
CA LYS A 129 5.33 19.23 -60.67
C LYS A 129 6.58 19.14 -61.56
N ASP A 130 6.85 20.14 -62.38
CA ASP A 130 8.05 20.10 -63.22
C ASP A 130 9.34 20.18 -62.38
N TYR A 131 9.28 20.94 -61.28
CA TYR A 131 10.42 21.10 -60.37
C TYR A 131 10.64 19.79 -59.65
N SER A 132 9.54 19.13 -59.34
CA SER A 132 9.64 17.87 -58.65
C SER A 132 10.29 16.84 -59.57
N ILE A 133 10.02 16.87 -60.88
CA ILE A 133 10.65 15.87 -61.73
C ILE A 133 12.14 16.14 -61.87
N PHE A 134 12.59 17.32 -61.44
CA PHE A 134 14.02 17.60 -61.51
C PHE A 134 14.70 17.09 -60.25
N LEU A 135 14.10 17.39 -59.10
CA LEU A 135 14.66 16.95 -57.83
C LEU A 135 14.65 15.43 -57.75
N GLU A 136 13.78 14.80 -58.53
CA GLU A 136 13.65 13.36 -58.52
C GLU A 136 14.73 12.68 -59.35
N ASN A 137 15.00 13.22 -60.53
CA ASN A 137 16.00 12.67 -61.43
C ASN A 137 17.42 12.79 -60.85
N GLU A 138 17.57 13.63 -59.83
CA GLU A 138 18.86 13.86 -59.16
C GLU A 138 18.85 13.27 -57.77
N ASN A 139 18.08 12.21 -57.62
CA ASN A 139 17.97 11.52 -56.34
C ASN A 139 17.92 12.46 -55.13
N ILE A 140 17.32 13.63 -55.30
CA ILE A 140 17.17 14.58 -54.20
C ILE A 140 15.76 14.31 -53.65
N LEU A 141 15.47 13.02 -53.44
CA LEU A 141 14.18 12.54 -52.91
C LEU A 141 14.00 13.06 -51.49
N ILE A 142 13.77 14.36 -51.40
CA ILE A 142 13.57 15.04 -50.13
C ILE A 142 12.35 14.52 -49.38
N LYS A 143 11.80 13.39 -49.85
CA LYS A 143 10.62 12.79 -49.21
C LYS A 143 11.00 11.87 -48.04
N ALA A 144 11.94 10.95 -48.27
CA ALA A 144 12.39 10.08 -47.21
C ALA A 144 13.16 10.96 -46.20
N LYS A 145 13.64 12.09 -46.70
CA LYS A 145 14.40 13.05 -45.89
C LYS A 145 15.61 12.40 -45.24
N ASN A 146 15.94 11.20 -45.71
CA ASN A 146 17.06 10.44 -45.17
C ASN A 146 18.44 11.04 -45.44
N PHE A 147 18.49 12.24 -46.00
CA PHE A 147 19.78 12.89 -46.24
C PHE A 147 19.89 14.23 -45.48
N LEU A 148 18.88 14.55 -44.70
CA LEU A 148 18.87 15.76 -43.90
C LEU A 148 18.59 15.36 -42.46
N VAL A 149 19.48 15.69 -41.54
CA VAL A 149 19.25 15.36 -40.13
C VAL A 149 19.15 16.69 -39.40
N PHE A 150 17.93 17.09 -39.03
CA PHE A 150 17.71 18.36 -38.36
C PHE A 150 18.16 18.40 -36.90
N GLN A 151 18.49 19.61 -36.43
CA GLN A 151 18.95 19.82 -35.07
C GLN A 151 18.06 19.06 -34.09
N GLY A 152 18.71 18.38 -33.15
CA GLY A 152 17.99 17.59 -32.15
C GLY A 152 17.37 16.27 -32.60
N ASP A 153 17.38 15.96 -33.89
CA ASP A 153 16.76 14.74 -34.38
C ASP A 153 17.63 13.52 -34.62
N VAL A 154 18.95 13.62 -34.45
CA VAL A 154 19.79 12.47 -34.74
C VAL A 154 19.44 11.19 -33.99
N GLU A 155 19.34 11.26 -32.66
CA GLU A 155 19.08 10.06 -31.87
C GLU A 155 17.79 9.32 -32.15
N GLN A 156 16.88 9.95 -32.89
CA GLN A 156 15.61 9.31 -33.21
C GLN A 156 15.71 8.31 -34.35
N ILE A 157 16.66 8.49 -35.26
CA ILE A 157 16.84 7.58 -36.38
C ILE A 157 17.02 6.15 -35.87
N ALA A 158 17.58 6.04 -34.66
CA ALA A 158 17.82 4.75 -34.03
C ALA A 158 16.72 4.39 -33.03
N ALA A 159 16.42 5.31 -32.13
CA ALA A 159 15.39 5.12 -31.11
C ALA A 159 13.96 5.06 -31.64
N GLN A 160 13.78 5.16 -32.96
CA GLN A 160 12.44 5.09 -33.55
C GLN A 160 11.93 3.66 -33.41
N SER A 161 10.61 3.49 -33.36
CA SER A 161 10.00 2.16 -33.22
C SER A 161 10.19 1.29 -34.46
N PRO A 162 10.17 -0.05 -34.30
CA PRO A 162 10.34 -0.98 -35.42
C PRO A 162 9.31 -0.77 -36.53
N VAL A 163 8.17 -0.22 -36.17
CA VAL A 163 7.11 0.07 -37.15
C VAL A 163 7.54 1.30 -37.96
N GLU A 164 7.99 2.33 -37.26
CA GLU A 164 8.44 3.57 -37.89
C GLU A 164 9.63 3.32 -38.80
N LEU A 165 10.55 2.46 -38.36
CA LEU A 165 11.74 2.12 -39.13
C LEU A 165 11.33 1.37 -40.40
N SER A 166 10.32 0.52 -40.27
CA SER A 166 9.84 -0.24 -41.40
C SER A 166 9.19 0.73 -42.39
N ARG A 167 8.44 1.69 -41.84
CA ARG A 167 7.74 2.71 -42.62
C ARG A 167 8.76 3.49 -43.44
N MET A 168 9.95 3.68 -42.88
CA MET A 168 11.01 4.41 -43.55
C MET A 168 11.36 3.76 -44.90
N PHE A 169 10.79 2.59 -45.18
CA PHE A 169 11.02 1.87 -46.44
C PHE A 169 10.05 2.30 -47.54
N THR A 272 15.93 -2.87 -51.27
CA THR A 272 16.59 -1.74 -50.61
C THR A 272 17.02 -2.11 -49.19
N PHE A 273 16.29 -3.05 -48.57
CA PHE A 273 16.58 -3.52 -47.20
C PHE A 273 17.83 -4.40 -47.17
N ASP A 274 17.86 -5.40 -48.05
CA ASP A 274 18.98 -6.33 -48.13
C ASP A 274 20.31 -5.59 -48.22
N TYR A 275 20.40 -4.61 -49.13
CA TYR A 275 21.62 -3.84 -49.32
C TYR A 275 22.05 -3.14 -48.04
N VAL A 276 21.09 -2.44 -47.41
CA VAL A 276 21.34 -1.72 -46.17
C VAL A 276 21.88 -2.65 -45.09
N SER A 277 21.14 -3.72 -44.82
CA SER A 277 21.52 -4.68 -43.81
C SER A 277 22.96 -5.16 -44.02
N ASP A 278 23.30 -5.49 -45.26
CA ASP A 278 24.64 -5.98 -45.60
C ASP A 278 25.75 -4.97 -45.25
N HIS A 279 25.49 -3.69 -45.53
CA HIS A 279 26.48 -2.63 -45.27
C HIS A 279 26.38 -2.03 -43.88
N LEU A 280 25.33 -2.35 -43.15
CA LEU A 280 25.12 -1.81 -41.82
C LEU A 280 26.24 -2.11 -40.82
N ASP A 281 26.55 -3.38 -40.62
CA ASP A 281 27.59 -3.75 -39.67
C ASP A 281 28.95 -3.14 -39.99
N ALA A 282 29.32 -3.11 -41.26
CA ALA A 282 30.60 -2.54 -41.65
C ALA A 282 30.73 -1.09 -41.24
N ILE A 283 29.68 -0.32 -41.50
CA ILE A 283 29.65 1.10 -41.16
C ILE A 283 29.71 1.32 -39.65
N TYR A 284 28.89 0.57 -38.91
CA TYR A 284 28.88 0.71 -37.45
C TYR A 284 30.28 0.44 -36.87
N ARG A 285 30.91 -0.66 -37.29
CA ARG A 285 32.24 -0.99 -36.80
C ARG A 285 33.23 0.12 -37.12
N GLU A 286 33.07 0.75 -38.27
CA GLU A 286 33.98 1.83 -38.64
C GLU A 286 33.82 3.01 -37.70
N LEU A 287 32.57 3.31 -37.33
CA LEU A 287 32.29 4.41 -36.42
C LEU A 287 32.68 4.00 -35.02
N THR A 288 33.49 2.95 -34.93
CA THR A 288 33.95 2.42 -33.65
C THR A 288 35.37 1.83 -33.75
N GLY A 300 32.74 -3.44 -32.09
CA GLY A 300 31.38 -3.02 -32.36
C GLY A 300 30.61 -3.98 -33.25
N ASN A 301 29.28 -3.89 -33.21
CA ASN A 301 28.45 -4.76 -34.03
C ASN A 301 26.97 -4.34 -34.07
N ALA A 302 26.45 -4.19 -35.28
CA ALA A 302 25.06 -3.78 -35.47
C ALA A 302 24.35 -4.72 -36.44
N SER A 303 23.02 -4.83 -36.30
CA SER A 303 22.25 -5.71 -37.16
C SER A 303 20.77 -5.35 -37.27
N LEU A 304 20.19 -5.69 -38.41
CA LEU A 304 18.78 -5.45 -38.65
C LEU A 304 18.11 -6.82 -38.62
N THR A 305 17.25 -7.06 -37.62
CA THR A 305 16.57 -8.35 -37.48
C THR A 305 15.04 -8.21 -37.47
N LYS A 318 13.59 -4.35 -36.69
CA LYS A 318 14.28 -4.46 -35.39
C LYS A 318 15.78 -4.19 -35.48
N TYR A 319 16.18 -2.98 -35.11
CA TYR A 319 17.57 -2.56 -35.14
C TYR A 319 18.30 -2.91 -33.84
N HIS A 320 19.48 -3.50 -34.00
CA HIS A 320 20.30 -3.91 -32.87
C HIS A 320 21.72 -3.38 -33.02
N ALA A 321 22.17 -2.62 -32.04
CA ALA A 321 23.51 -2.08 -32.07
C ALA A 321 24.15 -2.39 -30.74
N THR A 322 25.40 -2.82 -30.78
CA THR A 322 26.13 -3.16 -29.57
C THR A 322 27.46 -2.43 -29.56
N PRO A 323 27.60 -1.36 -28.76
CA PRO A 323 28.88 -0.65 -28.74
C PRO A 323 29.96 -1.64 -28.37
N PRO A 324 31.21 -1.36 -28.75
CA PRO A 324 32.36 -2.23 -28.49
C PRO A 324 32.42 -2.98 -27.15
N LEU A 325 33.26 -2.48 -26.23
CA LEU A 325 33.46 -3.12 -24.94
C LEU A 325 32.23 -3.46 -24.08
N LYS A 326 31.07 -3.56 -24.70
CA LYS A 326 29.84 -3.89 -23.97
C LYS A 326 29.14 -5.10 -24.60
N ARG A 327 27.89 -5.35 -24.21
CA ARG A 327 27.17 -6.46 -24.77
C ARG A 327 25.68 -6.43 -24.43
N PHE A 328 24.94 -5.70 -25.25
CA PHE A 328 23.49 -5.55 -25.09
C PHE A 328 23.03 -5.28 -26.51
N LYS A 329 21.72 -5.19 -26.73
CA LYS A 329 21.24 -4.95 -28.09
C LYS A 329 20.04 -4.02 -28.19
N ASP A 330 19.18 -4.03 -27.17
CA ASP A 330 18.01 -3.17 -27.19
C ASP A 330 18.44 -1.72 -27.07
N MET A 331 18.12 -0.93 -28.09
CA MET A 331 18.46 0.48 -28.10
C MET A 331 18.17 1.11 -26.73
N GLU A 332 17.27 0.49 -25.98
CA GLU A 332 16.85 0.96 -24.65
C GLU A 332 17.99 1.05 -23.65
N TYR A 333 19.03 0.27 -23.89
CA TYR A 333 20.18 0.24 -22.99
C TYR A 333 21.35 1.15 -23.39
N LEU A 334 21.37 1.59 -24.64
CA LEU A 334 22.41 2.48 -25.09
C LEU A 334 22.29 3.85 -24.41
N SER A 335 23.42 4.54 -24.28
CA SER A 335 23.44 5.87 -23.67
C SER A 335 23.22 6.94 -24.75
N GLY A 336 23.16 8.19 -24.30
CA GLY A 336 22.96 9.28 -25.23
C GLY A 336 23.96 9.20 -26.35
N GLY A 337 25.24 9.20 -26.00
CA GLY A 337 26.28 9.13 -27.00
C GLY A 337 26.17 7.88 -27.83
N GLU A 338 26.04 6.75 -27.15
CA GLU A 338 25.94 5.50 -27.85
C GLU A 338 24.82 5.49 -28.86
N LYS A 339 23.64 5.96 -28.45
CA LYS A 339 22.49 6.01 -29.34
C LYS A 339 22.77 6.90 -30.56
N THR A 340 23.52 7.98 -30.35
CA THR A 340 23.87 8.90 -31.42
C THR A 340 24.71 8.18 -32.45
N VAL A 341 25.75 7.48 -32.01
CA VAL A 341 26.61 6.76 -32.94
C VAL A 341 25.81 5.70 -33.67
N ALA A 342 24.93 5.01 -32.94
CA ALA A 342 24.10 3.97 -33.54
C ALA A 342 23.23 4.56 -34.62
N ALA A 343 22.64 5.71 -34.31
CA ALA A 343 21.77 6.41 -35.24
C ALA A 343 22.53 6.84 -36.50
N LEU A 344 23.71 7.40 -36.31
CA LEU A 344 24.50 7.82 -37.45
C LEU A 344 24.85 6.62 -38.33
N ALA A 345 25.03 5.45 -37.72
CA ALA A 345 25.36 4.26 -38.48
C ALA A 345 24.18 3.88 -39.37
N LEU A 346 23.00 3.75 -38.78
CA LEU A 346 21.81 3.40 -39.53
C LEU A 346 21.59 4.42 -40.66
N LEU A 347 21.65 5.70 -40.30
CA LEU A 347 21.47 6.79 -41.26
C LEU A 347 22.36 6.60 -42.49
N PHE A 348 23.65 6.35 -42.28
CA PHE A 348 24.57 6.16 -43.38
C PHE A 348 24.27 4.85 -44.11
N ALA A 349 23.97 3.80 -43.36
CA ALA A 349 23.67 2.52 -43.97
C ALA A 349 22.51 2.71 -44.94
N ILE A 350 21.39 3.19 -44.43
CA ILE A 350 20.23 3.41 -45.27
C ILE A 350 20.55 4.19 -46.53
N ASN A 351 21.28 5.29 -46.40
CA ASN A 351 21.61 6.11 -47.55
C ASN A 351 22.61 5.47 -48.52
N SER A 352 23.20 4.34 -48.15
CA SER A 352 24.18 3.72 -49.03
C SER A 352 23.54 3.03 -50.24
N TYR A 353 22.24 2.76 -50.17
CA TYR A 353 21.57 2.09 -51.28
C TYR A 353 21.53 2.98 -52.54
N GLN A 354 20.77 4.06 -52.48
CA GLN A 354 20.66 4.99 -53.59
C GLN A 354 21.25 6.29 -53.07
N PRO A 355 22.58 6.34 -52.97
CA PRO A 355 23.34 7.49 -52.50
C PRO A 355 22.83 8.84 -52.93
N SER A 356 22.55 9.69 -51.95
CA SER A 356 22.13 11.03 -52.26
C SER A 356 23.47 11.75 -52.51
N PRO A 357 23.47 12.84 -53.27
CA PRO A 357 24.75 13.51 -53.50
C PRO A 357 25.35 14.24 -52.30
N PHE A 358 24.55 14.50 -51.27
CA PHE A 358 25.07 15.20 -50.11
C PHE A 358 24.22 15.01 -48.86
N PHE A 359 24.85 15.20 -47.69
CA PHE A 359 24.19 15.12 -46.40
C PHE A 359 24.25 16.49 -45.74
N VAL A 360 23.20 16.87 -45.04
CA VAL A 360 23.21 18.11 -44.30
C VAL A 360 22.92 17.70 -42.86
N LEU A 361 23.96 17.65 -42.02
CA LEU A 361 23.81 17.24 -40.62
C LEU A 361 23.87 18.44 -39.71
N ASP A 362 22.83 18.66 -38.89
CA ASP A 362 22.83 19.81 -37.99
C ASP A 362 23.70 19.45 -36.82
N GLU A 363 23.21 19.42 -35.59
CA GLU A 363 24.15 19.13 -34.52
C GLU A 363 24.24 17.67 -34.09
N VAL A 364 24.49 16.80 -35.05
CA VAL A 364 24.58 15.38 -34.79
C VAL A 364 25.62 15.01 -33.73
N ASP A 365 26.60 15.87 -33.49
CA ASP A 365 27.64 15.55 -32.50
C ASP A 365 27.40 16.08 -31.08
N ALA A 366 26.21 16.58 -30.80
CA ALA A 366 25.90 17.15 -29.48
C ALA A 366 26.08 16.26 -28.25
N ALA A 367 25.72 14.99 -28.35
CA ALA A 367 25.83 14.08 -27.21
C ALA A 367 27.14 13.31 -27.14
N LEU A 368 28.03 13.56 -28.10
CA LEU A 368 29.29 12.85 -28.20
C LEU A 368 30.53 13.23 -27.39
N ASP A 369 31.33 12.18 -27.18
CA ASP A 369 32.63 12.20 -26.50
C ASP A 369 33.55 13.02 -27.36
N ILE A 370 34.72 13.35 -26.86
CA ILE A 370 35.65 14.06 -27.70
C ILE A 370 36.22 12.95 -28.60
N THR A 371 36.21 11.73 -28.06
CA THR A 371 36.68 10.56 -28.79
C THR A 371 35.71 10.24 -29.92
N ASN A 372 34.42 10.21 -29.59
CA ASN A 372 33.41 9.92 -30.58
C ASN A 372 33.31 11.03 -31.65
N VAL A 373 33.42 12.28 -31.25
CA VAL A 373 33.36 13.35 -32.23
C VAL A 373 34.43 13.05 -33.26
N GLN A 374 35.60 12.63 -32.78
CA GLN A 374 36.73 12.31 -33.66
C GLN A 374 36.42 11.17 -34.63
N ARG A 375 35.72 10.15 -34.16
CA ARG A 375 35.40 9.03 -35.03
C ARG A 375 34.48 9.47 -36.13
N ILE A 376 33.49 10.29 -35.81
CA ILE A 376 32.57 10.76 -36.83
C ILE A 376 33.34 11.63 -37.82
N ALA A 377 34.19 12.52 -37.30
CA ALA A 377 34.98 13.41 -38.15
C ALA A 377 35.84 12.55 -39.06
N ALA A 378 36.42 11.51 -38.47
CA ALA A 378 37.24 10.57 -39.21
C ALA A 378 36.42 10.05 -40.39
N TYR A 379 35.34 9.36 -40.06
CA TYR A 379 34.43 8.77 -41.05
C TYR A 379 34.06 9.76 -42.16
N ILE A 380 33.59 10.93 -41.78
CA ILE A 380 33.20 11.93 -42.78
C ILE A 380 34.36 12.21 -43.72
N ARG A 381 35.51 12.56 -43.15
CA ARG A 381 36.69 12.89 -43.94
C ARG A 381 37.07 11.73 -44.86
N ARG A 382 37.07 10.53 -44.30
CA ARG A 382 37.43 9.33 -45.03
C ARG A 382 36.44 8.94 -46.12
N HIS A 383 35.22 9.47 -46.07
CA HIS A 383 34.21 9.14 -47.07
C HIS A 383 33.77 10.30 -47.95
N ARG A 384 34.13 11.52 -47.58
CA ARG A 384 33.73 12.67 -48.39
C ARG A 384 34.48 12.60 -49.70
N ASN A 385 33.81 12.98 -50.78
CA ASN A 385 34.40 12.98 -52.10
C ASN A 385 33.50 13.75 -53.09
N PRO A 386 33.95 13.92 -54.34
CA PRO A 386 33.13 14.64 -55.31
C PRO A 386 31.70 14.12 -55.44
N ASP A 387 31.49 12.85 -55.12
CA ASP A 387 30.16 12.27 -55.23
C ASP A 387 29.34 12.30 -53.94
N LEU A 388 30.00 12.47 -52.81
CA LEU A 388 29.32 12.50 -51.52
C LEU A 388 29.78 13.70 -50.70
N GLN A 389 29.00 14.78 -50.79
CA GLN A 389 29.32 16.01 -50.08
C GLN A 389 28.71 16.06 -48.66
N PHE A 390 29.50 16.46 -47.67
CA PHE A 390 29.02 16.55 -46.29
C PHE A 390 28.99 17.99 -45.79
N ILE A 391 27.80 18.51 -45.53
CA ILE A 391 27.66 19.86 -44.99
C ILE A 391 27.26 19.67 -43.53
N VAL A 392 28.16 20.01 -42.61
CA VAL A 392 27.90 19.82 -41.19
C VAL A 392 27.85 21.07 -40.32
N ILE A 393 26.84 21.14 -39.46
CA ILE A 393 26.71 22.27 -38.54
C ILE A 393 27.20 21.79 -37.19
N SER A 394 28.26 22.39 -36.67
CA SER A 394 28.79 21.96 -35.40
C SER A 394 29.31 23.12 -34.60
N LEU A 395 29.34 22.94 -33.29
CA LEU A 395 29.85 23.97 -32.40
C LEU A 395 31.22 23.50 -31.92
N LYS A 396 31.52 22.23 -32.17
CA LYS A 396 32.76 21.63 -31.71
C LYS A 396 34.00 21.72 -32.62
N ASN A 397 35.05 22.37 -32.15
CA ASN A 397 36.29 22.46 -32.91
C ASN A 397 36.73 21.08 -33.39
N THR A 398 36.61 20.09 -32.51
CA THR A 398 37.01 18.74 -32.85
C THR A 398 36.38 18.25 -34.14
N MET A 399 35.20 18.79 -34.47
CA MET A 399 34.48 18.41 -35.70
C MET A 399 34.92 19.26 -36.90
N PHE A 400 34.70 20.57 -36.83
CA PHE A 400 35.04 21.43 -37.96
C PHE A 400 36.52 21.67 -38.26
N GLU A 401 37.42 21.29 -37.36
CA GLU A 401 38.85 21.47 -37.62
C GLU A 401 39.16 20.71 -38.89
N LYS A 402 38.61 19.50 -38.96
CA LYS A 402 38.85 18.59 -40.07
C LYS A 402 38.07 18.83 -41.35
N SER A 403 37.46 20.00 -41.46
CA SER A 403 36.70 20.36 -42.66
C SER A 403 37.63 20.77 -43.81
N ASP A 404 37.08 20.76 -45.01
CA ASP A 404 37.81 21.18 -46.20
C ASP A 404 37.62 22.69 -46.24
N ALA A 405 36.42 23.15 -45.94
CA ALA A 405 36.14 24.57 -45.94
C ALA A 405 35.18 24.87 -44.79
N LEU A 406 34.94 26.15 -44.54
CA LEU A 406 34.06 26.55 -43.47
C LEU A 406 33.15 27.67 -43.92
N VAL A 407 31.91 27.64 -43.43
CA VAL A 407 30.96 28.69 -43.72
C VAL A 407 30.68 29.25 -42.34
N GLY A 408 31.21 30.44 -42.07
CA GLY A 408 31.02 31.06 -40.78
C GLY A 408 29.81 31.96 -40.79
N VAL A 409 28.95 31.80 -39.81
CA VAL A 409 27.75 32.61 -39.73
C VAL A 409 27.90 33.48 -38.50
N TYR A 410 27.48 34.73 -38.61
CA TYR A 410 27.54 35.65 -37.47
C TYR A 410 26.38 36.63 -37.58
N ARG A 411 26.06 37.32 -36.49
CA ARG A 411 24.97 38.30 -36.51
C ARG A 411 25.57 39.69 -36.68
N GLN A 412 24.76 40.62 -37.17
CA GLN A 412 25.17 42.00 -37.36
C GLN A 412 23.98 42.73 -36.77
N GLN A 413 23.93 42.72 -35.45
CA GLN A 413 22.84 43.30 -34.66
C GLN A 413 22.15 44.56 -35.13
N GLN A 414 22.92 45.56 -35.55
CA GLN A 414 22.32 46.82 -36.02
C GLN A 414 21.35 46.50 -37.12
N GLU A 415 21.90 45.87 -38.16
CA GLU A 415 21.16 45.48 -39.35
C GLU A 415 20.18 44.34 -39.09
N ASN A 416 20.26 43.74 -37.89
CA ASN A 416 19.41 42.60 -37.47
C ASN A 416 19.34 41.51 -38.53
N SER A 417 20.50 40.98 -38.89
CA SER A 417 20.60 39.97 -39.92
C SER A 417 21.75 39.02 -39.68
N SER A 418 21.72 37.87 -40.35
CA SER A 418 22.79 36.91 -40.25
C SER A 418 23.69 37.26 -41.43
N LYS A 419 24.96 36.88 -41.35
CA LYS A 419 25.89 37.18 -42.41
C LYS A 419 26.77 35.98 -42.62
N ILE A 420 27.47 35.99 -43.75
CA ILE A 420 28.34 34.89 -44.11
C ILE A 420 29.72 35.39 -44.50
N ILE A 421 30.73 34.55 -44.25
CA ILE A 421 32.10 34.81 -44.67
C ILE A 421 32.60 33.39 -44.79
N THR A 422 33.49 33.13 -45.74
CA THR A 422 33.97 31.78 -45.93
C THR A 422 35.47 31.68 -45.74
N LEU A 423 35.95 30.47 -45.51
CA LEU A 423 37.37 30.22 -45.28
C LEU A 423 37.72 28.82 -45.78
N ASP A 424 38.81 28.71 -46.52
CA ASP A 424 39.24 27.42 -47.03
C ASP A 424 40.33 26.89 -46.10
N LEU A 425 40.07 25.75 -45.45
CA LEU A 425 41.03 25.17 -44.52
C LEU A 425 41.99 24.17 -45.16
N SER A 426 41.81 23.87 -46.44
CA SER A 426 42.69 22.92 -47.11
C SER A 426 44.13 23.48 -47.26
N ASN A 427 44.26 24.78 -47.03
CA ASN A 427 45.55 25.46 -47.13
C ASN A 427 46.39 25.34 -45.86
N TYR A 428 45.75 24.97 -44.77
CA TYR A 428 46.46 24.83 -43.50
C TYR A 428 46.46 23.33 -43.11
N GLY B 2 19.15 21.56 3.47
CA GLY B 2 19.93 20.30 3.69
C GLY B 2 20.85 20.03 2.51
N ARG B 3 21.67 18.99 2.60
CA ARG B 3 22.60 18.64 1.50
C ARG B 3 22.69 17.16 1.25
N LEU B 4 22.99 16.82 0.01
CA LEU B 4 23.14 15.43 -0.37
C LEU B 4 24.63 15.18 -0.14
N VAL B 5 24.96 14.57 1.00
CA VAL B 5 26.35 14.30 1.33
C VAL B 5 26.96 13.18 0.50
N GLY B 6 26.18 12.14 0.23
CA GLY B 6 26.70 11.04 -0.56
C GLY B 6 25.68 9.98 -0.90
N LEU B 7 26.12 8.99 -1.66
CA LEU B 7 25.25 7.90 -2.07
C LEU B 7 25.93 6.56 -1.85
N GLU B 8 25.14 5.49 -1.90
CA GLU B 8 25.66 4.14 -1.80
C GLU B 8 24.80 3.27 -2.68
N LEU B 9 25.38 2.71 -3.74
CA LEU B 9 24.62 1.88 -4.64
C LEU B 9 25.01 0.43 -4.49
N SER B 10 24.04 -0.46 -4.69
CA SER B 10 24.29 -1.88 -4.59
C SER B 10 23.67 -2.54 -5.82
N ASN B 11 24.52 -2.95 -6.76
CA ASN B 11 24.04 -3.55 -7.98
C ASN B 11 22.95 -2.66 -8.58
N PHE B 12 23.15 -1.33 -8.59
CA PHE B 12 22.11 -0.47 -9.13
C PHE B 12 21.84 -0.59 -10.61
N LYS B 13 22.78 -0.22 -11.46
CA LYS B 13 22.48 -0.43 -12.86
C LYS B 13 23.72 -0.98 -13.51
N SER B 14 24.70 -0.13 -13.69
CA SER B 14 25.95 -0.53 -14.29
C SER B 14 26.93 -0.54 -13.14
N TYR B 15 26.42 -0.23 -11.95
CA TYR B 15 27.25 -0.19 -10.75
C TYR B 15 27.28 -1.46 -9.91
N ARG B 16 27.75 -2.53 -10.54
CA ARG B 16 27.89 -3.84 -9.93
C ARG B 16 28.52 -3.80 -8.52
N GLY B 17 28.02 -4.62 -7.60
CA GLY B 17 28.55 -4.62 -6.25
C GLY B 17 28.14 -3.41 -5.43
N VAL B 18 29.03 -2.99 -4.52
CA VAL B 18 28.76 -1.83 -3.68
C VAL B 18 29.63 -0.64 -4.07
N THR B 19 28.97 0.49 -4.35
CA THR B 19 29.68 1.70 -4.75
C THR B 19 29.40 2.84 -3.81
N LYS B 20 30.44 3.55 -3.38
CA LYS B 20 30.20 4.69 -2.50
C LYS B 20 30.58 5.95 -3.26
N VAL B 21 29.73 6.98 -3.18
CA VAL B 21 30.03 8.23 -3.85
C VAL B 21 29.97 9.33 -2.82
N GLY B 22 31.08 10.01 -2.61
CA GLY B 22 31.11 11.09 -1.64
C GLY B 22 31.18 12.44 -2.32
N PHE B 23 30.25 13.33 -2.00
CA PHE B 23 30.28 14.65 -2.61
C PHE B 23 31.10 15.61 -1.77
N GLY B 24 31.48 15.16 -0.58
CA GLY B 24 32.25 16.02 0.29
C GLY B 24 31.44 17.27 0.58
N GLU B 25 32.13 18.38 0.80
CA GLU B 25 31.44 19.64 1.08
C GLU B 25 31.21 20.46 -0.18
N SER B 26 31.29 19.81 -1.31
CA SER B 26 31.08 20.46 -2.59
C SER B 26 29.65 20.91 -2.74
N ASN B 27 29.47 22.15 -3.19
CA ASN B 27 28.13 22.68 -3.40
C ASN B 27 27.96 22.88 -4.89
N PHE B 28 28.94 22.36 -5.64
CA PHE B 28 28.94 22.39 -7.09
C PHE B 28 29.81 21.22 -7.50
N THR B 29 29.17 20.09 -7.78
CA THR B 29 29.88 18.89 -8.17
C THR B 29 29.54 18.51 -9.60
N SER B 30 30.54 18.15 -10.40
CA SER B 30 30.27 17.74 -11.77
C SER B 30 30.57 16.26 -11.86
N ILE B 31 29.69 15.49 -12.47
CA ILE B 31 29.91 14.04 -12.64
C ILE B 31 30.40 13.89 -14.08
N ILE B 32 31.70 13.70 -14.25
CA ILE B 32 32.26 13.60 -15.59
C ILE B 32 32.81 12.24 -15.93
N GLY B 33 32.94 11.97 -17.21
CA GLY B 33 33.42 10.68 -17.64
C GLY B 33 33.05 10.49 -19.08
N PRO B 34 33.66 9.52 -19.78
CA PRO B 34 33.35 9.27 -21.20
C PRO B 34 31.95 8.71 -21.45
N ASN B 35 31.56 8.77 -22.71
CA ASN B 35 30.26 8.27 -23.15
C ASN B 35 30.11 6.80 -22.72
N GLY B 36 28.92 6.45 -22.25
CA GLY B 36 28.66 5.09 -21.83
C GLY B 36 29.26 4.68 -20.50
N SER B 37 29.98 5.57 -19.82
CA SER B 37 30.61 5.18 -18.57
C SER B 37 29.63 4.97 -17.42
N GLY B 38 28.47 5.63 -17.46
CA GLY B 38 27.50 5.43 -16.41
C GLY B 38 27.13 6.64 -15.57
N LYS B 39 27.25 7.82 -16.17
CA LYS B 39 26.94 9.05 -15.45
C LYS B 39 25.43 9.23 -15.23
N SER B 40 24.65 9.02 -16.28
CA SER B 40 23.22 9.17 -16.15
C SER B 40 22.66 8.10 -15.23
N ASN B 41 23.25 6.91 -15.21
CA ASN B 41 22.79 5.84 -14.31
C ASN B 41 22.93 6.37 -12.90
N MET B 42 23.95 7.19 -12.67
CA MET B 42 24.19 7.79 -11.36
C MET B 42 23.09 8.76 -10.98
N MET B 43 22.47 9.39 -11.98
CA MET B 43 21.40 10.32 -11.71
C MET B 43 20.14 9.48 -11.51
N ASP B 44 20.05 8.39 -12.27
CA ASP B 44 18.93 7.48 -12.18
C ASP B 44 18.87 6.93 -10.75
N ALA B 45 20.03 6.82 -10.12
CA ALA B 45 20.09 6.32 -8.74
C ALA B 45 19.57 7.39 -7.79
N ILE B 46 19.91 8.64 -8.04
CA ILE B 46 19.45 9.71 -7.18
C ILE B 46 17.94 9.84 -7.31
N SER B 47 17.43 9.83 -8.54
CA SER B 47 16.00 9.99 -8.67
C SER B 47 15.28 8.82 -8.05
N PHE B 48 15.90 7.64 -8.12
CA PHE B 48 15.33 6.41 -7.56
C PHE B 48 15.15 6.43 -6.03
N VAL B 49 16.21 6.80 -5.28
CA VAL B 49 16.08 6.86 -3.83
C VAL B 49 15.02 7.84 -3.39
N LEU B 50 14.82 8.90 -4.19
CA LEU B 50 13.87 9.92 -3.83
C LEU B 50 12.42 9.65 -4.19
N GLY B 51 12.12 8.49 -4.78
CA GLY B 51 10.75 8.20 -5.19
C GLY B 51 10.81 8.53 -6.66
N VAL B 52 9.95 9.37 -7.19
CA VAL B 52 10.05 9.74 -8.61
C VAL B 52 9.79 8.62 -9.63
N ARG B 53 8.78 8.84 -10.46
CA ARG B 53 8.37 7.89 -11.51
C ARG B 53 8.13 8.69 -12.81
N SER B 54 9.21 9.06 -13.51
CA SER B 54 9.09 9.82 -14.76
C SER B 54 8.73 8.97 -15.97
N LEU B 62 10.96 -1.60 -13.81
CA LEU B 62 11.63 -1.39 -12.53
C LEU B 62 12.78 -2.38 -12.29
N LYS B 63 12.51 -3.68 -12.41
CA LYS B 63 13.55 -4.69 -12.21
C LYS B 63 14.69 -4.43 -13.21
N ASP B 64 14.41 -3.59 -14.21
CA ASP B 64 15.41 -3.24 -15.23
C ASP B 64 16.51 -2.36 -14.67
N LEU B 65 16.39 -2.03 -13.39
CA LEU B 65 17.41 -1.27 -12.70
C LEU B 65 18.32 -2.46 -12.32
N ILE B 66 18.34 -2.92 -11.07
CA ILE B 66 19.14 -4.12 -10.71
C ILE B 66 20.23 -4.57 -11.72
N TYR B 67 21.49 -4.50 -11.31
CA TYR B 67 22.61 -4.89 -12.17
C TYR B 67 22.41 -6.19 -12.94
N ARG B 68 23.09 -6.30 -14.08
CA ARG B 68 23.01 -7.49 -14.96
C ARG B 68 24.38 -7.86 -15.54
N GLY B 69 24.86 -9.06 -15.21
CA GLY B 69 26.15 -9.51 -15.70
C GLY B 69 26.37 -9.24 -17.18
N PRO B 89 22.59 -10.58 -9.45
CA PRO B 89 21.93 -10.43 -8.14
C PRO B 89 20.41 -10.44 -8.27
N GLN B 90 19.73 -10.52 -7.14
CA GLN B 90 18.28 -10.56 -7.15
C GLN B 90 17.62 -9.25 -6.71
N SER B 91 18.38 -8.42 -6.01
CA SER B 91 17.84 -7.15 -5.55
C SER B 91 18.92 -6.07 -5.61
N ALA B 92 18.48 -4.82 -5.68
CA ALA B 92 19.38 -3.68 -5.75
C ALA B 92 18.87 -2.65 -4.79
N TYR B 93 19.76 -1.85 -4.24
CA TYR B 93 19.34 -0.79 -3.34
C TYR B 93 20.20 0.44 -3.54
N VAL B 94 19.69 1.60 -3.12
CA VAL B 94 20.45 2.84 -3.20
C VAL B 94 20.24 3.58 -1.89
N LYS B 95 21.28 4.20 -1.36
CA LYS B 95 21.13 4.94 -0.11
C LYS B 95 21.61 6.34 -0.39
N ALA B 96 20.97 7.31 0.25
CA ALA B 96 21.34 8.71 0.09
C ALA B 96 21.57 9.26 1.49
N PHE B 97 22.66 9.97 1.68
CA PHE B 97 22.92 10.52 3.00
C PHE B 97 22.63 12.01 2.99
N TYR B 98 21.45 12.34 3.49
CA TYR B 98 20.95 13.69 3.56
C TYR B 98 21.34 14.34 4.89
N GLN B 99 21.71 15.62 4.81
CA GLN B 99 22.13 16.39 5.97
C GLN B 99 20.99 17.26 6.47
N LYS B 100 20.19 16.73 7.39
CA LYS B 100 19.08 17.51 7.93
C LYS B 100 19.50 18.10 9.28
N GLY B 101 20.07 19.29 9.23
CA GLY B 101 20.51 19.91 10.46
C GLY B 101 21.74 19.19 11.01
N ASN B 102 21.78 19.00 12.32
CA ASN B 102 22.91 18.33 12.97
C ASN B 102 23.03 16.89 12.54
N LYS B 103 21.89 16.21 12.49
CA LYS B 103 21.85 14.79 12.13
C LYS B 103 22.01 14.51 10.63
N LEU B 104 22.56 13.33 10.34
CA LEU B 104 22.77 12.90 8.97
C LEU B 104 21.76 11.79 8.72
N VAL B 105 20.71 12.07 7.95
CA VAL B 105 19.70 11.05 7.68
C VAL B 105 20.05 10.11 6.53
N GLU B 106 19.76 8.83 6.73
CA GLU B 106 20.01 7.84 5.69
C GLU B 106 18.69 7.47 5.02
N LEU B 107 18.57 7.73 3.73
CA LEU B 107 17.36 7.41 2.97
C LEU B 107 17.68 6.22 2.10
N MET B 108 16.94 5.13 2.25
CA MET B 108 17.22 3.95 1.45
C MET B 108 16.02 3.46 0.68
N ARG B 109 16.25 2.78 -0.43
CA ARG B 109 15.16 2.23 -1.19
C ARG B 109 15.68 0.98 -1.86
N ILE B 110 14.86 -0.06 -1.88
CA ILE B 110 15.25 -1.34 -2.44
C ILE B 110 14.28 -1.81 -3.50
N ILE B 111 14.76 -2.65 -4.42
CA ILE B 111 13.90 -3.24 -5.44
C ILE B 111 14.29 -4.69 -5.48
N SER B 112 13.30 -5.58 -5.46
CA SER B 112 13.60 -6.99 -5.54
C SER B 112 13.32 -7.32 -6.99
N ARG B 113 13.74 -8.49 -7.47
CA ARG B 113 13.53 -8.80 -8.87
C ARG B 113 12.06 -8.91 -9.28
N ASN B 114 11.17 -9.03 -8.30
CA ASN B 114 9.74 -9.13 -8.56
C ASN B 114 9.09 -7.74 -8.78
N GLY B 115 9.81 -6.69 -8.40
CA GLY B 115 9.29 -5.35 -8.59
C GLY B 115 8.91 -4.67 -7.29
N ASP B 116 8.90 -5.43 -6.21
CA ASP B 116 8.54 -4.89 -4.91
C ASP B 116 9.56 -3.93 -4.35
N THR B 117 9.16 -2.67 -4.14
CA THR B 117 10.08 -1.70 -3.57
C THR B 117 9.80 -1.61 -2.09
N SER B 118 10.74 -1.02 -1.37
CA SER B 118 10.61 -0.87 0.07
C SER B 118 11.40 0.36 0.39
N TYR B 119 10.93 1.15 1.37
CA TYR B 119 11.66 2.36 1.75
C TYR B 119 12.08 2.27 3.20
N LYS B 120 13.17 2.96 3.53
CA LYS B 120 13.69 2.96 4.89
C LYS B 120 14.23 4.33 5.24
N ILE B 121 14.22 4.67 6.51
CA ILE B 121 14.77 5.93 6.95
C ILE B 121 15.58 5.63 8.21
N ASP B 122 16.87 5.95 8.16
CA ASP B 122 17.75 5.69 9.27
C ASP B 122 17.67 4.21 9.65
N GLY B 123 17.50 3.37 8.65
CA GLY B 123 17.45 1.94 8.87
C GLY B 123 16.10 1.32 9.15
N LYS B 124 15.15 2.13 9.64
CA LYS B 124 13.84 1.61 9.95
C LYS B 124 12.87 1.74 8.77
N THR B 125 12.32 0.61 8.34
CA THR B 125 11.37 0.57 7.23
C THR B 125 10.21 1.56 7.44
N VAL B 126 9.68 2.10 6.34
CA VAL B 126 8.56 3.04 6.41
C VAL B 126 7.75 2.97 5.13
N SER B 127 6.61 3.65 5.12
CA SER B 127 5.72 3.66 3.96
C SER B 127 6.06 4.81 3.02
N TYR B 128 5.69 4.65 1.76
CA TYR B 128 5.95 5.68 0.76
C TYR B 128 5.30 7.03 1.11
N LYS B 129 4.25 7.00 1.95
CA LYS B 129 3.60 8.23 2.34
C LYS B 129 4.50 8.95 3.31
N ASP B 130 4.96 8.22 4.33
CA ASP B 130 5.86 8.81 5.32
C ASP B 130 7.14 9.29 4.63
N TYR B 131 7.57 8.53 3.62
CA TYR B 131 8.77 8.84 2.85
C TYR B 131 8.56 10.12 2.05
N SER B 132 7.52 10.13 1.24
CA SER B 132 7.18 11.29 0.43
C SER B 132 7.11 12.56 1.27
N ILE B 133 6.51 12.47 2.44
CA ILE B 133 6.38 13.62 3.31
C ILE B 133 7.75 14.11 3.80
N PHE B 134 8.58 13.18 4.27
CA PHE B 134 9.90 13.59 4.75
C PHE B 134 10.54 14.49 3.71
N LEU B 135 10.58 14.00 2.47
CA LEU B 135 11.16 14.72 1.36
C LEU B 135 10.35 15.97 1.02
N GLU B 136 9.04 15.79 0.91
CA GLU B 136 8.13 16.88 0.59
C GLU B 136 8.29 18.01 1.57
N ASN B 137 8.84 17.72 2.74
CA ASN B 137 9.03 18.75 3.74
C ASN B 137 10.36 19.47 3.57
N GLU B 138 11.34 18.78 3.00
CA GLU B 138 12.65 19.39 2.78
C GLU B 138 12.66 20.07 1.42
N ASN B 139 11.48 20.25 0.86
CA ASN B 139 11.31 20.89 -0.45
C ASN B 139 11.72 20.07 -1.66
N ILE B 140 11.75 18.76 -1.50
CA ILE B 140 12.07 17.87 -2.58
C ILE B 140 10.72 17.32 -3.05
N LEU B 141 10.13 17.99 -4.05
CA LEU B 141 8.84 17.57 -4.60
C LEU B 141 9.06 16.60 -5.74
N ILE B 142 9.10 15.31 -5.42
CA ILE B 142 9.32 14.28 -6.42
C ILE B 142 8.14 14.21 -7.38
N LYS B 143 7.13 15.05 -7.12
CA LYS B 143 5.91 15.15 -7.91
C LYS B 143 6.16 16.03 -9.12
N ALA B 144 6.70 17.22 -8.85
CA ALA B 144 6.98 18.16 -9.92
C ALA B 144 8.26 17.79 -10.65
N LYS B 145 9.19 17.15 -9.94
CA LYS B 145 10.48 16.74 -10.49
C LYS B 145 11.26 17.98 -10.97
N ASN B 146 10.76 19.15 -10.64
CA ASN B 146 11.34 20.44 -11.03
C ASN B 146 12.76 20.71 -10.55
N PHE B 147 13.41 19.71 -9.96
CA PHE B 147 14.77 19.87 -9.48
C PHE B 147 15.68 18.86 -10.19
N LEU B 148 15.10 18.07 -11.08
CA LEU B 148 15.84 17.06 -11.83
C LEU B 148 15.67 17.29 -13.31
N VAL B 149 16.73 17.59 -14.04
CA VAL B 149 16.58 17.75 -15.47
C VAL B 149 17.34 16.57 -16.10
N PHE B 150 16.59 15.57 -16.59
CA PHE B 150 17.18 14.39 -17.22
C PHE B 150 17.76 14.66 -18.60
N GLN B 151 18.77 13.86 -18.96
CA GLN B 151 19.46 13.97 -20.25
C GLN B 151 18.49 14.12 -21.43
N GLY B 152 18.71 15.18 -22.21
CA GLY B 152 17.90 15.43 -23.39
C GLY B 152 16.62 16.17 -23.13
N ASP B 153 16.34 16.48 -21.88
CA ASP B 153 15.06 17.15 -21.55
C ASP B 153 15.08 18.64 -21.24
N VAL B 154 16.25 19.24 -21.15
CA VAL B 154 16.31 20.65 -20.79
C VAL B 154 15.51 21.59 -21.68
N GLU B 155 15.64 21.49 -23.00
CA GLU B 155 14.92 22.41 -23.89
C GLU B 155 13.40 22.38 -23.75
N GLN B 156 12.85 21.22 -23.35
CA GLN B 156 11.41 21.10 -23.21
C GLN B 156 10.81 22.00 -22.15
N ILE B 157 11.56 22.21 -21.06
CA ILE B 157 11.05 23.09 -20.00
C ILE B 157 10.55 24.41 -20.60
N ALA B 158 11.18 24.84 -21.68
CA ALA B 158 10.76 26.08 -22.32
C ALA B 158 9.77 25.80 -23.42
N ALA B 159 10.14 24.86 -24.29
CA ALA B 159 9.34 24.46 -25.43
C ALA B 159 8.02 23.75 -25.17
N GLN B 160 7.73 23.43 -23.91
CA GLN B 160 6.47 22.76 -23.62
C GLN B 160 5.34 23.71 -23.97
N SER B 161 4.13 23.19 -24.09
CA SER B 161 2.97 24.00 -24.43
C SER B 161 2.46 24.78 -23.23
N PRO B 162 1.77 25.91 -23.48
CA PRO B 162 1.22 26.72 -22.38
C PRO B 162 0.36 25.89 -21.43
N VAL B 163 -0.39 24.94 -22.00
CA VAL B 163 -1.24 24.06 -21.19
C VAL B 163 -0.34 23.25 -20.26
N GLU B 164 0.75 22.71 -20.83
CA GLU B 164 1.69 21.91 -20.05
C GLU B 164 2.38 22.73 -18.95
N LEU B 165 2.80 23.95 -19.31
CA LEU B 165 3.45 24.85 -18.37
C LEU B 165 2.47 25.14 -17.24
N SER B 166 1.21 25.32 -17.60
CA SER B 166 0.19 25.59 -16.60
C SER B 166 0.08 24.40 -15.64
N ARG B 167 0.05 23.20 -16.23
CA ARG B 167 -0.06 21.96 -15.48
C ARG B 167 1.09 21.85 -14.49
N MET B 168 2.29 22.23 -14.92
CA MET B 168 3.48 22.20 -14.05
C MET B 168 3.34 23.16 -12.88
N PHE B 169 2.86 24.38 -13.17
CA PHE B 169 2.66 25.38 -12.13
C PHE B 169 1.70 24.79 -11.12
N GLU B 170 0.62 24.21 -11.65
CA GLU B 170 -0.37 23.59 -10.81
C GLU B 170 0.28 22.48 -10.00
N GLU B 171 1.25 21.80 -10.63
CA GLU B 171 1.97 20.72 -9.98
C GLU B 171 3.00 21.20 -8.95
N VAL B 172 3.68 22.31 -9.24
CA VAL B 172 4.67 22.79 -8.30
C VAL B 172 4.06 23.52 -7.11
N SER B 173 3.01 24.28 -7.36
CA SER B 173 2.35 25.02 -6.27
C SER B 173 1.61 24.08 -5.36
N GLY B 174 1.01 23.05 -5.95
CA GLY B 174 0.24 22.08 -5.20
C GLY B 174 -1.23 22.18 -5.55
N SER B 175 -1.57 23.22 -6.30
CA SER B 175 -2.95 23.45 -6.70
C SER B 175 -3.57 22.27 -7.44
N ILE B 176 -2.76 21.32 -7.87
CA ILE B 176 -3.30 20.17 -8.61
C ILE B 176 -4.17 19.31 -7.73
N GLN B 177 -3.92 19.32 -6.42
CA GLN B 177 -4.73 18.52 -5.51
C GLN B 177 -6.22 18.84 -5.70
N TYR B 178 -6.60 20.10 -5.52
CA TYR B 178 -7.99 20.51 -5.67
C TYR B 178 -8.54 20.29 -7.07
N LYS B 179 -7.71 19.72 -7.95
CA LYS B 179 -8.14 19.47 -9.33
C LYS B 179 -9.30 18.48 -9.45
N LYS B 180 -9.22 17.38 -8.70
CA LYS B 180 -10.28 16.37 -8.73
C LYS B 180 -11.61 16.95 -8.24
N GLU B 181 -11.67 17.24 -6.94
CA GLU B 181 -12.87 17.80 -6.33
C GLU B 181 -13.47 18.95 -7.17
N TYR B 182 -12.62 19.88 -7.58
CA TYR B 182 -13.04 21.01 -8.39
C TYR B 182 -13.79 20.51 -9.63
N GLU B 183 -13.32 19.39 -10.18
CA GLU B 183 -13.96 18.82 -11.36
C GLU B 183 -15.31 18.21 -11.02
N GLU B 184 -15.36 17.49 -9.91
CA GLU B 184 -16.59 16.84 -9.45
C GLU B 184 -17.70 17.87 -9.26
N LEU B 185 -17.44 18.86 -8.40
CA LEU B 185 -18.38 19.94 -8.11
C LEU B 185 -18.66 20.80 -9.33
N LYS B 186 -17.71 20.85 -10.25
CA LYS B 186 -17.84 21.64 -11.48
C LYS B 186 -18.93 21.05 -12.39
N GLU B 187 -19.04 19.73 -12.38
CA GLU B 187 -19.99 19.01 -13.22
C GLU B 187 -21.42 19.02 -12.69
N LYS B 188 -21.58 18.79 -11.39
CA LYS B 188 -22.91 18.78 -10.77
C LYS B 188 -23.78 19.91 -11.29
N ILE B 189 -23.23 21.11 -11.34
CA ILE B 189 -23.96 22.28 -11.83
C ILE B 189 -23.91 22.34 -13.35
N LYS B 253 -26.67 25.64 -3.30
CA LYS B 253 -25.88 25.52 -2.08
C LYS B 253 -24.64 24.66 -2.29
N ILE B 254 -24.65 23.88 -3.37
CA ILE B 254 -23.51 23.02 -3.70
C ILE B 254 -22.43 23.89 -4.37
N LEU B 255 -22.80 25.13 -4.65
CA LEU B 255 -21.91 26.10 -5.30
C LEU B 255 -20.92 26.75 -4.34
N ASN B 256 -21.26 26.79 -3.05
CA ASN B 256 -20.38 27.37 -2.06
C ASN B 256 -19.22 26.43 -1.83
N GLN B 257 -19.45 25.16 -2.10
CA GLN B 257 -18.44 24.14 -1.94
C GLN B 257 -17.52 24.21 -3.15
N PHE B 258 -18.00 24.89 -4.19
CA PHE B 258 -17.24 25.05 -5.43
C PHE B 258 -16.43 26.34 -5.43
N LEU B 259 -16.97 27.38 -4.82
CA LEU B 259 -16.28 28.66 -4.75
C LEU B 259 -15.16 28.49 -3.73
N LYS B 260 -15.50 27.83 -2.63
CA LYS B 260 -14.56 27.57 -1.52
C LYS B 260 -13.31 26.85 -2.01
N ILE B 261 -13.50 25.84 -2.85
CA ILE B 261 -12.38 25.09 -3.39
C ILE B 261 -11.70 25.85 -4.53
N LYS B 262 -12.46 26.59 -5.32
CA LYS B 262 -11.90 27.38 -6.41
C LYS B 262 -10.93 28.40 -5.81
N LYS B 263 -11.33 28.99 -4.70
CA LYS B 263 -10.50 29.98 -4.01
C LYS B 263 -9.17 29.39 -3.51
N LYS B 264 -9.14 28.08 -3.29
CA LYS B 264 -7.92 27.45 -2.82
C LYS B 264 -7.01 27.04 -3.99
N ARG B 265 -7.61 26.42 -5.01
CA ARG B 265 -6.84 25.99 -6.17
C ARG B 265 -6.21 27.26 -6.77
N LYS B 266 -7.00 28.33 -6.84
CA LYS B 266 -6.51 29.57 -7.42
C LYS B 266 -5.47 30.30 -6.57
N GLU B 267 -5.75 30.46 -5.28
CA GLU B 267 -4.80 31.17 -4.43
C GLU B 267 -3.49 30.41 -4.27
N LEU B 268 -3.56 29.08 -4.18
CA LEU B 268 -2.38 28.24 -4.03
C LEU B 268 -1.58 28.32 -5.31
N PHE B 269 -2.29 28.37 -6.45
CA PHE B 269 -1.66 28.45 -7.75
C PHE B 269 -0.96 29.78 -7.91
N GLU B 270 -1.58 30.84 -7.41
CA GLU B 270 -1.00 32.17 -7.53
C GLU B 270 0.13 32.39 -6.54
N LYS B 271 0.03 31.73 -5.40
CA LYS B 271 1.04 31.84 -4.35
C LYS B 271 2.41 31.45 -4.92
N THR B 272 2.39 30.59 -5.94
CA THR B 272 3.62 30.12 -6.57
C THR B 272 3.89 30.91 -7.84
N PHE B 273 2.90 31.04 -8.70
CA PHE B 273 3.08 31.72 -9.98
C PHE B 273 3.61 33.15 -9.83
N ASP B 274 2.97 33.93 -8.97
CA ASP B 274 3.35 35.33 -8.75
C ASP B 274 4.82 35.45 -8.38
N TYR B 275 5.29 34.60 -7.48
CA TYR B 275 6.66 34.67 -7.05
C TYR B 275 7.55 34.37 -8.24
N VAL B 276 7.27 33.27 -8.92
CA VAL B 276 8.06 32.88 -10.08
C VAL B 276 8.11 33.97 -11.11
N SER B 277 6.96 34.56 -11.42
CA SER B 277 6.91 35.60 -12.43
C SER B 277 7.80 36.79 -12.07
N ASP B 278 7.69 37.22 -10.82
CA ASP B 278 8.47 38.35 -10.32
C ASP B 278 10.00 38.15 -10.39
N HIS B 279 10.46 36.92 -10.19
CA HIS B 279 11.90 36.63 -10.22
C HIS B 279 12.42 36.09 -11.55
N LEU B 280 11.53 35.82 -12.50
CA LEU B 280 11.91 35.28 -13.79
C LEU B 280 12.83 36.19 -14.60
N ASP B 281 12.43 37.44 -14.81
CA ASP B 281 13.23 38.36 -15.60
C ASP B 281 14.65 38.60 -15.09
N ALA B 282 14.84 38.72 -13.78
CA ALA B 282 16.17 38.93 -13.23
C ALA B 282 17.08 37.76 -13.57
N ILE B 283 16.54 36.55 -13.43
CA ILE B 283 17.29 35.34 -13.69
C ILE B 283 17.62 35.21 -15.16
N TYR B 284 16.66 35.50 -16.02
CA TYR B 284 16.96 35.39 -17.43
C TYR B 284 18.07 36.36 -17.78
N ARG B 285 17.95 37.60 -17.33
CA ARG B 285 18.97 38.61 -17.61
C ARG B 285 20.36 38.20 -17.13
N GLU B 286 20.44 37.57 -15.96
CA GLU B 286 21.72 37.14 -15.45
C GLU B 286 22.32 36.08 -16.38
N LEU B 287 21.47 35.17 -16.87
CA LEU B 287 21.96 34.14 -17.78
C LEU B 287 22.26 34.73 -19.16
N THR B 288 22.18 36.05 -19.29
CA THR B 288 22.44 36.69 -20.56
C THR B 288 23.74 37.52 -20.61
N GLY B 300 18.90 41.05 -21.89
CA GLY B 300 17.95 39.95 -22.04
C GLY B 300 16.59 40.21 -21.40
N ASN B 301 15.53 39.55 -21.88
CA ASN B 301 14.20 39.76 -21.30
C ASN B 301 13.18 38.61 -21.40
N ALA B 302 12.62 38.22 -20.27
CA ALA B 302 11.66 37.12 -20.23
C ALA B 302 10.44 37.39 -19.37
N SER B 303 9.33 36.74 -19.70
CA SER B 303 8.09 36.95 -18.95
C SER B 303 7.10 35.80 -19.06
N LEU B 304 6.18 35.72 -18.10
CA LEU B 304 5.14 34.70 -18.08
C LEU B 304 3.80 35.42 -18.22
N THR B 305 2.85 34.80 -18.91
CA THR B 305 1.55 35.42 -19.09
C THR B 305 0.39 34.44 -18.96
N ILE B 306 -0.49 34.71 -17.99
CA ILE B 306 -1.66 33.89 -17.72
C ILE B 306 -2.69 34.16 -18.80
N GLU B 307 -3.35 33.11 -19.29
CA GLU B 307 -4.35 33.28 -20.35
C GLU B 307 -5.77 33.37 -19.82
N ASP B 308 -6.15 32.42 -18.98
CA ASP B 308 -7.48 32.47 -18.40
C ASP B 308 -7.25 33.15 -17.06
N GLU B 309 -7.43 34.46 -17.05
CA GLU B 309 -7.19 35.23 -15.83
C GLU B 309 -8.01 34.81 -14.63
N ASP B 310 -9.29 34.50 -14.83
CA ASP B 310 -10.16 34.11 -13.71
C ASP B 310 -9.81 32.73 -13.18
N GLU B 311 -9.49 31.83 -14.09
CA GLU B 311 -9.10 30.48 -13.72
C GLU B 311 -7.85 30.11 -14.49
N PRO B 312 -6.70 30.66 -14.08
CA PRO B 312 -5.44 30.38 -14.77
C PRO B 312 -5.15 28.89 -14.94
N PHE B 313 -5.48 28.08 -13.95
CA PHE B 313 -5.23 26.65 -14.06
C PHE B 313 -6.02 25.92 -15.16
N ASN B 314 -6.95 26.60 -15.81
CA ASN B 314 -7.75 25.99 -16.86
C ASN B 314 -7.34 26.48 -18.23
N ALA B 315 -6.08 26.87 -18.36
CA ALA B 315 -5.57 27.35 -19.64
C ALA B 315 -4.05 27.44 -19.65
N GLY B 316 -3.49 27.88 -20.77
CA GLY B 316 -2.06 27.96 -20.84
C GLY B 316 -1.43 29.15 -20.14
N ILE B 317 -0.12 29.02 -19.95
CA ILE B 317 0.73 30.04 -19.38
C ILE B 317 1.73 30.26 -20.51
N LYS B 318 1.68 31.43 -21.13
CA LYS B 318 2.56 31.74 -22.23
C LYS B 318 3.90 32.27 -21.74
N TYR B 319 4.96 31.49 -21.96
CA TYR B 319 6.32 31.87 -21.58
C TYR B 319 6.99 32.59 -22.75
N HIS B 320 7.54 33.76 -22.46
CA HIS B 320 8.20 34.57 -23.49
C HIS B 320 9.61 34.89 -23.09
N ALA B 321 10.55 34.63 -23.99
CA ALA B 321 11.94 34.94 -23.73
C ALA B 321 12.50 35.60 -24.98
N THR B 322 13.28 36.64 -24.79
CA THR B 322 13.88 37.38 -25.89
C THR B 322 15.38 37.48 -25.69
N PRO B 323 16.17 36.63 -26.35
CA PRO B 323 17.61 36.74 -26.14
C PRO B 323 18.02 38.18 -26.38
N PRO B 324 19.11 38.64 -25.75
CA PRO B 324 19.60 40.00 -25.88
C PRO B 324 19.51 40.70 -27.25
N LEU B 325 20.62 40.82 -27.95
CA LEU B 325 20.66 41.53 -29.24
C LEU B 325 19.58 41.20 -30.28
N LYS B 326 18.54 40.48 -29.89
CA LYS B 326 17.48 40.13 -30.82
C LYS B 326 16.17 40.74 -30.39
N ARG B 327 15.09 40.33 -31.06
CA ARG B 327 13.77 40.84 -30.72
C ARG B 327 12.64 40.01 -31.30
N PHE B 328 12.19 39.03 -30.51
CA PHE B 328 11.11 38.11 -30.87
C PHE B 328 10.64 37.60 -29.51
N LYS B 329 9.61 36.76 -29.48
CA LYS B 329 9.14 36.26 -28.19
C LYS B 329 8.69 34.81 -28.19
N ASP B 330 8.06 34.36 -29.27
CA ASP B 330 7.60 32.98 -29.35
C ASP B 330 8.75 31.98 -29.35
N MET B 331 8.73 31.06 -28.39
CA MET B 331 9.78 30.05 -28.28
C MET B 331 10.08 29.41 -29.63
N GLU B 332 9.14 29.51 -30.55
CA GLU B 332 9.27 28.94 -31.89
C GLU B 332 10.47 29.50 -32.64
N TYR B 333 10.79 30.75 -32.36
CA TYR B 333 11.89 31.43 -33.03
C TYR B 333 13.27 31.23 -32.42
N LEU B 334 13.32 30.88 -31.14
CA LEU B 334 14.59 30.67 -30.48
C LEU B 334 15.31 29.47 -31.04
N SER B 335 16.65 29.51 -31.03
CA SER B 335 17.46 28.42 -31.54
C SER B 335 17.69 27.43 -30.40
N GLY B 336 18.39 26.33 -30.69
CA GLY B 336 18.67 25.35 -29.66
C GLY B 336 19.39 25.88 -28.43
N GLY B 337 20.47 26.62 -28.64
CA GLY B 337 21.18 27.18 -27.52
C GLY B 337 20.34 28.24 -26.86
N GLU B 338 19.56 28.98 -27.64
CA GLU B 338 18.72 30.02 -27.06
C GLU B 338 17.60 29.44 -26.22
N LYS B 339 17.03 28.35 -26.73
CA LYS B 339 15.94 27.67 -26.06
C LYS B 339 16.48 27.06 -24.77
N THR B 340 17.71 26.58 -24.81
CA THR B 340 18.29 25.99 -23.61
C THR B 340 18.41 27.03 -22.50
N VAL B 341 18.98 28.19 -22.82
CA VAL B 341 19.15 29.24 -21.83
C VAL B 341 17.82 29.74 -21.31
N ALA B 342 16.81 29.83 -22.19
CA ALA B 342 15.51 30.28 -21.74
C ALA B 342 14.96 29.27 -20.77
N ALA B 343 15.20 27.99 -21.08
CA ALA B 343 14.73 26.89 -20.24
C ALA B 343 15.40 26.88 -18.87
N LEU B 344 16.70 27.04 -18.85
CA LEU B 344 17.39 27.03 -17.57
C LEU B 344 16.90 28.20 -16.72
N ALA B 345 16.48 29.29 -17.34
CA ALA B 345 16.01 30.43 -16.59
C ALA B 345 14.68 30.10 -15.95
N LEU B 346 13.76 29.54 -16.76
CA LEU B 346 12.44 29.16 -16.23
C LEU B 346 12.66 28.16 -15.11
N LEU B 347 13.46 27.14 -15.39
CA LEU B 347 13.76 26.09 -14.42
C LEU B 347 14.18 26.69 -13.09
N PHE B 348 15.10 27.66 -13.12
CA PHE B 348 15.57 28.29 -11.89
C PHE B 348 14.51 29.22 -11.27
N ALA B 349 13.76 29.92 -12.12
CA ALA B 349 12.74 30.81 -11.59
C ALA B 349 11.70 29.98 -10.83
N ILE B 350 11.16 28.95 -11.46
CA ILE B 350 10.18 28.11 -10.80
C ILE B 350 10.67 27.52 -9.48
N ASN B 351 11.95 27.21 -9.39
CA ASN B 351 12.45 26.62 -8.16
C ASN B 351 12.71 27.68 -7.09
N SER B 352 12.70 28.94 -7.48
CA SER B 352 12.99 29.99 -6.51
C SER B 352 11.92 30.16 -5.44
N TYR B 353 10.72 29.64 -5.68
CA TYR B 353 9.64 29.79 -4.70
C TYR B 353 9.89 28.98 -3.44
N GLN B 354 9.86 27.67 -3.56
CA GLN B 354 10.14 26.77 -2.43
C GLN B 354 11.37 25.99 -2.86
N PRO B 355 12.55 26.62 -2.77
CA PRO B 355 13.89 26.11 -3.12
C PRO B 355 14.23 24.69 -2.72
N SER B 356 14.45 23.85 -3.73
CA SER B 356 14.86 22.48 -3.46
C SER B 356 16.28 22.64 -2.92
N PRO B 357 16.77 21.67 -2.13
CA PRO B 357 18.13 21.83 -1.61
C PRO B 357 19.23 21.54 -2.65
N PHE B 358 18.86 20.85 -3.72
CA PHE B 358 19.84 20.55 -4.76
C PHE B 358 19.24 20.30 -6.13
N PHE B 359 20.06 20.51 -7.16
CA PHE B 359 19.65 20.30 -8.54
C PHE B 359 20.53 19.18 -9.09
N VAL B 360 20.00 18.39 -10.00
CA VAL B 360 20.79 17.35 -10.64
C VAL B 360 20.49 17.57 -12.10
N LEU B 361 21.43 18.20 -12.78
CA LEU B 361 21.27 18.53 -14.19
C LEU B 361 22.14 17.60 -15.03
N ASP B 362 21.53 16.86 -15.96
CA ASP B 362 22.30 15.98 -16.81
C ASP B 362 23.00 16.84 -17.86
N GLU B 363 22.90 16.52 -19.14
CA GLU B 363 23.65 17.34 -20.09
C GLU B 363 22.97 18.63 -20.51
N VAL B 364 22.60 19.46 -19.55
CA VAL B 364 21.91 20.69 -19.88
C VAL B 364 22.66 21.60 -20.85
N ASP B 365 23.99 21.48 -20.88
CA ASP B 365 24.81 22.34 -21.75
C ASP B 365 25.09 21.82 -23.16
N ALA B 366 24.50 20.70 -23.53
CA ALA B 366 24.72 20.10 -24.83
C ALA B 366 24.56 20.99 -26.05
N ALA B 367 23.63 21.93 -26.03
CA ALA B 367 23.40 22.79 -27.17
C ALA B 367 24.03 24.15 -27.09
N LEU B 368 24.80 24.38 -26.03
CA LEU B 368 25.40 25.67 -25.79
C LEU B 368 26.74 26.04 -26.43
N ASP B 369 26.88 27.35 -26.59
CA ASP B 369 28.06 28.06 -27.08
C ASP B 369 29.12 27.81 -26.04
N ILE B 370 30.33 28.30 -26.29
CA ILE B 370 31.36 28.15 -25.27
C ILE B 370 31.09 29.34 -24.34
N THR B 371 30.56 30.40 -24.94
CA THR B 371 30.21 31.62 -24.22
C THR B 371 29.07 31.30 -23.27
N ASN B 372 28.03 30.65 -23.80
CA ASN B 372 26.87 30.29 -22.98
C ASN B 372 27.21 29.27 -21.91
N VAL B 373 28.05 28.28 -22.24
CA VAL B 373 28.44 27.31 -21.23
C VAL B 373 29.04 28.11 -20.08
N GLN B 374 29.83 29.12 -20.43
CA GLN B 374 30.44 29.97 -19.42
C GLN B 374 29.44 30.69 -18.51
N ARG B 375 28.35 31.20 -19.10
CA ARG B 375 27.35 31.92 -18.33
C ARG B 375 26.63 30.98 -17.36
N ILE B 376 26.30 29.78 -17.83
CA ILE B 376 25.62 28.85 -16.96
C ILE B 376 26.57 28.48 -15.81
N ALA B 377 27.82 28.15 -16.15
CA ALA B 377 28.81 27.81 -15.12
C ALA B 377 28.97 28.98 -14.13
N ALA B 378 29.01 30.20 -14.67
CA ALA B 378 29.13 31.39 -13.85
C ALA B 378 27.95 31.45 -12.88
N TYR B 379 26.74 31.31 -13.43
CA TYR B 379 25.53 31.36 -12.62
C TYR B 379 25.56 30.32 -11.51
N ILE B 380 25.86 29.07 -11.88
CA ILE B 380 25.91 27.99 -10.92
C ILE B 380 26.90 28.33 -9.81
N ARG B 381 28.11 28.70 -10.19
CA ARG B 381 29.12 29.03 -9.21
C ARG B 381 28.67 30.20 -8.32
N ARG B 382 28.15 31.25 -8.95
CA ARG B 382 27.69 32.44 -8.26
C ARG B 382 26.54 32.19 -7.26
N HIS B 383 25.74 31.16 -7.49
CA HIS B 383 24.61 30.88 -6.62
C HIS B 383 24.75 29.66 -5.73
N ARG B 384 25.71 28.78 -6.04
CA ARG B 384 25.88 27.59 -5.24
C ARG B 384 26.25 27.99 -3.82
N ASN B 385 25.80 27.21 -2.84
CA ASN B 385 26.11 27.48 -1.44
C ASN B 385 25.59 26.31 -0.61
N PRO B 386 25.88 26.29 0.70
CA PRO B 386 25.43 25.20 1.57
C PRO B 386 23.95 24.84 1.48
N ASP B 387 23.10 25.81 1.10
CA ASP B 387 21.66 25.55 0.98
C ASP B 387 21.23 25.16 -0.42
N LEU B 388 22.00 25.54 -1.42
CA LEU B 388 21.69 25.22 -2.81
C LEU B 388 22.90 24.52 -3.44
N GLN B 389 22.80 23.21 -3.56
CA GLN B 389 23.85 22.38 -4.12
C GLN B 389 23.55 22.01 -5.58
N PHE B 390 24.54 22.10 -6.45
CA PHE B 390 24.36 21.75 -7.86
C PHE B 390 25.16 20.51 -8.27
N ILE B 391 24.48 19.45 -8.71
CA ILE B 391 25.18 18.27 -9.17
C ILE B 391 24.95 18.28 -10.67
N VAL B 392 26.03 18.48 -11.43
CA VAL B 392 25.95 18.57 -12.89
C VAL B 392 26.71 17.49 -13.64
N ILE B 393 26.10 16.98 -14.71
CA ILE B 393 26.75 15.96 -15.54
C ILE B 393 27.09 16.68 -16.82
N SER B 394 28.37 16.88 -17.09
CA SER B 394 28.77 17.57 -18.32
C SER B 394 29.94 16.91 -18.98
N LEU B 395 29.99 17.01 -20.30
CA LEU B 395 31.11 16.45 -21.03
C LEU B 395 32.11 17.57 -21.33
N LYS B 396 31.67 18.81 -21.09
CA LYS B 396 32.46 20.01 -21.36
C LYS B 396 33.36 20.53 -20.23
N ASN B 397 34.65 20.68 -20.54
CA ASN B 397 35.62 21.18 -19.57
C ASN B 397 35.19 22.54 -19.10
N THR B 398 34.73 23.36 -20.05
CA THR B 398 34.26 24.71 -19.76
C THR B 398 33.31 24.69 -18.57
N MET B 399 32.52 23.63 -18.49
CA MET B 399 31.57 23.44 -17.41
C MET B 399 32.21 22.91 -16.14
N PHE B 400 32.75 21.70 -16.18
CA PHE B 400 33.31 21.16 -14.96
C PHE B 400 34.60 21.74 -14.41
N GLU B 401 35.28 22.58 -15.18
CA GLU B 401 36.51 23.21 -14.70
C GLU B 401 36.16 24.01 -13.46
N LYS B 402 35.06 24.75 -13.53
CA LYS B 402 34.65 25.61 -12.43
C LYS B 402 33.97 24.97 -11.22
N SER B 403 34.00 23.64 -11.18
CA SER B 403 33.38 22.89 -10.09
C SER B 403 34.18 22.98 -8.81
N ASP B 404 33.55 22.59 -7.70
CA ASP B 404 34.19 22.57 -6.40
C ASP B 404 34.86 21.21 -6.28
N ALA B 405 34.19 20.19 -6.84
CA ALA B 405 34.72 18.85 -6.80
C ALA B 405 34.25 18.08 -8.04
N LEU B 406 34.84 16.92 -8.28
CA LEU B 406 34.45 16.11 -9.44
C LEU B 406 34.20 14.67 -9.08
N VAL B 407 33.19 14.07 -9.70
CA VAL B 407 32.91 12.67 -9.48
C VAL B 407 33.17 12.03 -10.84
N GLY B 408 34.34 11.41 -10.97
CA GLY B 408 34.70 10.80 -12.23
C GLY B 408 34.16 9.40 -12.35
N VAL B 409 33.51 9.11 -13.47
CA VAL B 409 32.95 7.79 -13.68
C VAL B 409 33.69 7.13 -14.83
N TYR B 410 34.09 5.88 -14.64
CA TYR B 410 34.79 5.15 -15.68
C TYR B 410 34.35 3.70 -15.68
N ARG B 411 34.57 3.02 -16.80
CA ARG B 411 34.20 1.61 -16.90
C ARG B 411 35.42 0.76 -16.58
N GLN B 412 35.17 -0.48 -16.17
CA GLN B 412 36.22 -1.43 -15.85
C GLN B 412 35.71 -2.68 -16.56
N GLN B 413 35.92 -2.68 -17.88
CA GLN B 413 35.47 -3.74 -18.77
C GLN B 413 35.57 -5.20 -18.32
N GLN B 414 36.66 -5.58 -17.66
CA GLN B 414 36.80 -6.97 -17.20
C GLN B 414 35.63 -7.25 -16.25
N GLU B 415 35.54 -6.42 -15.23
CA GLU B 415 34.53 -6.51 -14.21
C GLU B 415 33.14 -6.07 -14.68
N ASN B 416 33.06 -5.53 -15.90
CA ASN B 416 31.81 -5.05 -16.49
C ASN B 416 30.98 -4.24 -15.48
N SER B 417 31.54 -3.13 -15.03
CA SER B 417 30.87 -2.29 -14.05
C SER B 417 31.39 -0.86 -14.11
N SER B 418 30.60 0.08 -13.63
CA SER B 418 31.05 1.46 -13.62
C SER B 418 31.81 1.59 -12.31
N LYS B 419 32.71 2.55 -12.24
CA LYS B 419 33.49 2.76 -11.02
C LYS B 419 33.59 4.24 -10.75
N ILE B 420 33.95 4.58 -9.51
CA ILE B 420 34.03 5.97 -9.13
C ILE B 420 35.35 6.36 -8.48
N ILE B 421 35.81 7.57 -8.76
CA ILE B 421 36.99 8.12 -8.12
C ILE B 421 36.61 9.59 -7.96
N THR B 422 37.07 10.21 -6.89
CA THR B 422 36.73 11.61 -6.65
C THR B 422 37.96 12.48 -6.61
N LEU B 423 37.74 13.77 -6.86
CA LEU B 423 38.81 14.75 -6.88
C LEU B 423 38.27 16.08 -6.38
N ASP B 424 39.03 16.76 -5.53
CA ASP B 424 38.62 18.05 -5.01
C ASP B 424 39.34 19.16 -5.76
N LEU B 425 38.61 19.94 -6.55
CA LEU B 425 39.21 21.04 -7.32
C LEU B 425 39.32 22.36 -6.59
N SER B 426 38.87 22.43 -5.34
CA SER B 426 38.93 23.70 -4.60
C SER B 426 40.35 24.08 -4.22
N ASN B 427 41.27 23.14 -4.44
CA ASN B 427 42.69 23.32 -4.14
C ASN B 427 43.48 23.91 -5.32
N TYR B 428 43.20 23.45 -6.54
CA TYR B 428 43.89 23.91 -7.74
C TYR B 428 43.44 25.29 -8.22
N GLY C 2 -42.31 -0.80 7.87
CA GLY C 2 -41.27 0.27 7.77
C GLY C 2 -39.91 -0.31 8.06
N ARG C 3 -38.85 0.38 7.65
CA ARG C 3 -37.48 -0.11 7.86
C ARG C 3 -36.61 0.84 8.62
N LEU C 4 -35.56 0.31 9.21
CA LEU C 4 -34.61 1.14 9.93
C LEU C 4 -33.57 1.52 8.89
N VAL C 5 -33.70 2.73 8.33
CA VAL C 5 -32.80 3.25 7.30
C VAL C 5 -31.39 3.60 7.77
N GLY C 6 -31.28 4.18 8.96
CA GLY C 6 -29.98 4.56 9.49
C GLY C 6 -30.06 5.08 10.91
N LEU C 7 -28.90 5.39 11.48
CA LEU C 7 -28.85 5.90 12.84
C LEU C 7 -27.82 7.01 12.87
N GLU C 8 -27.87 7.81 13.92
CA GLU C 8 -26.91 8.88 14.10
C GLU C 8 -26.65 8.93 15.60
N LEU C 9 -25.40 8.71 15.98
CA LEU C 9 -25.07 8.71 17.39
C LEU C 9 -24.19 9.90 17.70
N SER C 10 -24.35 10.47 18.89
CA SER C 10 -23.53 11.58 19.34
C SER C 10 -23.02 11.27 20.75
N ASN C 11 -21.73 10.96 20.85
CA ASN C 11 -21.13 10.61 22.12
C ASN C 11 -21.95 9.55 22.82
N PHE C 12 -22.39 8.52 22.09
CA PHE C 12 -23.22 7.48 22.70
C PHE C 12 -22.53 6.58 23.71
N LYS C 13 -21.53 5.80 23.29
CA LYS C 13 -20.88 5.00 24.31
C LYS C 13 -19.42 5.00 23.99
N SER C 14 -19.03 4.24 22.99
CA SER C 14 -17.65 4.21 22.57
C SER C 14 -17.62 4.98 21.24
N TYR C 15 -18.76 5.54 20.87
CA TYR C 15 -18.83 6.31 19.63
C TYR C 15 -18.74 7.82 19.83
N ARG C 16 -17.53 8.24 20.23
CA ARG C 16 -17.19 9.64 20.48
C ARG C 16 -17.54 10.52 19.28
N GLY C 17 -18.12 11.69 19.54
CA GLY C 17 -18.49 12.59 18.46
C GLY C 17 -19.77 12.24 17.73
N VAL C 18 -19.82 12.48 16.43
CA VAL C 18 -21.02 12.16 15.66
C VAL C 18 -20.74 11.00 14.70
N THR C 19 -21.57 9.98 14.77
CA THR C 19 -21.40 8.81 13.92
C THR C 19 -22.66 8.58 13.11
N LYS C 20 -22.49 8.27 11.85
CA LYS C 20 -23.64 8.00 11.01
C LYS C 20 -23.55 6.58 10.53
N VAL C 21 -24.63 5.82 10.68
CA VAL C 21 -24.67 4.45 10.23
C VAL C 21 -25.79 4.33 9.22
N GLY C 22 -25.46 3.96 7.98
CA GLY C 22 -26.47 3.82 6.96
C GLY C 22 -26.69 2.36 6.60
N PHE C 23 -27.92 1.89 6.68
CA PHE C 23 -28.15 0.49 6.36
C PHE C 23 -28.50 0.32 4.89
N GLY C 24 -28.62 1.44 4.19
CA GLY C 24 -28.95 1.35 2.78
C GLY C 24 -30.23 0.56 2.64
N GLU C 25 -30.39 -0.16 1.53
CA GLU C 25 -31.59 -0.93 1.33
C GLU C 25 -31.45 -2.38 1.75
N SER C 26 -30.45 -2.65 2.57
CA SER C 26 -30.20 -4.00 3.06
C SER C 26 -31.31 -4.46 3.99
N ASN C 27 -31.76 -5.70 3.80
CA ASN C 27 -32.78 -6.27 4.64
C ASN C 27 -32.15 -7.38 5.47
N PHE C 28 -30.84 -7.48 5.34
CA PHE C 28 -30.02 -8.44 6.06
C PHE C 28 -28.66 -7.77 6.20
N THR C 29 -28.48 -7.05 7.30
CA THR C 29 -27.25 -6.35 7.56
C THR C 29 -26.53 -7.01 8.73
N SER C 30 -25.25 -7.29 8.57
CA SER C 30 -24.49 -7.89 9.66
C SER C 30 -23.56 -6.83 10.16
N ILE C 31 -23.48 -6.69 11.48
CA ILE C 31 -22.58 -5.71 12.07
C ILE C 31 -21.42 -6.60 12.49
N ILE C 32 -20.25 -6.37 11.89
CA ILE C 32 -19.07 -7.19 12.19
C ILE C 32 -17.87 -6.35 12.59
N GLY C 33 -16.93 -6.99 13.28
CA GLY C 33 -15.74 -6.30 13.73
C GLY C 33 -15.09 -7.09 14.84
N PRO C 34 -13.84 -6.78 15.20
CA PRO C 34 -13.16 -7.52 16.27
C PRO C 34 -13.79 -7.36 17.65
N ASN C 35 -13.28 -8.10 18.61
CA ASN C 35 -13.78 -8.05 19.98
C ASN C 35 -13.51 -6.64 20.53
N GLY C 36 -14.44 -6.14 21.33
CA GLY C 36 -14.27 -4.82 21.92
C GLY C 36 -14.35 -3.62 20.99
N SER C 37 -14.58 -3.86 19.71
CA SER C 37 -14.64 -2.75 18.77
C SER C 37 -15.84 -1.82 19.00
N GLY C 38 -16.96 -2.37 19.45
CA GLY C 38 -18.13 -1.56 19.72
C GLY C 38 -19.43 -1.97 19.04
N LYS C 39 -19.52 -3.24 18.66
CA LYS C 39 -20.72 -3.71 17.96
C LYS C 39 -21.94 -3.75 18.89
N SER C 40 -21.78 -4.34 20.08
CA SER C 40 -22.87 -4.42 21.04
C SER C 40 -23.30 -3.00 21.43
N ASN C 41 -22.34 -2.07 21.54
CA ASN C 41 -22.69 -0.71 21.89
C ASN C 41 -23.63 -0.18 20.85
N MET C 42 -23.44 -0.63 19.61
CA MET C 42 -24.29 -0.20 18.52
C MET C 42 -25.72 -0.67 18.70
N MET C 43 -25.88 -1.87 19.23
CA MET C 43 -27.22 -2.38 19.46
C MET C 43 -27.78 -1.57 20.63
N ASP C 44 -26.94 -1.31 21.62
CA ASP C 44 -27.33 -0.54 22.77
C ASP C 44 -27.94 0.79 22.34
N ALA C 45 -27.47 1.32 21.22
CA ALA C 45 -27.97 2.58 20.69
C ALA C 45 -29.37 2.37 20.13
N ILE C 46 -29.54 1.30 19.37
CA ILE C 46 -30.85 1.02 18.78
C ILE C 46 -31.88 0.80 19.86
N SER C 47 -31.55 0.01 20.88
CA SER C 47 -32.52 -0.26 21.94
C SER C 47 -32.82 1.04 22.67
N PHE C 48 -31.80 1.89 22.79
CA PHE C 48 -31.95 3.17 23.47
C PHE C 48 -32.97 4.08 22.75
N VAL C 49 -32.78 4.35 21.45
CA VAL C 49 -33.74 5.21 20.75
C VAL C 49 -35.15 4.70 20.83
N LEU C 50 -35.31 3.38 20.89
CA LEU C 50 -36.66 2.82 20.95
C LEU C 50 -37.22 2.84 22.37
N GLY C 51 -36.41 3.31 23.31
CA GLY C 51 -36.81 3.44 24.70
C GLY C 51 -36.98 2.16 25.48
N VAL C 52 -35.91 1.38 25.58
CA VAL C 52 -35.96 0.11 26.29
C VAL C 52 -35.24 0.15 27.62
N ARG C 53 -35.70 -0.66 28.58
CA ARG C 53 -35.07 -0.73 29.90
C ARG C 53 -34.41 -2.12 30.05
N SER C 54 -33.12 -2.18 29.67
CA SER C 54 -32.29 -3.41 29.72
C SER C 54 -33.06 -4.72 29.85
N LEU C 62 -28.37 5.48 33.63
CA LEU C 62 -28.30 5.77 32.20
C LEU C 62 -27.31 6.89 31.87
N LYS C 63 -26.57 7.37 32.86
CA LYS C 63 -25.59 8.43 32.62
C LYS C 63 -24.29 7.75 32.19
N ASP C 64 -24.24 6.44 32.47
CA ASP C 64 -23.08 5.63 32.13
C ASP C 64 -22.97 5.33 30.65
N LEU C 65 -23.97 5.81 29.90
CA LEU C 65 -23.95 5.71 28.44
C LEU C 65 -23.08 6.94 28.23
N ILE C 66 -23.45 7.92 27.41
CA ILE C 66 -22.60 9.13 27.28
C ILE C 66 -21.08 8.84 27.21
N TYR C 67 -20.47 9.06 26.05
CA TYR C 67 -19.03 8.81 25.87
C TYR C 67 -18.10 9.26 27.02
N ARG C 68 -16.97 8.57 27.18
CA ARG C 68 -15.99 8.92 28.23
C ARG C 68 -14.50 8.94 27.82
N GLY C 69 -13.62 9.06 28.82
CA GLY C 69 -12.20 9.10 28.52
C GLY C 69 -11.28 9.16 29.73
N PRO C 89 -17.99 15.90 27.76
CA PRO C 89 -19.24 15.44 27.11
C PRO C 89 -20.36 15.36 28.16
N GLN C 90 -21.32 16.28 28.08
CA GLN C 90 -22.40 16.30 29.08
C GLN C 90 -23.71 15.64 28.69
N SER C 91 -23.90 15.42 27.39
CA SER C 91 -25.12 14.78 26.92
C SER C 91 -24.85 13.90 25.71
N ALA C 92 -25.72 12.91 25.51
CA ALA C 92 -25.59 12.00 24.39
C ALA C 92 -26.94 11.84 23.78
N TYR C 93 -27.00 11.54 22.50
CA TYR C 93 -28.26 11.35 21.84
C TYR C 93 -28.11 10.34 20.73
N VAL C 94 -29.22 9.73 20.32
CA VAL C 94 -29.22 8.77 19.24
C VAL C 94 -30.42 9.09 18.37
N LYS C 95 -30.26 8.98 17.05
CA LYS C 95 -31.38 9.24 16.15
C LYS C 95 -31.56 8.01 15.30
N ALA C 96 -32.81 7.70 14.98
CA ALA C 96 -33.10 6.55 14.15
C ALA C 96 -33.92 7.11 13.01
N PHE C 97 -33.66 6.65 11.79
CA PHE C 97 -34.41 7.11 10.64
C PHE C 97 -35.29 6.00 10.14
N TYR C 98 -36.52 6.03 10.65
CA TYR C 98 -37.56 5.04 10.35
C TYR C 98 -38.30 5.38 9.08
N GLN C 99 -38.56 4.37 8.26
CA GLN C 99 -39.26 4.56 7.00
C GLN C 99 -40.74 4.19 7.14
N LYS C 100 -41.58 5.17 7.48
CA LYS C 100 -43.02 4.93 7.62
C LYS C 100 -43.73 5.41 6.35
N GLY C 101 -43.91 4.50 5.39
CA GLY C 101 -44.56 4.85 4.15
C GLY C 101 -43.67 5.69 3.27
N ASN C 102 -44.21 6.79 2.76
CA ASN C 102 -43.46 7.70 1.88
C ASN C 102 -42.51 8.55 2.68
N LYS C 103 -42.96 8.98 3.85
CA LYS C 103 -42.16 9.84 4.71
C LYS C 103 -41.11 9.10 5.54
N LEU C 104 -40.01 9.79 5.80
CA LEU C 104 -38.92 9.26 6.60
C LEU C 104 -38.98 9.94 7.96
N VAL C 105 -39.39 9.22 8.98
CA VAL C 105 -39.50 9.76 10.33
C VAL C 105 -38.20 9.70 11.11
N GLU C 106 -37.87 10.81 11.79
CA GLU C 106 -36.67 10.89 12.60
C GLU C 106 -37.01 10.73 14.07
N LEU C 107 -36.55 9.63 14.67
CA LEU C 107 -36.81 9.39 16.09
C LEU C 107 -35.54 9.73 16.84
N MET C 108 -35.66 10.59 17.84
CA MET C 108 -34.48 10.96 18.62
C MET C 108 -34.70 10.77 20.11
N ARG C 109 -33.61 10.53 20.83
CA ARG C 109 -33.70 10.40 22.27
C ARG C 109 -32.42 10.98 22.85
N ILE C 110 -32.54 11.72 23.95
CA ILE C 110 -31.38 12.35 24.54
C ILE C 110 -31.19 12.04 26.01
N ILE C 111 -29.95 12.04 26.48
CA ILE C 111 -29.68 11.83 27.90
C ILE C 111 -28.69 12.89 28.33
N SER C 112 -29.02 13.59 29.41
CA SER C 112 -28.13 14.61 29.96
C SER C 112 -27.40 13.87 31.06
N ARG C 113 -26.28 14.40 31.50
CA ARG C 113 -25.51 13.72 32.53
C ARG C 113 -26.29 13.50 33.82
N ASN C 114 -27.34 14.31 34.04
CA ASN C 114 -28.17 14.20 35.24
C ASN C 114 -29.15 13.02 35.22
N GLY C 115 -29.39 12.46 34.03
CA GLY C 115 -30.29 11.31 33.93
C GLY C 115 -31.57 11.64 33.20
N ASP C 116 -31.79 12.92 32.96
CA ASP C 116 -32.98 13.38 32.28
C ASP C 116 -33.06 13.02 30.80
N THR C 117 -33.99 12.12 30.45
CA THR C 117 -34.15 11.78 29.06
C THR C 117 -35.23 12.65 28.43
N SER C 118 -35.20 12.73 27.11
CA SER C 118 -36.14 13.53 26.36
C SER C 118 -36.35 12.83 25.03
N TYR C 119 -37.57 12.86 24.49
CA TYR C 119 -37.81 12.22 23.20
C TYR C 119 -38.25 13.24 22.18
N LYS C 120 -38.00 12.96 20.91
CA LYS C 120 -38.39 13.87 19.84
C LYS C 120 -38.78 13.10 18.60
N ILE C 121 -39.75 13.63 17.87
CA ILE C 121 -40.18 12.99 16.65
C ILE C 121 -40.17 14.02 15.52
N ASP C 122 -39.32 13.79 14.53
CA ASP C 122 -39.21 14.70 13.40
C ASP C 122 -38.76 16.07 13.88
N GLY C 123 -37.99 16.08 14.96
CA GLY C 123 -37.48 17.34 15.48
C GLY C 123 -38.23 17.89 16.68
N LYS C 124 -39.55 17.71 16.67
CA LYS C 124 -40.40 18.22 17.74
C LYS C 124 -40.47 17.29 18.94
N THR C 125 -40.18 17.84 20.13
CA THR C 125 -40.21 17.08 21.39
C THR C 125 -41.58 16.46 21.64
N VAL C 126 -41.59 15.32 22.33
CA VAL C 126 -42.83 14.62 22.69
C VAL C 126 -42.61 13.84 23.98
N SER C 127 -43.70 13.24 24.48
CA SER C 127 -43.67 12.46 25.72
C SER C 127 -43.59 10.97 25.46
N TYR C 128 -43.07 10.23 26.42
CA TYR C 128 -42.92 8.78 26.28
C TYR C 128 -44.21 8.10 25.84
N LYS C 129 -45.35 8.65 26.25
CA LYS C 129 -46.63 8.06 25.88
C LYS C 129 -46.85 8.25 24.39
N ASP C 130 -46.60 9.46 23.90
CA ASP C 130 -46.76 9.74 22.48
C ASP C 130 -45.81 8.79 21.73
N TYR C 131 -44.52 8.95 22.01
CA TYR C 131 -43.44 8.16 21.42
C TYR C 131 -43.83 6.69 21.31
N SER C 132 -43.96 6.05 22.47
CA SER C 132 -44.31 4.65 22.54
C SER C 132 -45.48 4.29 21.62
N ILE C 133 -46.56 5.06 21.68
CA ILE C 133 -47.71 4.78 20.83
C ILE C 133 -47.26 4.74 19.38
N PHE C 134 -46.38 5.65 19.01
CA PHE C 134 -45.88 5.69 17.64
C PHE C 134 -45.27 4.35 17.25
N LEU C 135 -44.35 3.88 18.10
CA LEU C 135 -43.64 2.62 17.90
C LEU C 135 -44.56 1.42 17.95
N GLU C 136 -45.40 1.37 18.97
CA GLU C 136 -46.34 0.29 19.17
C GLU C 136 -47.22 0.13 17.93
N ASN C 137 -47.63 1.24 17.34
CA ASN C 137 -48.46 1.19 16.14
C ASN C 137 -47.63 0.81 14.94
N GLU C 138 -46.41 0.37 15.20
CA GLU C 138 -45.46 -0.02 14.16
C GLU C 138 -45.00 -1.43 14.47
N ASN C 139 -45.59 -2.01 15.51
CA ASN C 139 -45.27 -3.35 15.95
C ASN C 139 -43.92 -3.45 16.61
N ILE C 140 -43.41 -2.31 17.04
CA ILE C 140 -42.16 -2.23 17.76
C ILE C 140 -42.61 -2.15 19.22
N LEU C 141 -42.67 -3.29 19.88
CA LEU C 141 -43.12 -3.36 21.28
C LEU C 141 -41.97 -3.42 22.28
N ILE C 142 -41.41 -2.28 22.63
CA ILE C 142 -40.31 -2.23 23.59
C ILE C 142 -40.61 -2.97 24.89
N LYS C 143 -41.90 -3.15 25.17
CA LYS C 143 -42.37 -3.83 26.38
C LYS C 143 -41.91 -5.29 26.41
N ALA C 144 -42.23 -6.00 25.34
CA ALA C 144 -41.88 -7.41 25.23
C ALA C 144 -40.43 -7.60 24.86
N LYS C 145 -39.83 -6.61 24.20
CA LYS C 145 -38.43 -6.66 23.77
C LYS C 145 -38.18 -7.91 22.91
N ASN C 146 -39.26 -8.55 22.47
CA ASN C 146 -39.17 -9.77 21.68
C ASN C 146 -38.53 -9.63 20.30
N PHE C 147 -38.05 -8.45 19.94
CA PHE C 147 -37.41 -8.27 18.63
C PHE C 147 -35.93 -7.95 18.81
N LEU C 148 -35.48 -7.97 20.06
CA LEU C 148 -34.10 -7.70 20.41
C LEU C 148 -33.49 -8.85 21.20
N VAL C 149 -32.46 -9.51 20.68
CA VAL C 149 -31.83 -10.57 21.47
C VAL C 149 -30.43 -10.04 21.81
N PHE C 150 -30.22 -9.64 23.07
CA PHE C 150 -28.94 -9.11 23.50
C PHE C 150 -27.91 -10.20 23.65
N GLN C 151 -26.64 -9.81 23.54
CA GLN C 151 -25.55 -10.76 23.63
C GLN C 151 -25.66 -11.70 24.82
N GLY C 152 -25.42 -12.98 24.60
CA GLY C 152 -25.47 -13.96 25.66
C GLY C 152 -26.83 -14.33 26.17
N ASP C 153 -27.89 -13.81 25.57
CA ASP C 153 -29.24 -14.12 26.06
C ASP C 153 -30.09 -15.08 25.25
N VAL C 154 -29.70 -15.35 24.01
CA VAL C 154 -30.49 -16.20 23.13
C VAL C 154 -30.99 -17.51 23.73
N GLU C 155 -30.12 -18.28 24.38
CA GLU C 155 -30.56 -19.56 24.93
C GLU C 155 -31.68 -19.45 25.98
N GLN C 156 -31.71 -18.36 26.72
CA GLN C 156 -32.74 -18.18 27.73
C GLN C 156 -34.14 -18.13 27.17
N ILE C 157 -34.29 -17.70 25.92
CA ILE C 157 -35.63 -17.64 25.32
C ILE C 157 -36.29 -19.02 25.42
N ALA C 158 -35.47 -20.06 25.32
CA ALA C 158 -35.96 -21.43 25.40
C ALA C 158 -35.93 -21.92 26.83
N ALA C 159 -34.75 -21.77 27.44
CA ALA C 159 -34.50 -22.21 28.80
C ALA C 159 -35.25 -21.49 29.92
N GLN C 160 -36.04 -20.47 29.60
CA GLN C 160 -36.78 -19.79 30.64
C GLN C 160 -37.83 -20.75 31.21
N SER C 161 -38.38 -20.39 32.36
CA SER C 161 -39.38 -21.22 33.04
C SER C 161 -40.75 -21.06 32.42
N PRO C 162 -41.57 -22.12 32.51
CA PRO C 162 -42.93 -22.07 31.95
C PRO C 162 -43.66 -20.86 32.48
N VAL C 163 -43.37 -20.50 33.71
CA VAL C 163 -44.01 -19.34 34.32
C VAL C 163 -43.55 -18.09 33.58
N GLU C 164 -42.24 -18.01 33.36
CA GLU C 164 -41.66 -16.87 32.67
C GLU C 164 -42.17 -16.74 31.23
N LEU C 165 -42.17 -17.86 30.50
CA LEU C 165 -42.64 -17.88 29.12
C LEU C 165 -44.09 -17.43 29.08
N SER C 166 -44.83 -17.78 30.12
CA SER C 166 -46.23 -17.40 30.17
C SER C 166 -46.30 -15.89 30.34
N ARG C 167 -45.42 -15.40 31.20
CA ARG C 167 -45.36 -13.97 31.47
C ARG C 167 -45.11 -13.24 30.15
N MET C 168 -44.22 -13.81 29.35
CA MET C 168 -43.88 -13.22 28.07
C MET C 168 -45.07 -13.20 27.13
N PHE C 169 -45.87 -14.26 27.14
CA PHE C 169 -47.01 -14.23 26.24
C PHE C 169 -47.95 -13.10 26.66
N GLU C 170 -48.12 -12.92 27.96
CA GLU C 170 -48.97 -11.86 28.47
C GLU C 170 -48.52 -10.56 27.82
N GLU C 171 -47.21 -10.33 27.91
CA GLU C 171 -46.52 -9.15 27.39
C GLU C 171 -46.65 -8.93 25.88
N VAL C 172 -46.43 -9.97 25.09
CA VAL C 172 -46.52 -9.89 23.64
C VAL C 172 -47.94 -9.67 23.18
N SER C 173 -48.89 -10.31 23.85
CA SER C 173 -50.29 -10.19 23.47
C SER C 173 -51.01 -8.96 24.04
N GLY C 174 -50.57 -8.49 25.20
CA GLY C 174 -51.19 -7.32 25.78
C GLY C 174 -52.01 -7.62 27.02
N SER C 175 -52.39 -8.89 27.17
CA SER C 175 -53.17 -9.31 28.32
C SER C 175 -52.47 -8.87 29.61
N ILE C 176 -51.21 -8.48 29.50
CA ILE C 176 -50.49 -8.04 30.69
C ILE C 176 -51.14 -6.77 31.23
N GLN C 177 -51.99 -6.14 30.43
CA GLN C 177 -52.67 -4.92 30.89
C GLN C 177 -53.75 -5.26 31.91
N TYR C 178 -54.71 -6.10 31.52
CA TYR C 178 -55.78 -6.52 32.41
C TYR C 178 -55.29 -7.15 33.71
N LYS C 179 -54.00 -7.42 33.79
CA LYS C 179 -53.38 -8.05 34.98
C LYS C 179 -53.70 -7.38 36.30
N LYS C 180 -53.26 -6.13 36.47
CA LYS C 180 -53.46 -5.40 37.70
C LYS C 180 -54.92 -5.34 38.18
N GLU C 181 -55.84 -4.99 37.29
CA GLU C 181 -57.25 -4.93 37.68
C GLU C 181 -57.76 -6.30 38.10
N TYR C 182 -57.45 -7.30 37.27
CA TYR C 182 -57.85 -8.68 37.53
C TYR C 182 -57.45 -9.14 38.94
N GLU C 183 -56.23 -8.81 39.37
CA GLU C 183 -55.72 -9.21 40.69
C GLU C 183 -56.56 -8.71 41.87
N GLU C 184 -56.97 -7.44 41.80
CA GLU C 184 -57.77 -6.80 42.85
C GLU C 184 -59.19 -7.37 42.93
N LEU C 185 -59.95 -7.22 41.85
CA LEU C 185 -61.32 -7.71 41.83
C LEU C 185 -61.36 -9.18 42.27
N LYS C 186 -60.23 -9.86 42.14
CA LYS C 186 -60.14 -11.27 42.55
C LYS C 186 -59.95 -11.32 44.04
N GLU C 187 -59.15 -10.40 44.57
CA GLU C 187 -58.91 -10.36 45.99
C GLU C 187 -60.18 -9.97 46.75
N LYS C 188 -60.82 -8.88 46.32
CA LYS C 188 -62.06 -8.43 46.98
C LYS C 188 -62.98 -9.60 47.30
N ILE C 189 -63.28 -10.40 46.28
CA ILE C 189 -64.15 -11.56 46.45
C ILE C 189 -63.50 -12.63 47.34
N LYS C 253 -72.03 -8.95 41.96
CA LYS C 253 -72.08 -7.59 41.43
C LYS C 253 -70.69 -7.12 40.96
N ILE C 254 -69.67 -7.34 41.80
CA ILE C 254 -68.30 -6.98 41.47
C ILE C 254 -67.78 -8.19 40.72
N LEU C 255 -68.44 -9.32 40.97
CA LEU C 255 -68.10 -10.58 40.34
C LEU C 255 -68.38 -10.50 38.84
N ASN C 256 -68.79 -9.32 38.37
CA ASN C 256 -69.05 -9.16 36.95
C ASN C 256 -67.92 -8.40 36.29
N GLN C 257 -67.38 -7.41 37.00
CA GLN C 257 -66.26 -6.63 36.46
C GLN C 257 -65.11 -7.63 36.36
N PHE C 258 -65.15 -8.66 37.19
CA PHE C 258 -64.12 -9.70 37.18
C PHE C 258 -64.34 -10.59 35.96
N LEU C 259 -65.44 -11.35 35.97
CA LEU C 259 -65.75 -12.24 34.85
C LEU C 259 -65.83 -11.49 33.53
N LYS C 260 -65.61 -10.18 33.57
CA LYS C 260 -65.64 -9.33 32.39
C LYS C 260 -64.20 -9.04 31.99
N ILE C 261 -63.38 -8.72 32.98
CA ILE C 261 -61.97 -8.44 32.75
C ILE C 261 -61.28 -9.76 32.46
N LYS C 262 -61.56 -10.78 33.27
CA LYS C 262 -60.97 -12.10 33.09
C LYS C 262 -61.23 -12.66 31.70
N LYS C 263 -62.37 -12.30 31.12
CA LYS C 263 -62.74 -12.77 29.78
C LYS C 263 -61.82 -12.14 28.74
N LYS C 264 -61.52 -10.86 28.91
CA LYS C 264 -60.65 -10.17 27.96
C LYS C 264 -59.21 -10.65 28.11
N ARG C 265 -58.71 -10.61 29.34
CA ARG C 265 -57.34 -11.05 29.61
C ARG C 265 -57.07 -12.44 29.06
N LYS C 266 -58.03 -13.33 29.23
CA LYS C 266 -57.89 -14.69 28.74
C LYS C 266 -58.01 -14.73 27.22
N GLU C 267 -59.13 -14.24 26.71
CA GLU C 267 -59.38 -14.22 25.27
C GLU C 267 -58.22 -13.62 24.46
N LEU C 268 -57.65 -12.54 24.97
CA LEU C 268 -56.52 -11.89 24.31
C LEU C 268 -55.34 -12.87 24.34
N PHE C 269 -54.83 -13.14 25.55
CA PHE C 269 -53.72 -14.06 25.76
C PHE C 269 -53.76 -15.31 24.89
N GLU C 270 -54.95 -15.87 24.71
CA GLU C 270 -55.07 -17.09 23.93
C GLU C 270 -55.04 -16.83 22.44
N LYS C 271 -55.41 -15.61 22.04
CA LYS C 271 -55.42 -15.24 20.63
C LYS C 271 -54.00 -15.29 20.11
N THR C 272 -53.08 -14.65 20.84
CA THR C 272 -51.67 -14.62 20.48
C THR C 272 -51.13 -16.02 20.53
N PHE C 273 -51.32 -16.65 21.68
CA PHE C 273 -50.85 -17.99 21.87
C PHE C 273 -51.22 -18.97 20.74
N ASP C 274 -52.48 -18.99 20.33
CA ASP C 274 -52.87 -19.90 19.26
C ASP C 274 -52.07 -19.68 17.97
N TYR C 275 -51.93 -18.42 17.58
CA TYR C 275 -51.20 -18.11 16.36
C TYR C 275 -49.78 -18.63 16.48
N VAL C 276 -49.09 -18.25 17.56
CA VAL C 276 -47.72 -18.70 17.77
C VAL C 276 -47.60 -20.22 17.78
N SER C 277 -48.50 -20.88 18.50
CA SER C 277 -48.46 -22.33 18.58
C SER C 277 -48.61 -22.95 17.20
N ASP C 278 -49.54 -22.44 16.41
CA ASP C 278 -49.75 -22.98 15.07
C ASP C 278 -48.56 -22.83 14.13
N HIS C 279 -47.79 -21.73 14.27
CA HIS C 279 -46.64 -21.51 13.41
C HIS C 279 -45.31 -22.02 13.95
N LEU C 280 -45.31 -22.41 15.22
CA LEU C 280 -44.08 -22.90 15.86
C LEU C 280 -43.40 -24.08 15.17
N ASP C 281 -44.12 -25.18 15.00
CA ASP C 281 -43.56 -26.38 14.39
C ASP C 281 -42.96 -26.21 12.99
N ALA C 282 -43.59 -25.41 12.14
CA ALA C 282 -43.03 -25.24 10.80
C ALA C 282 -41.71 -24.51 10.92
N ILE C 283 -41.69 -23.46 11.74
CA ILE C 283 -40.48 -22.69 11.90
C ILE C 283 -39.35 -23.55 12.43
N TYR C 284 -39.65 -24.37 13.44
CA TYR C 284 -38.63 -25.24 14.02
C TYR C 284 -38.11 -26.27 13.01
N ARG C 285 -39.01 -26.85 12.23
CA ARG C 285 -38.59 -27.82 11.22
C ARG C 285 -37.70 -27.15 10.19
N GLU C 286 -38.04 -25.94 9.77
CA GLU C 286 -37.23 -25.24 8.80
C GLU C 286 -35.84 -24.99 9.35
N LEU C 287 -35.73 -24.66 10.64
CA LEU C 287 -34.40 -24.43 11.23
C LEU C 287 -33.67 -25.74 11.51
N THR C 288 -34.36 -26.85 11.30
CA THR C 288 -33.82 -28.17 11.58
C THR C 288 -33.37 -29.08 10.43
N GLY C 300 -37.38 -32.38 12.41
CA GLY C 300 -37.45 -31.93 13.79
C GLY C 300 -38.87 -31.65 14.23
N ASN C 301 -39.08 -31.40 15.53
CA ASN C 301 -40.43 -31.14 16.02
C ASN C 301 -40.55 -30.34 17.32
N ALA C 302 -41.36 -29.27 17.31
CA ALA C 302 -41.52 -28.41 18.50
C ALA C 302 -42.97 -28.07 18.86
N SER C 303 -43.26 -27.81 20.13
CA SER C 303 -44.64 -27.48 20.49
C SER C 303 -44.81 -26.64 21.75
N LEU C 304 -46.00 -26.08 21.93
CA LEU C 304 -46.31 -25.28 23.12
C LEU C 304 -47.52 -25.83 23.84
N THR C 305 -47.60 -25.60 25.14
CA THR C 305 -48.72 -26.12 25.93
C THR C 305 -49.12 -25.28 27.13
N ILE C 306 -50.41 -25.00 27.23
CA ILE C 306 -50.96 -24.22 28.33
C ILE C 306 -51.25 -25.15 29.51
N GLU C 307 -50.70 -24.84 30.68
CA GLU C 307 -50.93 -25.67 31.85
C GLU C 307 -52.31 -25.40 32.42
N ASP C 308 -52.52 -24.22 32.99
CA ASP C 308 -53.84 -23.90 33.56
C ASP C 308 -54.76 -23.43 32.45
N GLU C 309 -55.54 -24.34 31.90
CA GLU C 309 -56.45 -24.01 30.81
C GLU C 309 -57.46 -22.90 31.05
N ASP C 310 -58.00 -22.83 32.25
CA ASP C 310 -58.98 -21.80 32.53
C ASP C 310 -58.30 -20.45 32.67
N GLU C 311 -57.09 -20.45 33.20
CA GLU C 311 -56.35 -19.21 33.39
C GLU C 311 -54.89 -19.39 32.94
N PRO C 312 -54.67 -19.48 31.61
CA PRO C 312 -53.33 -19.66 31.06
C PRO C 312 -52.31 -18.67 31.60
N PHE C 313 -52.75 -17.45 31.86
CA PHE C 313 -51.85 -16.44 32.37
C PHE C 313 -51.48 -16.63 33.82
N ASN C 314 -52.01 -17.67 34.44
CA ASN C 314 -51.73 -17.92 35.86
C ASN C 314 -50.95 -19.21 36.13
N ALA C 315 -50.27 -19.70 35.11
CA ALA C 315 -49.46 -20.91 35.22
C ALA C 315 -48.65 -20.88 33.96
N GLY C 316 -47.50 -21.53 33.98
CA GLY C 316 -46.66 -21.50 32.80
C GLY C 316 -47.14 -22.14 31.51
N ILE C 317 -46.28 -21.99 30.51
CA ILE C 317 -46.49 -22.56 29.19
C ILE C 317 -45.28 -23.47 29.05
N LYS C 318 -45.53 -24.72 28.69
CA LYS C 318 -44.44 -25.65 28.53
C LYS C 318 -44.01 -25.64 27.07
N TYR C 319 -42.73 -25.44 26.83
CA TYR C 319 -42.21 -25.44 25.48
C TYR C 319 -41.44 -26.74 25.27
N HIS C 320 -41.76 -27.44 24.19
CA HIS C 320 -41.10 -28.70 23.88
C HIS C 320 -40.43 -28.64 22.52
N ALA C 321 -39.15 -29.00 22.48
CA ALA C 321 -38.39 -29.01 21.25
C ALA C 321 -37.64 -30.33 21.16
N THR C 322 -37.72 -30.98 20.01
CA THR C 322 -37.06 -32.25 19.81
C THR C 322 -36.22 -32.19 18.56
N PRO C 323 -34.91 -31.97 18.72
CA PRO C 323 -34.08 -31.91 17.52
C PRO C 323 -34.28 -33.16 16.68
N PRO C 324 -34.04 -33.06 15.38
CA PRO C 324 -34.20 -34.18 14.45
C PRO C 324 -33.85 -35.57 14.93
N LEU C 325 -32.71 -36.10 14.49
CA LEU C 325 -32.30 -37.47 14.81
C LEU C 325 -32.35 -37.90 16.27
N LYS C 326 -33.01 -37.14 17.11
CA LYS C 326 -33.10 -37.47 18.53
C LYS C 326 -34.52 -37.68 18.97
N ARG C 327 -34.73 -37.87 20.27
CA ARG C 327 -36.06 -38.08 20.79
C ARG C 327 -36.11 -37.84 22.30
N PHE C 328 -36.45 -36.61 22.67
CA PHE C 328 -36.58 -36.15 24.05
C PHE C 328 -37.45 -34.90 23.96
N LYS C 329 -37.73 -34.25 25.07
CA LYS C 329 -38.56 -33.05 25.00
C LYS C 329 -38.25 -31.95 26.01
N ASP C 330 -37.78 -32.33 27.19
CA ASP C 330 -37.45 -31.35 28.22
C ASP C 330 -36.22 -30.54 27.87
N MET C 331 -36.39 -29.22 27.79
CA MET C 331 -35.30 -28.31 27.45
C MET C 331 -34.02 -28.68 28.21
N GLU C 332 -34.18 -29.39 29.31
CA GLU C 332 -33.07 -29.80 30.15
C GLU C 332 -32.10 -30.73 29.43
N TYR C 333 -32.61 -31.45 28.43
CA TYR C 333 -31.79 -32.40 27.69
C TYR C 333 -31.09 -31.83 26.45
N LEU C 334 -31.55 -30.68 25.97
CA LEU C 334 -30.95 -30.07 24.80
C LEU C 334 -29.55 -29.52 25.11
N SER C 335 -28.65 -29.61 24.13
CA SER C 335 -27.30 -29.09 24.28
C SER C 335 -27.33 -27.59 24.02
N GLY C 336 -26.17 -26.95 24.18
CA GLY C 336 -26.08 -25.53 23.97
C GLY C 336 -26.57 -25.11 22.60
N GLY C 337 -26.05 -25.76 21.55
CA GLY C 337 -26.44 -25.43 20.18
C GLY C 337 -27.90 -25.73 19.91
N GLU C 338 -28.38 -26.86 20.43
CA GLU C 338 -29.76 -27.27 20.26
C GLU C 338 -30.68 -26.28 20.94
N LYS C 339 -30.40 -25.99 22.19
CA LYS C 339 -31.20 -25.02 22.94
C LYS C 339 -31.24 -23.67 22.15
N THR C 340 -30.12 -23.30 21.52
CA THR C 340 -30.07 -22.07 20.74
C THR C 340 -31.06 -22.17 19.58
N VAL C 341 -30.96 -23.23 18.78
CA VAL C 341 -31.86 -23.36 17.64
C VAL C 341 -33.31 -23.36 18.13
N ALA C 342 -33.57 -24.07 19.23
CA ALA C 342 -34.92 -24.10 19.78
C ALA C 342 -35.31 -22.67 20.15
N ALA C 343 -34.41 -21.97 20.84
CA ALA C 343 -34.69 -20.61 21.24
C ALA C 343 -34.96 -19.73 20.02
N LEU C 344 -34.13 -19.85 18.98
CA LEU C 344 -34.37 -19.05 17.81
C LEU C 344 -35.72 -19.37 17.17
N ALA C 345 -36.17 -20.62 17.21
CA ALA C 345 -37.47 -20.92 16.63
C ALA C 345 -38.60 -20.24 17.42
N LEU C 346 -38.57 -20.39 18.75
CA LEU C 346 -39.61 -19.80 19.59
C LEU C 346 -39.66 -18.32 19.32
N LEU C 347 -38.48 -17.69 19.28
CA LEU C 347 -38.33 -16.25 19.05
C LEU C 347 -39.03 -15.85 17.76
N PHE C 348 -38.80 -16.60 16.69
CA PHE C 348 -39.44 -16.31 15.41
C PHE C 348 -40.94 -16.59 15.41
N ALA C 349 -41.35 -17.67 16.06
CA ALA C 349 -42.76 -18.02 16.12
C ALA C 349 -43.51 -16.95 16.91
N ILE C 350 -42.98 -16.54 18.05
CA ILE C 350 -43.63 -15.51 18.85
C ILE C 350 -43.76 -14.22 18.08
N ASN C 351 -42.74 -13.89 17.30
CA ASN C 351 -42.79 -12.65 16.53
C ASN C 351 -43.68 -12.72 15.30
N SER C 352 -44.10 -13.93 14.97
CA SER C 352 -44.95 -14.12 13.81
C SER C 352 -46.37 -13.55 13.94
N TYR C 353 -46.84 -13.35 15.17
CA TYR C 353 -48.19 -12.84 15.39
C TYR C 353 -48.36 -11.40 14.89
N GLN C 354 -47.66 -10.46 15.51
CA GLN C 354 -47.71 -9.06 15.12
C GLN C 354 -46.28 -8.71 14.78
N PRO C 355 -45.82 -9.11 13.59
CA PRO C 355 -44.47 -8.89 13.07
C PRO C 355 -43.80 -7.56 13.34
N SER C 356 -42.63 -7.62 13.99
CA SER C 356 -41.89 -6.40 14.23
C SER C 356 -41.27 -6.17 12.85
N PRO C 357 -40.91 -4.92 12.54
CA PRO C 357 -40.33 -4.71 11.22
C PRO C 357 -38.85 -5.12 11.16
N PHE C 358 -38.25 -5.34 12.32
CA PHE C 358 -36.86 -5.73 12.30
C PHE C 358 -36.35 -6.42 13.55
N PHE C 359 -35.30 -7.20 13.39
CA PHE C 359 -34.69 -7.91 14.49
C PHE C 359 -33.27 -7.41 14.70
N VAL C 360 -32.83 -7.39 15.95
CA VAL C 360 -31.47 -7.01 16.21
C VAL C 360 -30.96 -8.14 17.08
N LEU C 361 -30.26 -9.07 16.44
CA LEU C 361 -29.71 -10.26 17.08
C LEU C 361 -28.22 -10.06 17.35
N ASP C 362 -27.81 -10.08 18.62
CA ASP C 362 -26.39 -9.88 18.91
C ASP C 362 -25.65 -11.15 18.57
N GLU C 363 -25.10 -11.90 19.50
CA GLU C 363 -24.38 -13.07 19.00
C GLU C 363 -25.15 -14.36 19.12
N VAL C 364 -26.34 -14.40 18.54
CA VAL C 364 -27.16 -15.57 18.62
C VAL C 364 -26.48 -16.86 18.17
N ASP C 365 -25.52 -16.76 17.26
CA ASP C 365 -24.85 -17.96 16.75
C ASP C 365 -23.64 -18.50 17.51
N ALA C 366 -23.30 -17.91 18.64
CA ALA C 366 -22.13 -18.35 19.39
C ALA C 366 -21.98 -19.82 19.75
N ALA C 367 -23.09 -20.50 20.00
CA ALA C 367 -23.02 -21.89 20.40
C ALA C 367 -23.24 -22.84 19.23
N LEU C 368 -23.47 -22.30 18.05
CA LEU C 368 -23.75 -23.10 16.90
C LEU C 368 -22.62 -23.75 16.11
N ASP C 369 -23.00 -24.85 15.43
CA ASP C 369 -22.21 -25.69 14.52
C ASP C 369 -21.98 -24.86 13.28
N ILE C 370 -21.18 -25.35 12.36
CA ILE C 370 -21.01 -24.60 11.14
C ILE C 370 -22.25 -24.96 10.34
N THR C 371 -22.74 -26.17 10.55
CA THR C 371 -23.94 -26.60 9.88
C THR C 371 -25.14 -25.77 10.38
N ASN C 372 -25.22 -25.59 11.69
CA ASN C 372 -26.32 -24.82 12.26
C ASN C 372 -26.21 -23.33 11.92
N VAL C 373 -24.99 -22.79 11.92
CA VAL C 373 -24.84 -21.39 11.55
C VAL C 373 -25.48 -21.25 10.18
N GLN C 374 -25.17 -22.19 9.29
CA GLN C 374 -25.72 -22.17 7.94
C GLN C 374 -27.24 -22.13 7.88
N ARG C 375 -27.88 -23.00 8.63
CA ARG C 375 -29.33 -23.06 8.65
C ARG C 375 -29.96 -21.74 9.09
N ILE C 376 -29.32 -21.07 10.07
CA ILE C 376 -29.84 -19.81 10.56
C ILE C 376 -29.64 -18.76 9.48
N ALA C 377 -28.48 -18.80 8.84
CA ALA C 377 -28.19 -17.82 7.79
C ALA C 377 -29.18 -18.03 6.67
N ALA C 378 -29.45 -19.30 6.38
CA ALA C 378 -30.37 -19.66 5.31
C ALA C 378 -31.75 -19.07 5.61
N TYR C 379 -32.25 -19.37 6.81
CA TYR C 379 -33.54 -18.91 7.25
C TYR C 379 -33.62 -17.40 7.12
N ILE C 380 -32.65 -16.69 7.70
CA ILE C 380 -32.63 -15.24 7.63
C ILE C 380 -32.72 -14.76 6.18
N ARG C 381 -31.82 -15.26 5.35
CA ARG C 381 -31.82 -14.87 3.96
C ARG C 381 -33.14 -15.18 3.27
N ARG C 382 -33.64 -16.38 3.52
CA ARG C 382 -34.89 -16.80 2.92
C ARG C 382 -36.09 -15.97 3.37
N HIS C 383 -36.03 -15.38 4.56
CA HIS C 383 -37.15 -14.60 5.09
C HIS C 383 -36.99 -13.10 5.13
N ARG C 384 -35.77 -12.61 4.92
CA ARG C 384 -35.57 -11.17 4.95
C ARG C 384 -36.27 -10.56 3.74
N ASN C 385 -36.77 -9.34 3.88
CA ASN C 385 -37.46 -8.66 2.80
C ASN C 385 -37.78 -7.25 3.27
N PRO C 386 -38.34 -6.40 2.38
CA PRO C 386 -38.65 -5.03 2.79
C PRO C 386 -39.45 -4.90 4.08
N ASP C 387 -40.25 -5.91 4.39
CA ASP C 387 -41.07 -5.88 5.60
C ASP C 387 -40.43 -6.49 6.83
N LEU C 388 -39.40 -7.30 6.65
CA LEU C 388 -38.73 -7.94 7.77
C LEU C 388 -37.22 -7.77 7.56
N GLN C 389 -36.62 -6.88 8.32
CA GLN C 389 -35.20 -6.57 8.20
C GLN C 389 -34.43 -7.20 9.36
N PHE C 390 -33.32 -7.87 9.05
CA PHE C 390 -32.51 -8.51 10.09
C PHE C 390 -31.17 -7.80 10.27
N ILE C 391 -30.89 -7.31 11.47
CA ILE C 391 -29.61 -6.68 11.75
C ILE C 391 -28.96 -7.66 12.69
N VAL C 392 -27.86 -8.28 12.24
CA VAL C 392 -27.16 -9.30 13.01
C VAL C 392 -25.71 -8.99 13.35
N ILE C 393 -25.37 -9.14 14.62
CA ILE C 393 -23.98 -8.95 15.02
C ILE C 393 -23.33 -10.34 15.17
N SER C 394 -22.50 -10.73 14.21
CA SER C 394 -21.85 -12.04 14.28
C SER C 394 -20.34 -11.95 14.05
N LEU C 395 -19.60 -12.88 14.64
CA LEU C 395 -18.16 -12.93 14.46
C LEU C 395 -17.85 -14.01 13.43
N LYS C 396 -18.88 -14.72 12.98
CA LYS C 396 -18.69 -15.82 12.05
C LYS C 396 -18.92 -15.57 10.56
N ASN C 397 -17.85 -15.69 9.75
CA ASN C 397 -17.94 -15.50 8.30
C ASN C 397 -19.12 -16.25 7.75
N THR C 398 -19.32 -17.46 8.25
CA THR C 398 -20.40 -18.31 7.81
C THR C 398 -21.74 -17.59 7.90
N MET C 399 -21.87 -16.69 8.88
CA MET C 399 -23.09 -15.94 9.05
C MET C 399 -23.08 -14.69 8.18
N PHE C 400 -22.09 -13.82 8.35
CA PHE C 400 -22.13 -12.60 7.59
C PHE C 400 -21.80 -12.63 6.11
N GLU C 401 -21.27 -13.74 5.63
CA GLU C 401 -20.97 -13.91 4.20
C GLU C 401 -22.26 -13.72 3.43
N LYS C 402 -23.35 -14.21 4.01
CA LYS C 402 -24.63 -14.17 3.36
C LYS C 402 -25.47 -12.91 3.53
N SER C 403 -24.89 -11.87 4.12
CA SER C 403 -25.60 -10.61 4.29
C SER C 403 -25.84 -9.91 2.97
N ASP C 404 -26.63 -8.84 3.02
CA ASP C 404 -26.89 -8.02 1.85
C ASP C 404 -25.87 -6.93 1.96
N ALA C 405 -25.60 -6.48 3.18
CA ALA C 405 -24.62 -5.42 3.41
C ALA C 405 -23.97 -5.62 4.78
N LEU C 406 -22.85 -4.94 4.99
CA LEU C 406 -22.14 -5.09 6.24
C LEU C 406 -21.81 -3.75 6.87
N VAL C 407 -21.93 -3.67 8.19
CA VAL C 407 -21.58 -2.47 8.90
C VAL C 407 -20.38 -2.88 9.73
N GLY C 408 -19.21 -2.40 9.31
CA GLY C 408 -17.97 -2.75 9.97
C GLY C 408 -17.63 -1.79 11.07
N VAL C 409 -17.35 -2.33 12.26
CA VAL C 409 -16.99 -1.53 13.40
C VAL C 409 -15.53 -1.75 13.73
N TYR C 410 -14.80 -0.68 14.00
CA TYR C 410 -13.39 -0.80 14.38
C TYR C 410 -13.03 0.32 15.35
N ARG C 411 -11.96 0.11 16.11
CA ARG C 411 -11.51 1.12 17.05
C ARG C 411 -10.44 1.94 16.38
N GLN C 412 -10.30 3.18 16.83
CA GLN C 412 -9.29 4.11 16.34
C GLN C 412 -8.70 4.55 17.69
N GLN C 413 -7.77 3.75 18.18
CA GLN C 413 -7.14 3.95 19.49
C GLN C 413 -6.66 5.33 19.87
N GLN C 414 -6.05 6.07 18.93
CA GLN C 414 -5.56 7.42 19.24
C GLN C 414 -6.72 8.24 19.73
N GLU C 415 -7.76 8.27 18.90
CA GLU C 415 -8.99 9.00 19.15
C GLU C 415 -9.88 8.35 20.23
N ASN C 416 -9.55 7.11 20.61
CA ASN C 416 -10.30 6.35 21.61
C ASN C 416 -11.79 6.32 21.32
N SER C 417 -12.14 5.87 20.12
CA SER C 417 -13.54 5.82 19.69
C SER C 417 -13.79 4.69 18.69
N SER C 418 -15.05 4.30 18.56
CA SER C 418 -15.43 3.27 17.61
C SER C 418 -15.75 4.02 16.32
N LYS C 419 -15.52 3.40 15.18
CA LYS C 419 -15.80 4.05 13.91
C LYS C 419 -16.60 3.10 13.06
N ILE C 420 -17.17 3.62 11.98
CA ILE C 420 -18.00 2.82 11.07
C ILE C 420 -17.62 3.00 9.60
N ILE C 421 -17.61 1.90 8.84
CA ILE C 421 -17.38 1.97 7.40
C ILE C 421 -18.43 1.01 6.91
N THR C 422 -18.91 1.17 5.69
CA THR C 422 -19.94 0.27 5.19
C THR C 422 -19.58 -0.35 3.85
N LEU C 423 -20.08 -1.56 3.63
CA LEU C 423 -19.81 -2.30 2.40
C LEU C 423 -21.07 -3.03 1.95
N ASP C 424 -21.39 -2.90 0.67
CA ASP C 424 -22.56 -3.56 0.11
C ASP C 424 -22.11 -4.88 -0.53
N LEU C 425 -22.58 -6.02 0.01
CA LEU C 425 -22.21 -7.33 -0.51
C LEU C 425 -23.11 -7.83 -1.63
N SER C 426 -24.21 -7.13 -1.91
CA SER C 426 -25.13 -7.59 -2.95
C SER C 426 -24.50 -7.59 -4.34
N ASN C 427 -23.34 -6.96 -4.47
CA ASN C 427 -22.63 -6.86 -5.73
C ASN C 427 -21.78 -8.08 -6.08
N TYR C 428 -21.36 -8.83 -5.07
CA TYR C 428 -20.52 -10.01 -5.27
C TYR C 428 -21.33 -11.31 -5.31
N GLY D 2 0.03 -35.65 38.71
CA GLY D 2 -1.15 -36.49 38.32
C GLY D 2 -1.71 -36.10 36.97
N ARG D 3 -2.02 -37.08 36.14
CA ARG D 3 -2.59 -36.81 34.81
C ARG D 3 -3.79 -37.68 34.63
N LEU D 4 -4.73 -37.18 33.85
CA LEU D 4 -5.93 -37.94 33.59
C LEU D 4 -5.61 -38.71 32.31
N VAL D 5 -5.31 -39.99 32.45
CA VAL D 5 -4.97 -40.81 31.30
C VAL D 5 -6.19 -41.26 30.48
N GLY D 6 -7.32 -41.46 31.15
CA GLY D 6 -8.51 -41.89 30.43
C GLY D 6 -9.74 -42.06 31.31
N LEU D 7 -10.87 -42.36 30.70
CA LEU D 7 -12.11 -42.56 31.42
C LEU D 7 -12.86 -43.77 30.87
N GLU D 8 -13.77 -44.29 31.68
CA GLU D 8 -14.59 -45.40 31.26
C GLU D 8 -15.98 -45.04 31.74
N LEU D 9 -16.91 -44.93 30.81
CA LEU D 9 -18.28 -44.57 31.14
C LEU D 9 -19.21 -45.75 30.86
N SER D 10 -20.15 -45.97 31.76
CA SER D 10 -21.13 -47.04 31.63
C SER D 10 -22.53 -46.47 31.75
N ASN D 11 -23.21 -46.36 30.63
CA ASN D 11 -24.56 -45.81 30.62
C ASN D 11 -24.59 -44.49 31.35
N PHE D 12 -23.60 -43.62 31.09
CA PHE D 12 -23.54 -42.36 31.81
C PHE D 12 -24.64 -41.35 31.51
N LYS D 13 -24.72 -40.90 30.28
CA LYS D 13 -25.79 -39.97 29.95
C LYS D 13 -26.23 -40.33 28.57
N SER D 14 -25.52 -39.82 27.59
CA SER D 14 -25.83 -40.14 26.22
C SER D 14 -24.87 -41.23 25.81
N TYR D 15 -24.04 -41.68 26.76
CA TYR D 15 -23.07 -42.73 26.48
C TYR D 15 -23.57 -44.13 26.88
N ARG D 16 -24.44 -44.67 26.04
CA ARG D 16 -25.04 -45.96 26.25
C ARG D 16 -24.00 -47.07 26.27
N GLY D 17 -24.15 -48.02 27.19
CA GLY D 17 -23.19 -49.10 27.28
C GLY D 17 -21.87 -48.73 27.93
N VAL D 18 -20.79 -49.34 27.46
CA VAL D 18 -19.46 -49.07 28.01
C VAL D 18 -18.61 -48.28 27.01
N THR D 19 -18.09 -47.13 27.46
CA THR D 19 -17.29 -46.28 26.60
C THR D 19 -15.94 -46.01 27.22
N LYS D 20 -14.90 -46.13 26.40
CA LYS D 20 -13.55 -45.90 26.89
C LYS D 20 -12.97 -44.71 26.17
N VAL D 21 -12.51 -43.73 26.94
CA VAL D 21 -11.92 -42.56 26.32
C VAL D 21 -10.48 -42.55 26.75
N GLY D 22 -9.55 -42.50 25.81
CA GLY D 22 -8.16 -42.48 26.19
C GLY D 22 -7.53 -41.17 25.77
N PHE D 23 -6.82 -40.52 26.68
CA PHE D 23 -6.22 -39.26 26.30
C PHE D 23 -4.79 -39.47 25.84
N GLY D 24 -4.28 -40.68 26.05
CA GLY D 24 -2.92 -40.97 25.65
C GLY D 24 -1.98 -40.09 26.45
N GLU D 25 -0.88 -39.67 25.85
CA GLU D 25 0.06 -38.83 26.56
C GLU D 25 -0.15 -37.35 26.25
N SER D 26 -1.35 -37.02 25.78
CA SER D 26 -1.68 -35.65 25.42
C SER D 26 -1.83 -34.78 26.65
N ASN D 27 -1.26 -33.59 26.59
CA ASN D 27 -1.37 -32.65 27.72
C ASN D 27 -2.22 -31.47 27.32
N PHE D 28 -2.75 -31.53 26.10
CA PHE D 28 -3.64 -30.51 25.56
C PHE D 28 -4.54 -31.30 24.62
N THR D 29 -5.66 -31.77 25.17
CA THR D 29 -6.63 -32.54 24.40
C THR D 29 -7.87 -31.70 24.13
N SER D 30 -8.38 -31.74 22.91
CA SER D 30 -9.59 -31.01 22.58
C SER D 30 -10.68 -32.05 22.32
N ILE D 31 -11.85 -31.83 22.88
CA ILE D 31 -12.98 -32.74 22.68
C ILE D 31 -13.83 -32.00 21.64
N ILE D 32 -13.92 -32.56 20.43
CA ILE D 32 -14.68 -31.91 19.37
C ILE D 32 -15.75 -32.80 18.79
N GLY D 33 -16.68 -32.17 18.09
CA GLY D 33 -17.80 -32.90 17.53
C GLY D 33 -18.95 -31.95 17.31
N PRO D 34 -19.90 -32.30 16.45
CA PRO D 34 -21.03 -31.41 16.18
C PRO D 34 -21.93 -31.16 17.39
N ASN D 35 -22.87 -30.23 17.22
CA ASN D 35 -23.79 -29.88 18.29
C ASN D 35 -24.61 -31.08 18.71
N GLY D 36 -24.84 -31.21 20.00
CA GLY D 36 -25.63 -32.31 20.52
C GLY D 36 -24.94 -33.66 20.55
N SER D 37 -23.72 -33.76 20.02
CA SER D 37 -23.04 -35.04 19.98
C SER D 37 -22.79 -35.70 21.33
N GLY D 38 -22.60 -34.90 22.38
CA GLY D 38 -22.38 -35.45 23.70
C GLY D 38 -21.07 -35.08 24.36
N LYS D 39 -20.47 -33.96 23.94
CA LYS D 39 -19.21 -33.50 24.49
C LYS D 39 -19.38 -33.01 25.94
N SER D 40 -20.35 -32.13 26.17
CA SER D 40 -20.54 -31.61 27.52
C SER D 40 -20.89 -32.73 28.50
N ASN D 41 -21.57 -33.76 28.02
CA ASN D 41 -21.94 -34.90 28.87
C ASN D 41 -20.62 -35.52 29.28
N MET D 42 -19.65 -35.51 28.37
CA MET D 42 -18.34 -36.05 28.66
C MET D 42 -17.73 -35.33 29.83
N MET D 43 -17.80 -34.00 29.84
CA MET D 43 -17.26 -33.25 30.94
C MET D 43 -18.07 -33.54 32.22
N ASP D 44 -19.36 -33.77 32.04
CA ASP D 44 -20.22 -34.08 33.17
C ASP D 44 -19.71 -35.36 33.83
N ALA D 45 -19.22 -36.28 33.01
CA ALA D 45 -18.69 -37.53 33.53
C ALA D 45 -17.42 -37.27 34.35
N ILE D 46 -16.55 -36.39 33.87
CA ILE D 46 -15.34 -36.07 34.61
C ILE D 46 -15.71 -35.46 35.95
N SER D 47 -16.54 -34.42 35.94
CA SER D 47 -16.86 -33.78 37.19
C SER D 47 -17.61 -34.76 38.09
N PHE D 48 -18.29 -35.73 37.51
CA PHE D 48 -19.02 -36.73 38.28
C PHE D 48 -18.10 -37.65 39.10
N VAL D 49 -17.06 -38.23 38.48
CA VAL D 49 -16.16 -39.12 39.21
C VAL D 49 -15.46 -38.39 40.34
N LEU D 50 -15.11 -37.13 40.10
CA LEU D 50 -14.43 -36.35 41.12
C LEU D 50 -15.32 -35.81 42.26
N GLY D 51 -16.61 -36.16 42.29
CA GLY D 51 -17.50 -35.61 43.32
C GLY D 51 -18.02 -34.35 42.66
N VAL D 52 -18.08 -33.20 43.32
CA VAL D 52 -18.54 -32.00 42.60
C VAL D 52 -20.03 -31.99 42.29
N ARG D 53 -20.78 -31.15 43.02
CA ARG D 53 -22.22 -31.01 42.90
C ARG D 53 -22.57 -29.86 41.91
N SER D 54 -23.85 -29.73 41.54
CA SER D 54 -24.34 -28.69 40.59
C SER D 54 -23.52 -28.63 39.30
N LEU D 62 -29.97 -36.82 40.55
CA LEU D 62 -28.82 -37.69 40.30
C LEU D 62 -29.12 -38.87 39.38
N LYS D 63 -30.32 -39.44 39.55
CA LYS D 63 -30.74 -40.56 38.75
C LYS D 63 -30.92 -40.09 37.31
N ASP D 64 -31.13 -38.79 37.12
CA ASP D 64 -31.34 -38.23 35.78
C ASP D 64 -30.17 -38.45 34.85
N LEU D 65 -29.04 -38.86 35.44
CA LEU D 65 -27.83 -39.22 34.71
C LEU D 65 -28.23 -40.63 34.33
N ILE D 66 -27.31 -41.53 34.01
CA ILE D 66 -27.78 -42.89 33.64
C ILE D 66 -28.62 -42.87 32.35
N TYR D 67 -28.04 -43.44 31.29
CA TYR D 67 -28.66 -43.51 29.98
C TYR D 67 -30.19 -43.76 29.92
N ARG D 68 -30.81 -43.38 28.80
CA ARG D 68 -32.25 -43.56 28.57
C ARG D 68 -32.62 -43.78 27.10
N GLY D 69 -33.77 -44.45 26.90
CA GLY D 69 -34.25 -44.73 25.55
C GLY D 69 -35.61 -44.08 25.33
N PRO D 89 -31.73 -49.75 32.00
CA PRO D 89 -30.50 -49.52 32.77
C PRO D 89 -30.81 -48.94 34.15
N GLN D 90 -30.38 -49.64 35.19
CA GLN D 90 -30.65 -49.21 36.57
C GLN D 90 -29.54 -48.47 37.29
N SER D 91 -28.33 -48.53 36.76
CA SER D 91 -27.20 -47.85 37.40
C SER D 91 -26.18 -47.44 36.35
N ALA D 92 -25.43 -46.41 36.67
CA ALA D 92 -24.41 -45.92 35.75
C ALA D 92 -23.14 -45.68 36.55
N TYR D 93 -22.00 -45.73 35.89
CA TYR D 93 -20.77 -45.48 36.61
C TYR D 93 -19.77 -44.83 35.70
N VAL D 94 -18.77 -44.20 36.30
CA VAL D 94 -17.71 -43.56 35.53
C VAL D 94 -16.37 -43.90 36.21
N LYS D 95 -15.35 -44.18 35.41
CA LYS D 95 -14.04 -44.48 35.97
C LYS D 95 -13.06 -43.50 35.39
N ALA D 96 -12.14 -43.03 36.22
CA ALA D 96 -11.11 -42.10 35.75
C ALA D 96 -9.78 -42.75 36.11
N PHE D 97 -8.85 -42.77 35.15
CA PHE D 97 -7.55 -43.38 35.39
C PHE D 97 -6.47 -42.32 35.60
N TYR D 98 -6.24 -42.04 36.88
CA TYR D 98 -5.29 -41.05 37.34
C TYR D 98 -3.87 -41.60 37.41
N GLN D 99 -2.91 -40.82 36.96
CA GLN D 99 -1.52 -41.22 36.95
C GLN D 99 -0.78 -40.67 38.17
N LYS D 100 -0.84 -41.37 39.29
CA LYS D 100 -0.17 -40.91 40.50
C LYS D 100 1.19 -41.58 40.62
N GLY D 101 2.17 -40.99 39.97
CA GLY D 101 3.52 -41.54 40.01
C GLY D 101 3.67 -42.74 39.11
N ASN D 102 4.35 -43.77 39.61
CA ASN D 102 4.57 -44.99 38.86
C ASN D 102 3.25 -45.73 38.64
N LYS D 103 2.46 -45.82 39.71
CA LYS D 103 1.16 -46.49 39.69
C LYS D 103 0.07 -45.71 38.96
N LEU D 104 -0.93 -46.44 38.48
CA LEU D 104 -2.07 -45.85 37.78
C LEU D 104 -3.32 -46.06 38.65
N VAL D 105 -3.77 -45.04 39.36
CA VAL D 105 -4.94 -45.17 40.24
C VAL D 105 -6.28 -45.13 39.51
N GLU D 106 -7.21 -45.98 39.93
CA GLU D 106 -8.54 -46.03 39.33
C GLU D 106 -9.58 -45.44 40.27
N LEU D 107 -10.16 -44.31 39.86
CA LEU D 107 -11.20 -43.65 40.64
C LEU D 107 -12.53 -44.01 40.01
N MET D 108 -13.46 -44.53 40.80
CA MET D 108 -14.77 -44.92 40.27
C MET D 108 -15.90 -44.36 41.13
N ARG D 109 -17.04 -44.14 40.51
CA ARG D 109 -18.20 -43.65 41.22
C ARG D 109 -19.43 -44.26 40.59
N ILE D 110 -20.38 -44.68 41.42
CA ILE D 110 -21.57 -45.32 40.91
C ILE D 110 -22.86 -44.71 41.42
N ILE D 111 -23.88 -44.69 40.56
CA ILE D 111 -25.19 -44.18 40.95
C ILE D 111 -26.17 -45.28 40.61
N SER D 112 -27.10 -45.53 41.52
CA SER D 112 -28.14 -46.51 41.29
C SER D 112 -29.35 -45.66 41.01
N ARG D 113 -30.41 -46.25 40.46
CA ARG D 113 -31.58 -45.43 40.14
C ARG D 113 -32.22 -44.75 41.35
N ASN D 114 -31.93 -45.24 42.55
CA ASN D 114 -32.48 -44.65 43.77
C ASN D 114 -31.78 -43.36 44.18
N GLY D 115 -30.57 -43.14 43.67
CA GLY D 115 -29.82 -41.94 43.98
C GLY D 115 -28.63 -42.22 44.88
N ASP D 116 -28.44 -43.50 45.22
CA ASP D 116 -27.34 -43.93 46.07
C ASP D 116 -26.00 -44.00 45.36
N THR D 117 -25.10 -43.08 45.69
CA THR D 117 -23.78 -43.08 45.08
C THR D 117 -22.85 -43.96 45.91
N SER D 118 -21.74 -44.33 45.31
CA SER D 118 -20.75 -45.18 45.94
C SER D 118 -19.41 -44.79 45.33
N TYR D 119 -18.37 -44.75 46.14
CA TYR D 119 -17.05 -44.40 45.64
C TYR D 119 -16.07 -45.54 45.83
N LYS D 120 -15.15 -45.69 44.89
CA LYS D 120 -14.16 -46.75 44.98
C LYS D 120 -12.81 -46.21 44.54
N ILE D 121 -11.75 -46.82 45.06
CA ILE D 121 -10.41 -46.46 44.66
C ILE D 121 -9.65 -47.76 44.44
N ASP D 122 -9.16 -47.93 43.22
CA ASP D 122 -8.43 -49.13 42.87
C ASP D 122 -9.28 -50.37 43.17
N GLY D 123 -10.59 -50.25 42.96
CA GLY D 123 -11.47 -51.38 43.18
C GLY D 123 -12.08 -51.51 44.56
N LYS D 124 -11.43 -50.95 45.57
CA LYS D 124 -11.94 -51.05 46.93
C LYS D 124 -12.80 -49.84 47.34
N THR D 125 -14.03 -50.12 47.76
CA THR D 125 -14.97 -49.09 48.19
C THR D 125 -14.38 -48.18 49.27
N VAL D 126 -14.86 -46.94 49.32
CA VAL D 126 -14.41 -45.93 50.30
C VAL D 126 -15.45 -44.81 50.48
N SER D 127 -15.27 -43.96 51.49
CA SER D 127 -16.25 -42.89 51.77
C SER D 127 -15.96 -41.60 51.03
N TYR D 128 -16.97 -40.72 50.97
CA TYR D 128 -16.88 -39.44 50.28
C TYR D 128 -15.92 -38.49 50.96
N LYS D 129 -16.09 -38.34 52.26
CA LYS D 129 -15.25 -37.45 53.03
C LYS D 129 -13.78 -37.80 52.78
N ASP D 130 -13.48 -39.09 52.64
CA ASP D 130 -12.10 -39.52 52.39
C ASP D 130 -11.71 -39.28 50.93
N TYR D 131 -12.68 -39.52 50.04
CA TYR D 131 -12.51 -39.37 48.60
C TYR D 131 -12.18 -37.93 48.33
N SER D 132 -12.88 -37.05 49.06
CA SER D 132 -12.68 -35.62 48.92
C SER D 132 -11.27 -35.21 49.36
N ILE D 133 -10.75 -35.87 50.40
CA ILE D 133 -9.41 -35.55 50.90
C ILE D 133 -8.34 -36.10 49.95
N PHE D 134 -8.64 -37.22 49.31
CA PHE D 134 -7.68 -37.80 48.39
C PHE D 134 -7.42 -36.80 47.26
N LEU D 135 -8.50 -36.27 46.70
CA LEU D 135 -8.41 -35.31 45.61
C LEU D 135 -7.87 -33.97 46.10
N GLU D 136 -8.22 -33.57 47.32
CA GLU D 136 -7.72 -32.30 47.82
C GLU D 136 -6.21 -32.38 47.89
N ASN D 137 -5.69 -33.51 48.37
CA ASN D 137 -4.25 -33.71 48.46
C ASN D 137 -3.62 -33.61 47.09
N GLU D 138 -4.43 -33.75 46.06
CA GLU D 138 -3.94 -33.70 44.68
C GLU D 138 -4.20 -32.33 44.09
N ASN D 139 -4.51 -31.36 44.95
CA ASN D 139 -4.82 -29.99 44.52
C ASN D 139 -6.08 -29.88 43.68
N ILE D 140 -6.96 -30.86 43.83
CA ILE D 140 -8.21 -30.87 43.10
C ILE D 140 -9.30 -30.49 44.10
N LEU D 141 -9.64 -29.22 44.15
CA LEU D 141 -10.65 -28.78 45.09
C LEU D 141 -12.07 -28.94 44.55
N ILE D 142 -12.69 -30.09 44.80
CA ILE D 142 -14.06 -30.31 44.34
C ILE D 142 -14.98 -29.33 45.04
N LYS D 143 -14.40 -28.63 46.00
CA LYS D 143 -15.05 -27.60 46.83
C LYS D 143 -15.21 -26.33 45.98
N ALA D 144 -14.07 -25.77 45.57
CA ALA D 144 -14.00 -24.56 44.78
C ALA D 144 -14.39 -24.75 43.32
N LYS D 145 -14.11 -25.93 42.77
CA LYS D 145 -14.41 -26.21 41.36
C LYS D 145 -13.61 -25.29 40.42
N ASN D 146 -12.58 -24.63 40.95
CA ASN D 146 -11.78 -23.69 40.18
C ASN D 146 -10.93 -24.29 39.06
N PHE D 147 -11.12 -25.57 38.76
CA PHE D 147 -10.38 -26.22 37.69
C PHE D 147 -11.34 -26.70 36.60
N LEU D 148 -12.61 -26.38 36.78
CA LEU D 148 -13.67 -26.75 35.85
C LEU D 148 -14.44 -25.49 35.42
N VAL D 149 -14.59 -25.27 34.12
CA VAL D 149 -15.37 -24.12 33.68
C VAL D 149 -16.41 -24.76 32.78
N PHE D 150 -17.67 -24.79 33.22
CA PHE D 150 -18.74 -25.41 32.43
C PHE D 150 -19.23 -24.50 31.32
N GLN D 151 -19.90 -25.11 30.35
CA GLN D 151 -20.41 -24.39 29.18
C GLN D 151 -21.22 -23.18 29.59
N GLY D 152 -20.95 -22.06 28.94
CA GLY D 152 -21.64 -20.82 29.25
C GLY D 152 -21.25 -20.08 30.52
N ASP D 153 -20.36 -20.62 31.33
CA ASP D 153 -19.99 -19.95 32.59
C ASP D 153 -18.67 -19.19 32.62
N VAL D 154 -17.91 -19.21 31.54
CA VAL D 154 -16.61 -18.55 31.61
C VAL D 154 -16.66 -17.08 32.01
N GLU D 155 -17.47 -16.29 31.33
CA GLU D 155 -17.52 -14.88 31.63
C GLU D 155 -17.85 -14.52 33.07
N GLN D 156 -18.54 -15.42 33.78
CA GLN D 156 -18.90 -15.14 35.17
C GLN D 156 -17.72 -15.09 36.12
N ILE D 157 -16.66 -15.81 35.80
CA ILE D 157 -15.48 -15.83 36.66
C ILE D 157 -15.02 -14.39 36.88
N ALA D 158 -15.16 -13.58 35.84
CA ALA D 158 -14.76 -12.18 35.88
C ALA D 158 -15.86 -11.26 36.39
N ALA D 159 -17.05 -11.45 35.82
CA ALA D 159 -18.21 -10.65 36.15
C ALA D 159 -18.85 -10.95 37.50
N GLN D 160 -18.35 -11.92 38.25
CA GLN D 160 -18.95 -12.20 39.55
C GLN D 160 -18.73 -10.96 40.44
N SER D 161 -19.51 -10.89 41.53
CA SER D 161 -19.43 -9.77 42.46
C SER D 161 -18.20 -9.85 43.35
N PRO D 162 -17.67 -8.70 43.79
CA PRO D 162 -16.50 -8.72 44.66
C PRO D 162 -16.74 -9.59 45.90
N VAL D 163 -17.99 -9.67 46.32
CA VAL D 163 -18.30 -10.50 47.48
C VAL D 163 -18.10 -11.96 47.08
N GLU D 164 -18.66 -12.34 45.94
CA GLU D 164 -18.54 -13.72 45.41
C GLU D 164 -17.09 -14.11 45.17
N LEU D 165 -16.30 -13.19 44.62
CA LEU D 165 -14.88 -13.43 44.33
C LEU D 165 -14.13 -13.64 45.63
N SER D 166 -14.48 -12.88 46.65
CA SER D 166 -13.79 -13.04 47.93
C SER D 166 -14.16 -14.41 48.49
N ARG D 167 -15.44 -14.76 48.36
CA ARG D 167 -15.93 -16.03 48.85
C ARG D 167 -15.10 -17.14 48.22
N MET D 168 -14.80 -16.99 46.92
CA MET D 168 -14.01 -17.98 46.19
C MET D 168 -12.57 -18.14 46.74
N PHE D 169 -11.94 -17.04 47.16
CA PHE D 169 -10.58 -17.12 47.69
C PHE D 169 -10.48 -17.94 48.97
N GLU D 170 -11.50 -17.89 49.82
CA GLU D 170 -11.46 -18.66 51.06
C GLU D 170 -11.43 -20.13 50.69
N GLU D 171 -12.25 -20.48 49.72
CA GLU D 171 -12.41 -21.84 49.22
C GLU D 171 -11.11 -22.51 48.74
N VAL D 172 -10.34 -21.78 47.95
CA VAL D 172 -9.08 -22.27 47.41
C VAL D 172 -8.01 -22.37 48.49
N SER D 173 -7.65 -21.22 49.04
CA SER D 173 -6.65 -21.11 50.10
C SER D 173 -6.92 -22.00 51.33
N GLY D 174 -8.17 -22.01 51.77
CA GLY D 174 -8.53 -22.80 52.94
C GLY D 174 -9.05 -21.94 54.07
N SER D 175 -8.86 -20.63 53.97
CA SER D 175 -9.32 -19.70 55.00
C SER D 175 -10.85 -19.65 55.05
N ILE D 176 -11.48 -20.81 54.87
CA ILE D 176 -12.93 -20.91 54.91
C ILE D 176 -13.23 -21.86 56.06
N GLN D 177 -12.19 -22.52 56.55
CA GLN D 177 -12.36 -23.44 57.68
C GLN D 177 -12.86 -22.58 58.84
N TYR D 178 -11.99 -21.66 59.26
CA TYR D 178 -12.26 -20.74 60.36
C TYR D 178 -13.63 -20.06 60.29
N LYS D 179 -14.24 -20.00 59.12
CA LYS D 179 -15.55 -19.36 58.99
C LYS D 179 -16.52 -19.90 60.03
N LYS D 180 -16.17 -21.02 60.64
CA LYS D 180 -17.02 -21.64 61.65
C LYS D 180 -16.70 -21.10 63.06
N GLU D 181 -15.48 -21.40 63.53
CA GLU D 181 -15.01 -20.99 64.85
C GLU D 181 -14.80 -19.47 65.00
N TYR D 182 -14.75 -18.76 63.88
CA TYR D 182 -14.58 -17.32 63.90
C TYR D 182 -15.94 -16.69 64.17
N GLU D 183 -16.98 -17.28 63.57
CA GLU D 183 -18.34 -16.78 63.74
C GLU D 183 -18.90 -17.03 65.13
N GLU D 184 -18.25 -17.92 65.89
CA GLU D 184 -18.71 -18.25 67.24
C GLU D 184 -18.03 -17.34 68.26
N LEU D 185 -16.70 -17.40 68.29
CA LEU D 185 -15.93 -16.58 69.22
C LEU D 185 -16.28 -15.11 68.99
N LYS D 186 -16.72 -14.80 67.77
CA LYS D 186 -17.09 -13.44 67.42
C LYS D 186 -18.52 -13.13 67.86
N GLU D 187 -19.41 -14.12 67.71
CA GLU D 187 -20.81 -13.93 68.08
C GLU D 187 -20.94 -13.72 69.58
N LYS D 188 -20.03 -14.29 70.35
CA LYS D 188 -20.06 -14.13 71.80
C LYS D 188 -20.01 -12.63 72.14
N ILE D 189 -18.86 -12.04 71.88
CA ILE D 189 -18.63 -10.62 72.14
C ILE D 189 -19.66 -9.74 71.40
N LYS D 253 -11.13 -13.51 77.85
CA LYS D 253 -10.28 -14.61 77.36
C LYS D 253 -10.77 -15.12 76.01
N ILE D 254 -12.09 -15.24 75.87
CA ILE D 254 -12.68 -15.72 74.64
C ILE D 254 -12.48 -14.67 73.54
N LEU D 255 -11.57 -13.74 73.80
CA LEU D 255 -11.25 -12.70 72.85
C LEU D 255 -9.87 -12.98 72.26
N ASN D 256 -9.06 -13.75 72.98
CA ASN D 256 -7.73 -14.09 72.50
C ASN D 256 -7.74 -15.25 71.51
N GLN D 257 -8.62 -16.23 71.74
CA GLN D 257 -8.72 -17.36 70.82
C GLN D 257 -9.27 -16.77 69.52
N PHE D 258 -10.01 -15.67 69.67
CA PHE D 258 -10.61 -14.96 68.54
C PHE D 258 -9.58 -14.12 67.79
N LEU D 259 -8.74 -13.41 68.53
CA LEU D 259 -7.69 -12.60 67.92
C LEU D 259 -6.84 -13.53 67.06
N LYS D 260 -6.48 -14.67 67.65
CA LYS D 260 -5.68 -15.70 66.98
C LYS D 260 -6.32 -16.11 65.65
N ILE D 261 -7.50 -16.73 65.72
CA ILE D 261 -8.21 -17.18 64.52
C ILE D 261 -8.28 -16.12 63.44
N LYS D 262 -8.53 -14.87 63.83
CA LYS D 262 -8.59 -13.81 62.85
C LYS D 262 -7.23 -13.75 62.19
N LYS D 263 -6.19 -13.53 63.00
CA LYS D 263 -4.81 -13.45 62.51
C LYS D 263 -4.45 -14.59 61.55
N LYS D 264 -4.64 -15.83 62.00
CA LYS D 264 -4.33 -17.00 61.19
C LYS D 264 -5.15 -17.05 59.89
N ARG D 265 -6.44 -16.74 59.99
CA ARG D 265 -7.35 -16.74 58.84
C ARG D 265 -6.93 -15.73 57.78
N LYS D 266 -6.53 -14.54 58.24
CA LYS D 266 -6.06 -13.50 57.35
C LYS D 266 -4.76 -13.97 56.70
N GLU D 267 -3.96 -14.72 57.45
CA GLU D 267 -2.69 -15.24 56.94
C GLU D 267 -2.86 -16.30 55.85
N LEU D 268 -3.73 -17.27 56.10
CA LEU D 268 -4.00 -18.34 55.15
C LEU D 268 -4.52 -17.72 53.86
N PHE D 269 -5.57 -16.92 54.01
CA PHE D 269 -6.19 -16.23 52.88
C PHE D 269 -5.13 -15.49 52.06
N GLU D 270 -4.52 -14.47 52.67
CA GLU D 270 -3.51 -13.68 51.98
C GLU D 270 -2.34 -14.48 51.39
N LYS D 271 -2.00 -15.61 51.99
CA LYS D 271 -0.88 -16.40 51.47
C LYS D 271 -1.18 -16.88 50.05
N THR D 272 -2.46 -17.04 49.74
CA THR D 272 -2.88 -17.44 48.40
C THR D 272 -3.18 -16.14 47.65
N PHE D 273 -4.07 -15.34 48.21
CA PHE D 273 -4.44 -14.08 47.57
C PHE D 273 -3.19 -13.39 47.08
N ASP D 274 -2.24 -13.24 47.98
CA ASP D 274 -1.00 -12.58 47.63
C ASP D 274 -0.36 -13.22 46.41
N TYR D 275 -0.25 -14.54 46.43
CA TYR D 275 0.35 -15.27 45.30
C TYR D 275 -0.40 -15.01 44.00
N VAL D 276 -1.71 -15.24 44.03
CA VAL D 276 -2.52 -15.00 42.85
C VAL D 276 -2.30 -13.58 42.35
N SER D 277 -2.49 -12.60 43.22
CA SER D 277 -2.30 -11.21 42.84
C SER D 277 -0.98 -10.96 42.11
N ASP D 278 0.11 -11.44 42.68
CA ASP D 278 1.43 -11.25 42.08
C ASP D 278 1.53 -11.81 40.66
N HIS D 279 0.91 -12.95 40.40
CA HIS D 279 0.98 -13.57 39.07
C HIS D 279 -0.16 -13.18 38.12
N LEU D 280 -1.16 -12.47 38.62
CA LEU D 280 -2.29 -12.09 37.81
C LEU D 280 -1.86 -11.27 36.59
N ASP D 281 -1.25 -10.12 36.82
CA ASP D 281 -0.84 -9.24 35.72
C ASP D 281 -0.01 -9.94 34.64
N ALA D 282 0.93 -10.78 35.03
CA ALA D 282 1.75 -11.46 34.05
C ALA D 282 0.87 -12.30 33.14
N ILE D 283 -0.02 -13.09 33.73
CA ILE D 283 -0.89 -13.94 32.95
C ILE D 283 -1.80 -13.15 32.01
N TYR D 284 -2.44 -12.11 32.53
CA TYR D 284 -3.33 -11.31 31.69
C TYR D 284 -2.57 -10.72 30.50
N ARG D 285 -1.40 -10.16 30.76
CA ARG D 285 -0.60 -9.56 29.69
C ARG D 285 -0.24 -10.60 28.64
N GLU D 286 0.01 -11.83 29.05
CA GLU D 286 0.35 -12.86 28.08
C GLU D 286 -0.85 -13.19 27.22
N LEU D 287 -2.04 -13.21 27.80
CA LEU D 287 -3.25 -13.50 27.04
C LEU D 287 -3.60 -12.31 26.15
N THR D 288 -2.71 -11.32 26.11
CA THR D 288 -2.92 -10.11 25.30
C THR D 288 -1.59 -9.56 24.71
N GLY D 300 -1.79 -4.27 28.02
CA GLY D 300 -2.71 -5.09 28.79
C GLY D 300 -2.38 -5.06 30.27
N ASN D 301 -3.39 -4.91 31.12
CA ASN D 301 -3.12 -4.83 32.56
C ASN D 301 -4.29 -5.24 33.48
N ALA D 302 -4.01 -6.15 34.42
CA ALA D 302 -5.04 -6.61 35.36
C ALA D 302 -4.55 -6.59 36.81
N SER D 303 -5.48 -6.41 37.75
CA SER D 303 -5.12 -6.33 39.16
C SER D 303 -6.24 -6.72 40.13
N LEU D 304 -5.84 -7.14 41.33
CA LEU D 304 -6.78 -7.53 42.38
C LEU D 304 -6.63 -6.61 43.59
N THR D 305 -7.75 -6.24 44.19
CA THR D 305 -7.73 -5.35 45.33
C THR D 305 -8.50 -5.93 46.50
N ILE D 306 -7.99 -5.78 47.72
CA ILE D 306 -8.70 -6.27 48.90
C ILE D 306 -9.45 -5.07 49.48
N GLU D 307 -10.75 -5.23 49.75
CA GLU D 307 -11.54 -4.12 50.29
C GLU D 307 -11.36 -3.90 51.80
N ASP D 308 -11.44 -4.97 52.58
CA ASP D 308 -11.26 -4.90 54.04
C ASP D 308 -9.81 -5.31 54.33
N GLU D 309 -8.91 -4.36 54.16
CA GLU D 309 -7.48 -4.58 54.38
C GLU D 309 -7.18 -5.33 55.68
N ASP D 310 -8.07 -5.19 56.67
CA ASP D 310 -7.86 -5.84 57.96
C ASP D 310 -8.40 -7.27 57.99
N GLU D 311 -9.54 -7.48 57.33
CA GLU D 311 -10.16 -8.79 57.26
C GLU D 311 -10.63 -9.03 55.82
N PRO D 312 -9.69 -9.28 54.91
CA PRO D 312 -10.02 -9.51 53.50
C PRO D 312 -11.16 -10.49 53.27
N PHE D 313 -11.25 -11.51 54.13
CA PHE D 313 -12.29 -12.52 54.00
C PHE D 313 -13.69 -12.05 54.38
N ASN D 314 -13.82 -10.78 54.76
CA ASN D 314 -15.12 -10.26 55.16
C ASN D 314 -15.63 -9.18 54.21
N ALA D 315 -14.80 -8.82 53.25
CA ALA D 315 -15.18 -7.82 52.26
C ALA D 315 -14.68 -8.31 50.92
N GLY D 316 -15.42 -8.00 49.87
CA GLY D 316 -15.03 -8.44 48.54
C GLY D 316 -13.60 -8.13 48.12
N ILE D 317 -13.23 -8.72 47.00
CA ILE D 317 -11.92 -8.53 46.40
C ILE D 317 -12.33 -7.91 45.08
N LYS D 318 -11.73 -6.78 44.71
CA LYS D 318 -12.11 -6.14 43.45
C LYS D 318 -11.17 -6.51 42.31
N TYR D 319 -11.75 -6.99 41.22
CA TYR D 319 -10.98 -7.39 40.05
C TYR D 319 -11.04 -6.34 38.96
N HIS D 320 -9.87 -5.88 38.52
CA HIS D 320 -9.79 -4.87 37.47
C HIS D 320 -8.97 -5.40 36.31
N ALA D 321 -9.49 -5.24 35.11
CA ALA D 321 -8.79 -5.69 33.92
C ALA D 321 -8.96 -4.65 32.82
N THR D 322 -7.83 -4.23 32.27
CA THR D 322 -7.83 -3.24 31.22
C THR D 322 -7.24 -3.82 29.96
N PRO D 323 -8.09 -4.14 28.97
CA PRO D 323 -7.55 -4.71 27.74
C PRO D 323 -6.59 -3.70 27.11
N PRO D 324 -5.55 -4.17 26.41
CA PRO D 324 -4.56 -3.30 25.76
C PRO D 324 -4.97 -1.89 25.30
N LEU D 325 -4.96 -1.65 24.00
CA LEU D 325 -5.27 -0.34 23.43
C LEU D 325 -6.45 0.46 24.01
N LYS D 326 -6.93 0.08 25.19
CA LYS D 326 -8.05 0.78 25.80
C LYS D 326 -7.64 1.30 27.16
N ARG D 327 -8.61 1.80 27.92
CA ARG D 327 -8.31 2.31 29.24
C ARG D 327 -9.56 2.51 30.08
N PHE D 328 -9.93 1.46 30.80
CA PHE D 328 -11.08 1.44 31.68
C PHE D 328 -10.75 0.35 32.68
N LYS D 329 -11.59 0.16 33.68
CA LYS D 329 -11.28 -0.89 34.67
C LYS D 329 -12.47 -1.70 35.15
N ASP D 330 -13.63 -1.07 35.29
CA ASP D 330 -14.83 -1.77 35.75
C ASP D 330 -15.28 -2.83 34.76
N MET D 331 -15.34 -4.08 35.20
CA MET D 331 -15.75 -5.18 34.34
C MET D 331 -17.03 -4.84 33.58
N GLU D 332 -17.76 -3.85 34.08
CA GLU D 332 -19.00 -3.41 33.45
C GLU D 332 -18.77 -2.91 32.04
N TYR D 333 -17.57 -2.40 31.79
CA TYR D 333 -17.21 -1.83 30.49
C TYR D 333 -16.64 -2.82 29.46
N LEU D 334 -16.13 -3.97 29.92
CA LEU D 334 -15.56 -4.96 29.01
C LEU D 334 -16.62 -5.63 28.16
N SER D 335 -16.27 -5.96 26.92
CA SER D 335 -17.20 -6.62 26.02
C SER D 335 -17.18 -8.11 26.33
N GLY D 336 -18.01 -8.87 25.62
CA GLY D 336 -18.08 -10.31 25.81
C GLY D 336 -16.75 -11.01 25.61
N GLY D 337 -16.04 -10.64 24.54
CA GLY D 337 -14.74 -11.22 24.30
C GLY D 337 -13.77 -10.77 25.38
N GLU D 338 -13.74 -9.48 25.64
CA GLU D 338 -12.85 -8.94 26.64
C GLU D 338 -13.09 -9.55 28.03
N LYS D 339 -14.36 -9.71 28.38
CA LYS D 339 -14.69 -10.30 29.67
C LYS D 339 -14.21 -11.75 29.73
N THR D 340 -14.25 -12.43 28.58
CA THR D 340 -13.83 -13.81 28.51
C THR D 340 -12.34 -13.95 28.77
N VAL D 341 -11.56 -13.11 28.10
CA VAL D 341 -10.12 -13.14 28.27
C VAL D 341 -9.77 -12.77 29.70
N ALA D 342 -10.43 -11.75 30.23
CA ALA D 342 -10.17 -11.32 31.61
C ALA D 342 -10.49 -12.48 32.55
N ALA D 343 -11.58 -13.18 32.28
CA ALA D 343 -11.95 -14.28 33.13
C ALA D 343 -10.94 -15.42 33.02
N LEU D 344 -10.46 -15.75 31.81
CA LEU D 344 -9.49 -16.84 31.71
C LEU D 344 -8.23 -16.50 32.49
N ALA D 345 -7.88 -15.21 32.52
CA ALA D 345 -6.69 -14.79 33.25
C ALA D 345 -6.88 -15.02 34.74
N LEU D 346 -7.97 -14.49 35.30
CA LEU D 346 -8.25 -14.65 36.72
C LEU D 346 -8.26 -16.15 37.06
N LEU D 347 -8.97 -16.94 36.26
CA LEU D 347 -9.09 -18.39 36.45
C LEU D 347 -7.70 -19.01 36.54
N PHE D 348 -6.83 -18.66 35.60
CA PHE D 348 -5.47 -19.19 35.62
C PHE D 348 -4.66 -18.66 36.80
N ALA D 349 -4.77 -17.36 37.09
CA ALA D 349 -4.03 -16.76 38.20
C ALA D 349 -4.38 -17.47 39.51
N ILE D 350 -5.66 -17.64 39.76
CA ILE D 350 -6.12 -18.28 40.97
C ILE D 350 -5.60 -19.69 41.11
N ASN D 351 -5.57 -20.44 40.02
CA ASN D 351 -5.10 -21.81 40.10
C ASN D 351 -3.60 -21.93 40.19
N SER D 352 -2.90 -20.81 40.08
CA SER D 352 -1.45 -20.85 40.10
C SER D 352 -0.87 -21.21 41.46
N TYR D 353 -1.60 -20.88 42.52
CA TYR D 353 -1.12 -21.15 43.88
C TYR D 353 -0.86 -22.63 44.19
N GLN D 354 -1.94 -23.42 44.23
CA GLN D 354 -1.83 -24.84 44.50
C GLN D 354 -2.39 -25.47 43.24
N PRO D 355 -1.64 -25.38 42.14
CA PRO D 355 -1.96 -25.89 40.80
C PRO D 355 -2.73 -27.19 40.74
N SER D 356 -3.86 -27.19 40.07
CA SER D 356 -4.59 -28.44 39.93
C SER D 356 -3.79 -29.19 38.86
N PRO D 357 -3.99 -30.49 38.71
CA PRO D 357 -3.18 -31.09 37.65
C PRO D 357 -3.79 -30.88 36.27
N PHE D 358 -5.08 -30.60 36.22
CA PHE D 358 -5.74 -30.39 34.94
C PHE D 358 -6.97 -29.47 34.97
N PHE D 359 -7.28 -28.90 33.81
CA PHE D 359 -8.44 -28.02 33.61
C PHE D 359 -9.37 -28.69 32.62
N VAL D 360 -10.66 -28.45 32.76
CA VAL D 360 -11.63 -28.98 31.81
C VAL D 360 -12.44 -27.72 31.50
N LEU D 361 -12.17 -27.14 30.34
CA LEU D 361 -12.82 -25.91 29.88
C LEU D 361 -13.84 -26.27 28.80
N ASP D 362 -15.13 -25.98 29.02
CA ASP D 362 -16.14 -26.33 28.03
C ASP D 362 -16.04 -25.36 26.86
N GLU D 363 -16.99 -24.48 26.63
CA GLU D 363 -16.77 -23.64 25.46
C GLU D 363 -16.29 -22.26 25.80
N VAL D 364 -15.14 -22.19 26.48
CA VAL D 364 -14.60 -20.92 26.91
C VAL D 364 -14.31 -19.92 25.81
N ASP D 365 -14.20 -20.39 24.57
CA ASP D 365 -13.87 -19.52 23.45
C ASP D 365 -15.06 -19.05 22.61
N ALA D 366 -16.27 -19.32 23.09
CA ALA D 366 -17.48 -18.96 22.36
C ALA D 366 -17.59 -17.51 21.97
N ALA D 367 -17.13 -16.61 22.85
CA ALA D 367 -17.22 -15.18 22.58
C ALA D 367 -15.98 -14.53 21.97
N LEU D 368 -14.94 -15.31 21.76
CA LEU D 368 -13.70 -14.78 21.23
C LEU D 368 -13.52 -14.57 19.73
N ASP D 369 -12.61 -13.65 19.44
CA ASP D 369 -12.14 -13.24 18.11
C ASP D 369 -11.41 -14.46 17.57
N ILE D 370 -10.99 -14.38 16.32
CA ILE D 370 -10.17 -15.45 15.79
C ILE D 370 -8.78 -15.14 16.38
N THR D 371 -8.51 -13.84 16.56
CA THR D 371 -7.25 -13.38 17.12
C THR D 371 -7.17 -13.79 18.58
N ASN D 372 -8.24 -13.60 19.32
CA ASN D 372 -8.22 -13.99 20.72
C ASN D 372 -8.20 -15.51 20.88
N VAL D 373 -8.91 -16.23 20.00
CA VAL D 373 -8.91 -17.68 20.08
C VAL D 373 -7.46 -18.13 19.95
N GLN D 374 -6.74 -17.51 19.04
CA GLN D 374 -5.32 -17.86 18.86
C GLN D 374 -4.52 -17.67 20.13
N ARG D 375 -4.68 -16.52 20.80
CA ARG D 375 -3.94 -16.24 22.02
C ARG D 375 -4.21 -17.26 23.12
N ILE D 376 -5.47 -17.65 23.30
CA ILE D 376 -5.77 -18.63 24.32
C ILE D 376 -5.11 -19.96 23.95
N ALA D 377 -5.19 -20.34 22.68
CA ALA D 377 -4.60 -21.58 22.21
C ALA D 377 -3.09 -21.49 22.36
N ALA D 378 -2.54 -20.31 22.06
CA ALA D 378 -1.11 -20.10 22.19
C ALA D 378 -0.73 -20.32 23.65
N TYR D 379 -1.42 -19.63 24.56
CA TYR D 379 -1.15 -19.77 25.98
C TYR D 379 -1.23 -21.23 26.43
N ILE D 380 -2.31 -21.92 26.08
CA ILE D 380 -2.48 -23.30 26.51
C ILE D 380 -1.32 -24.14 26.02
N ARG D 381 -1.01 -24.04 24.74
CA ARG D 381 0.08 -24.84 24.17
C ARG D 381 1.40 -24.54 24.90
N ARG D 382 1.68 -23.26 25.12
CA ARG D 382 2.88 -22.81 25.78
C ARG D 382 2.95 -23.21 27.26
N HIS D 383 1.81 -23.49 27.88
CA HIS D 383 1.80 -23.87 29.30
C HIS D 383 1.42 -25.31 29.60
N ARG D 384 0.97 -26.05 28.59
CA ARG D 384 0.61 -27.45 28.83
C ARG D 384 1.90 -28.23 29.04
N ASN D 385 1.84 -29.28 29.85
CA ASN D 385 3.00 -30.09 30.13
C ASN D 385 2.55 -31.25 31.01
N PRO D 386 3.45 -32.21 31.31
CA PRO D 386 3.08 -33.36 32.15
C PRO D 386 2.38 -33.01 33.47
N ASP D 387 2.69 -31.84 34.01
CA ASP D 387 2.09 -31.42 35.27
C ASP D 387 0.82 -30.58 35.15
N LEU D 388 0.60 -29.96 33.99
CA LEU D 388 -0.60 -29.15 33.76
C LEU D 388 -1.26 -29.58 32.46
N GLN D 389 -2.32 -30.38 32.58
CA GLN D 389 -3.08 -30.91 31.44
C GLN D 389 -4.34 -30.08 31.13
N PHE D 390 -4.57 -29.78 29.86
CA PHE D 390 -5.73 -29.02 29.46
C PHE D 390 -6.69 -29.82 28.58
N ILE D 391 -7.90 -30.03 29.06
CA ILE D 391 -8.90 -30.76 28.31
C ILE D 391 -9.89 -29.69 27.89
N VAL D 392 -9.92 -29.33 26.61
CA VAL D 392 -10.78 -28.28 26.08
C VAL D 392 -11.86 -28.72 25.10
N ILE D 393 -13.10 -28.27 25.30
CA ILE D 393 -14.18 -28.60 24.38
C ILE D 393 -14.40 -27.36 23.50
N SER D 394 -14.15 -27.45 22.21
CA SER D 394 -14.34 -26.30 21.37
C SER D 394 -14.94 -26.67 20.04
N LEU D 395 -15.59 -25.72 19.41
CA LEU D 395 -16.17 -25.95 18.10
C LEU D 395 -15.33 -25.17 17.11
N LYS D 396 -14.27 -24.52 17.58
CA LYS D 396 -13.42 -23.71 16.70
C LYS D 396 -12.12 -24.38 16.25
N ASN D 397 -11.97 -24.56 14.94
CA ASN D 397 -10.75 -25.18 14.39
C ASN D 397 -9.53 -24.47 14.94
N THR D 398 -9.63 -23.14 14.98
CA THR D 398 -8.56 -22.29 15.46
C THR D 398 -8.07 -22.75 16.82
N MET D 399 -8.97 -23.35 17.61
CA MET D 399 -8.63 -23.85 18.94
C MET D 399 -8.04 -25.25 18.87
N PHE D 400 -8.84 -26.24 18.47
CA PHE D 400 -8.34 -27.61 18.45
C PHE D 400 -7.24 -27.98 17.44
N GLU D 401 -7.02 -27.13 16.45
CA GLU D 401 -5.94 -27.36 15.50
C GLU D 401 -4.66 -27.57 16.29
N LYS D 402 -4.47 -26.72 17.29
CA LYS D 402 -3.26 -26.75 18.09
C LYS D 402 -3.17 -27.78 19.22
N SER D 403 -4.11 -28.72 19.26
CA SER D 403 -4.10 -29.74 20.31
C SER D 403 -3.02 -30.78 20.08
N ASP D 404 -2.75 -31.55 21.12
CA ASP D 404 -1.78 -32.64 21.02
C ASP D 404 -2.55 -33.80 20.47
N ALA D 405 -3.80 -33.94 20.92
CA ALA D 405 -4.66 -35.01 20.48
C ALA D 405 -6.11 -34.50 20.48
N LEU D 406 -6.99 -35.30 19.88
CA LEU D 406 -8.41 -34.97 19.80
C LEU D 406 -9.24 -36.13 20.25
N VAL D 407 -10.41 -35.83 20.82
CA VAL D 407 -11.34 -36.84 21.22
C VAL D 407 -12.57 -36.40 20.45
N GLY D 408 -12.90 -37.17 19.41
CA GLY D 408 -14.04 -36.85 18.57
C GLY D 408 -15.27 -37.53 19.09
N VAL D 409 -16.36 -36.78 19.21
CA VAL D 409 -17.59 -37.35 19.71
C VAL D 409 -18.56 -37.28 18.56
N TYR D 410 -19.42 -38.28 18.44
CA TYR D 410 -20.41 -38.30 17.39
C TYR D 410 -21.57 -39.16 17.84
N ARG D 411 -22.73 -38.96 17.22
CA ARG D 411 -23.91 -39.74 17.55
C ARG D 411 -24.02 -40.90 16.56
N GLN D 412 -24.67 -41.96 17.01
CA GLN D 412 -24.93 -43.14 16.21
C GLN D 412 -26.42 -43.26 16.49
N GLN D 413 -27.20 -42.59 15.65
CA GLN D 413 -28.65 -42.51 15.78
C GLN D 413 -29.43 -43.78 15.97
N GLN D 414 -29.06 -44.84 15.25
CA GLN D 414 -29.77 -46.10 15.38
C GLN D 414 -29.68 -46.56 16.83
N GLU D 415 -28.45 -46.59 17.32
CA GLU D 415 -28.12 -47.01 18.67
C GLU D 415 -28.44 -45.94 19.73
N ASN D 416 -28.81 -44.75 19.26
CA ASN D 416 -29.15 -43.64 20.13
C ASN D 416 -28.13 -43.49 21.26
N SER D 417 -26.89 -43.21 20.88
CA SER D 417 -25.83 -43.08 21.87
C SER D 417 -24.67 -42.28 21.31
N SER D 418 -23.87 -41.73 22.21
CA SER D 418 -22.72 -40.97 21.77
C SER D 418 -21.59 -41.96 21.63
N LYS D 419 -20.63 -41.66 20.76
CA LYS D 419 -19.51 -42.56 20.54
C LYS D 419 -18.22 -41.79 20.50
N ILE D 420 -17.12 -42.50 20.66
CA ILE D 420 -15.80 -41.89 20.66
C ILE D 420 -14.83 -42.51 19.63
N ILE D 421 -13.90 -41.70 19.16
CA ILE D 421 -12.84 -42.13 18.27
C ILE D 421 -11.77 -41.10 18.62
N THR D 422 -10.52 -41.51 18.63
CA THR D 422 -9.43 -40.62 19.00
C THR D 422 -8.45 -40.43 17.86
N LEU D 423 -7.72 -39.33 17.90
CA LEU D 423 -6.76 -39.01 16.85
C LEU D 423 -5.60 -38.25 17.46
N ASP D 424 -4.38 -38.61 17.08
CA ASP D 424 -3.21 -37.94 17.60
C ASP D 424 -2.69 -36.93 16.56
N LEU D 425 -2.71 -35.65 16.91
CA LEU D 425 -2.28 -34.61 16.00
C LEU D 425 -0.80 -34.26 16.11
N SER D 426 -0.12 -34.84 17.08
CA SER D 426 1.30 -34.54 17.25
C SER D 426 2.13 -34.97 16.05
N ASN D 427 1.54 -35.86 15.25
CA ASN D 427 2.20 -36.39 14.05
C ASN D 427 2.18 -35.46 12.84
N TYR D 428 1.43 -34.37 12.92
CA TYR D 428 1.32 -33.43 11.80
C TYR D 428 2.00 -32.09 12.14
N LYS E 40 39.64 30.61 -22.22
CA LYS E 40 38.82 31.46 -23.14
C LYS E 40 39.71 32.15 -24.18
N ALA E 41 39.66 31.67 -25.42
CA ALA E 41 40.46 32.22 -26.52
C ALA E 41 39.81 33.44 -27.19
N ILE E 42 38.51 33.61 -26.97
CA ILE E 42 37.79 34.74 -27.54
C ILE E 42 38.28 36.06 -26.92
N VAL E 43 39.14 35.96 -25.91
CA VAL E 43 39.70 37.12 -25.25
C VAL E 43 41.10 37.37 -25.79
N GLN E 44 41.85 36.29 -25.99
CA GLN E 44 43.22 36.37 -26.52
C GLN E 44 43.16 36.98 -27.92
N MET E 45 42.14 36.59 -28.69
CA MET E 45 41.93 37.09 -30.04
C MET E 45 41.43 38.53 -30.00
N ALA E 46 40.55 38.83 -29.04
CA ALA E 46 40.02 40.17 -28.89
C ALA E 46 41.14 41.11 -28.48
N LYS E 47 42.17 40.53 -27.88
CA LYS E 47 43.33 41.30 -27.45
C LYS E 47 44.18 41.66 -28.67
N ILE E 48 44.66 40.64 -29.39
CA ILE E 48 45.49 40.86 -30.57
C ILE E 48 44.82 41.81 -31.54
N LEU E 49 43.50 41.79 -31.57
CA LEU E 49 42.74 42.67 -32.45
C LEU E 49 42.58 44.06 -31.84
N ARG E 50 42.36 44.10 -30.53
CA ARG E 50 42.19 45.40 -29.85
C ARG E 50 43.46 46.22 -29.97
N LYS E 51 44.59 45.53 -30.12
CA LYS E 51 45.88 46.19 -30.26
C LYS E 51 46.07 46.69 -31.69
N GLU E 52 46.20 45.75 -32.61
CA GLU E 52 46.40 46.04 -34.03
C GLU E 52 45.42 47.05 -34.63
N LEU E 53 44.23 47.15 -34.06
CA LEU E 53 43.22 48.07 -34.55
C LEU E 53 43.36 49.44 -33.91
N SER E 54 44.48 49.64 -33.22
CA SER E 54 44.79 50.91 -32.58
C SER E 54 46.04 51.45 -33.28
N GLU E 55 46.53 50.65 -34.23
CA GLU E 55 47.71 50.97 -35.02
C GLU E 55 47.35 50.94 -36.51
N GLU E 56 46.06 50.74 -36.80
CA GLU E 56 45.59 50.68 -38.18
C GLU E 56 44.05 50.64 -38.23
N LYS E 57 43.48 50.98 -39.39
CA LYS E 57 42.02 50.99 -39.58
C LYS E 57 41.49 49.65 -40.05
N GLU E 58 42.28 48.98 -40.89
CA GLU E 58 41.92 47.70 -41.48
C GLU E 58 42.85 46.62 -40.98
N VAL E 59 42.37 45.39 -40.96
CA VAL E 59 43.17 44.25 -40.54
C VAL E 59 42.68 43.03 -41.28
N ILE E 60 43.59 42.27 -41.88
CA ILE E 60 43.19 41.08 -42.61
C ILE E 60 43.23 39.87 -41.68
N PHE E 61 42.21 39.03 -41.78
CA PHE E 61 42.14 37.84 -40.94
C PHE E 61 43.43 37.01 -41.02
N THR E 62 43.91 36.78 -42.23
CA THR E 62 45.13 35.98 -42.40
C THR E 62 46.29 36.60 -41.64
N ASP E 63 46.26 37.92 -41.51
CA ASP E 63 47.33 38.61 -40.78
C ASP E 63 47.21 38.31 -39.29
N VAL E 64 46.02 38.53 -38.74
CA VAL E 64 45.79 38.29 -37.32
C VAL E 64 46.19 36.85 -36.95
N LEU E 65 45.94 35.89 -37.83
CA LEU E 65 46.32 34.52 -37.52
C LEU E 65 47.83 34.47 -37.48
N LYS E 66 48.45 35.13 -38.46
CA LYS E 66 49.91 35.20 -38.56
C LYS E 66 50.58 35.50 -37.22
N SER E 67 50.15 36.57 -36.57
CA SER E 67 50.71 36.96 -35.27
C SER E 67 50.26 36.07 -34.11
N GLN E 68 50.61 34.79 -34.20
CA GLN E 68 50.29 33.80 -33.19
C GLN E 68 51.18 32.57 -33.36
N ALA E 69 52.30 32.76 -34.08
CA ALA E 69 53.26 31.71 -34.34
C ALA E 69 54.20 32.10 -35.49
N LYS E 78 45.99 24.65 -38.66
CA LYS E 78 44.68 24.43 -39.28
C LYS E 78 43.61 24.39 -38.20
N ARG E 79 43.97 23.78 -37.08
CA ARG E 79 43.12 23.67 -35.92
C ARG E 79 43.03 25.06 -35.34
N GLU E 80 44.00 25.87 -35.71
CA GLU E 80 44.11 27.24 -35.24
C GLU E 80 43.37 28.20 -36.17
N ALA E 81 43.36 27.88 -37.46
CA ALA E 81 42.68 28.72 -38.44
C ALA E 81 41.19 28.72 -38.12
N SER E 82 40.62 27.53 -38.00
CA SER E 82 39.21 27.36 -37.68
C SER E 82 38.92 28.00 -36.32
N ARG E 83 39.77 27.71 -35.35
CA ARG E 83 39.60 28.27 -34.01
C ARG E 83 39.50 29.79 -34.10
N GLY E 84 40.42 30.41 -34.84
CA GLY E 84 40.42 31.85 -34.98
C GLY E 84 39.20 32.34 -35.73
N PHE E 85 38.86 31.62 -36.78
CA PHE E 85 37.70 31.95 -37.59
C PHE E 85 36.46 32.07 -36.72
N PHE E 86 36.24 31.10 -35.83
CA PHE E 86 35.10 31.13 -34.92
C PHE E 86 35.14 32.37 -34.02
N ASP E 87 36.34 32.66 -33.51
CA ASP E 87 36.54 33.80 -32.62
C ASP E 87 36.06 35.11 -33.24
N ILE E 88 36.41 35.31 -34.51
CA ILE E 88 35.98 36.50 -35.22
C ILE E 88 34.46 36.53 -35.27
N LEU E 89 33.88 35.42 -35.74
CA LEU E 89 32.43 35.27 -35.85
C LEU E 89 31.77 35.65 -34.54
N SER E 90 32.30 35.11 -33.45
CA SER E 90 31.76 35.39 -32.13
C SER E 90 31.86 36.87 -31.86
N LEU E 91 33.07 37.42 -31.97
CA LEU E 91 33.28 38.86 -31.72
C LEU E 91 32.35 39.76 -32.51
N ALA E 92 32.19 39.46 -33.80
CA ALA E 92 31.33 40.26 -34.66
C ALA E 92 29.89 40.21 -34.16
N THR E 93 29.47 39.04 -33.69
CA THR E 93 28.11 38.88 -33.19
C THR E 93 27.90 39.68 -31.90
N GLU E 94 28.92 39.71 -31.05
CA GLU E 94 28.86 40.47 -29.80
C GLU E 94 28.82 41.96 -30.14
N GLY E 95 29.35 42.33 -31.30
CA GLY E 95 29.33 43.71 -31.71
C GLY E 95 30.63 44.45 -31.46
N CYS E 96 31.69 43.71 -31.19
CA CYS E 96 33.00 44.26 -30.92
C CYS E 96 33.79 44.51 -32.19
N ILE E 97 33.38 43.88 -33.28
CA ILE E 97 34.13 44.02 -34.51
C ILE E 97 33.24 44.05 -35.74
N GLY E 98 33.79 44.50 -36.86
CA GLY E 98 33.06 44.54 -38.11
C GLY E 98 33.71 43.57 -39.09
N LEU E 99 32.92 42.92 -39.93
CA LEU E 99 33.47 41.99 -40.92
C LEU E 99 32.97 42.30 -42.32
N SER E 100 33.78 41.95 -43.31
CA SER E 100 33.43 42.16 -44.70
C SER E 100 34.33 41.33 -45.61
N GLN E 101 33.73 40.67 -46.58
CA GLN E 101 34.46 39.85 -47.52
C GLN E 101 33.91 40.20 -48.90
N THR E 102 34.80 40.25 -49.89
CA THR E 102 34.39 40.62 -51.24
C THR E 102 34.03 39.43 -52.11
N GLU E 103 34.92 38.45 -52.14
CA GLU E 103 34.70 37.29 -52.99
C GLU E 103 34.66 36.00 -52.21
N ALA E 104 34.11 34.97 -52.85
CA ALA E 104 33.98 33.64 -52.27
C ALA E 104 34.96 33.40 -51.14
N PHE E 105 36.12 32.84 -51.44
CA PHE E 105 37.07 32.59 -50.38
C PHE E 105 38.18 33.61 -50.38
N GLY E 106 37.78 34.87 -50.40
CA GLY E 106 38.73 35.95 -50.41
C GLY E 106 39.19 36.37 -49.03
N ASN E 107 39.71 37.58 -48.94
CA ASN E 107 40.21 38.11 -47.69
C ASN E 107 39.11 38.66 -46.83
N ILE E 108 39.25 38.47 -45.53
CA ILE E 108 38.27 38.95 -44.59
C ILE E 108 38.79 40.22 -43.91
N LYS E 109 38.17 41.35 -44.22
CA LYS E 109 38.59 42.62 -43.62
C LYS E 109 37.91 42.85 -42.28
N ILE E 110 38.70 42.93 -41.23
CA ILE E 110 38.21 43.16 -39.87
C ILE E 110 38.43 44.60 -39.42
N ASP E 111 37.36 45.28 -39.03
CA ASP E 111 37.48 46.66 -38.55
C ASP E 111 36.91 46.71 -37.14
N ALA E 112 37.47 47.55 -36.28
CA ALA E 112 36.99 47.64 -34.90
C ALA E 112 35.77 48.53 -34.75
N LYS E 113 35.04 48.27 -33.67
CA LYS E 113 33.85 49.03 -33.34
C LYS E 113 34.11 49.59 -31.94
N PRO E 114 33.40 50.66 -31.56
CA PRO E 114 33.61 51.24 -30.23
C PRO E 114 33.61 50.22 -29.09
N ALA E 115 32.78 49.19 -29.24
CA ALA E 115 32.67 48.15 -28.22
C ALA E 115 33.93 47.31 -28.02
N LEU E 116 34.83 47.26 -29.02
CA LEU E 116 36.06 46.48 -28.90
C LEU E 116 36.89 46.97 -27.71
N PHE E 117 36.60 48.18 -27.24
CA PHE E 117 37.33 48.75 -26.13
C PHE E 117 36.47 48.94 -24.87
N GLU E 118 37.05 49.00 -23.76
N LYS F 40 44.55 16.52 -29.40
CA LYS F 40 44.15 15.37 -28.54
C LYS F 40 45.11 15.23 -27.36
N ALA F 41 44.62 15.53 -26.16
CA ALA F 41 45.42 15.46 -24.94
C ALA F 41 45.40 14.06 -24.30
N ILE F 42 44.40 13.26 -24.66
CA ILE F 42 44.29 11.90 -24.14
C ILE F 42 45.49 11.07 -24.62
N VAL F 43 46.29 11.66 -25.52
CA VAL F 43 47.49 10.99 -26.05
C VAL F 43 48.70 11.53 -25.30
N GLN F 44 48.70 12.84 -25.04
CA GLN F 44 49.79 13.48 -24.32
C GLN F 44 49.85 12.84 -22.93
N MET F 45 48.67 12.61 -22.34
CA MET F 45 48.56 12.00 -21.02
C MET F 45 48.94 10.52 -21.06
N ALA F 46 48.53 9.85 -22.13
CA ALA F 46 48.82 8.43 -22.29
C ALA F 46 50.33 8.26 -22.42
N LYS F 47 50.98 9.26 -23.02
CA LYS F 47 52.42 9.26 -23.21
C LYS F 47 53.13 9.36 -21.87
N ILE F 48 52.89 10.45 -21.14
CA ILE F 48 53.53 10.65 -19.84
C ILE F 48 53.32 9.46 -18.92
N LEU F 49 52.18 8.76 -19.09
CA LEU F 49 51.90 7.59 -18.26
C LEU F 49 52.59 6.35 -18.79
N ARG F 50 52.63 6.22 -20.12
CA ARG F 50 53.28 5.07 -20.74
C ARG F 50 54.76 5.05 -20.39
N LYS F 51 55.32 6.23 -20.19
CA LYS F 51 56.72 6.36 -19.84
C LYS F 51 56.89 5.98 -18.37
N GLU F 52 56.35 6.81 -17.49
CA GLU F 52 56.44 6.62 -16.05
C GLU F 52 56.08 5.22 -15.56
N LEU F 53 55.18 4.55 -16.28
CA LEU F 53 54.76 3.21 -15.89
C LEU F 53 55.69 2.13 -16.43
N SER F 54 56.86 2.56 -16.88
CA SER F 54 57.88 1.64 -17.39
C SER F 54 59.09 1.77 -16.48
N GLU F 55 59.01 2.73 -15.56
CA GLU F 55 60.07 3.00 -14.62
C GLU F 55 59.54 2.76 -13.20
N GLU F 56 58.30 2.30 -13.12
CA GLU F 56 57.66 2.05 -11.82
C GLU F 56 56.34 1.26 -12.00
N LYS F 57 55.87 0.65 -10.90
CA LYS F 57 54.64 -0.13 -10.92
C LYS F 57 53.41 0.74 -10.60
N GLU F 58 53.59 1.64 -9.65
CA GLU F 58 52.52 2.53 -9.21
C GLU F 58 52.80 3.96 -9.63
N VAL F 59 51.76 4.76 -9.75
CA VAL F 59 51.92 6.16 -10.11
C VAL F 59 50.73 6.88 -9.50
N ILE F 60 50.99 7.99 -8.84
CA ILE F 60 49.90 8.74 -8.25
C ILE F 60 49.42 9.79 -9.24
N PHE F 61 48.12 10.04 -9.24
CA PHE F 61 47.54 11.02 -10.15
C PHE F 61 48.22 12.38 -9.94
N THR F 62 48.24 12.85 -8.70
CA THR F 62 48.84 14.15 -8.37
C THR F 62 50.22 14.33 -8.99
N ASP F 63 51.00 13.26 -9.00
CA ASP F 63 52.35 13.27 -9.57
C ASP F 63 52.31 13.47 -11.08
N VAL F 64 51.51 12.66 -11.77
CA VAL F 64 51.41 12.78 -13.22
C VAL F 64 51.07 14.22 -13.60
N LEU F 65 50.20 14.85 -12.81
CA LEU F 65 49.84 16.23 -13.11
C LEU F 65 51.09 17.05 -12.93
N LYS F 66 51.76 16.84 -11.80
CA LYS F 66 53.00 17.52 -11.45
C LYS F 66 53.92 17.67 -12.66
N SER F 67 54.18 16.56 -13.35
CA SER F 67 55.04 16.60 -14.52
C SER F 67 54.34 17.11 -15.79
N GLN F 68 54.01 18.40 -15.75
CA GLN F 68 53.35 19.10 -16.85
C GLN F 68 53.42 20.62 -16.62
N ALA F 69 54.28 21.03 -15.69
CA ALA F 69 54.49 22.45 -15.34
C ALA F 69 55.28 22.59 -14.02
N LYS F 78 44.11 24.20 -12.46
CA LYS F 78 42.77 23.74 -12.09
C LYS F 78 41.97 23.30 -13.30
N ARG F 79 42.15 24.03 -14.39
CA ARG F 79 41.51 23.71 -15.66
C ARG F 79 42.30 22.54 -16.20
N GLU F 80 43.49 22.36 -15.64
CA GLU F 80 44.39 21.30 -16.06
C GLU F 80 44.14 20.06 -15.22
N ALA F 81 43.83 20.25 -13.94
CA ALA F 81 43.57 19.13 -13.05
C ALA F 81 42.35 18.39 -13.61
N SER F 82 41.26 19.12 -13.83
CA SER F 82 40.05 18.53 -14.36
C SER F 82 40.30 17.88 -15.71
N ARG F 83 41.08 18.55 -16.55
CA ARG F 83 41.39 18.04 -17.88
C ARG F 83 42.12 16.69 -17.77
N GLY F 84 43.07 16.61 -16.85
CA GLY F 84 43.82 15.38 -16.67
C GLY F 84 42.95 14.31 -16.06
N PHE F 85 42.11 14.72 -15.13
CA PHE F 85 41.21 13.80 -14.47
C PHE F 85 40.35 13.05 -15.48
N PHE F 86 39.82 13.78 -16.46
CA PHE F 86 38.99 13.18 -17.50
C PHE F 86 39.82 12.20 -18.32
N ASP F 87 41.03 12.62 -18.67
CA ASP F 87 41.98 11.82 -19.44
C ASP F 87 42.20 10.44 -18.82
N ILE F 88 42.39 10.40 -17.51
CA ILE F 88 42.56 9.12 -16.83
C ILE F 88 41.29 8.29 -17.05
N LEU F 89 40.17 8.84 -16.61
CA LEU F 89 38.87 8.19 -16.72
C LEU F 89 38.69 7.64 -18.13
N SER F 90 39.04 8.44 -19.12
CA SER F 90 38.90 7.98 -20.49
C SER F 90 39.79 6.75 -20.69
N LEU F 91 41.07 6.89 -20.37
CA LEU F 91 42.06 5.82 -20.51
C LEU F 91 41.70 4.53 -19.78
N ALA F 92 41.14 4.67 -18.59
CA ALA F 92 40.74 3.52 -17.79
C ALA F 92 39.59 2.81 -18.53
N THR F 93 38.67 3.58 -19.08
CA THR F 93 37.53 3.01 -19.78
C THR F 93 37.99 2.27 -21.04
N GLU F 94 38.95 2.83 -21.77
CA GLU F 94 39.45 2.16 -22.98
C GLU F 94 40.17 0.87 -22.56
N GLY F 95 40.65 0.83 -21.32
CA GLY F 95 41.34 -0.34 -20.82
C GLY F 95 42.85 -0.28 -20.81
N CYS F 96 43.40 0.92 -20.99
CA CYS F 96 44.84 1.13 -21.03
C CYS F 96 45.42 1.35 -19.64
N ILE F 97 44.56 1.60 -18.67
CA ILE F 97 45.06 1.87 -17.36
C ILE F 97 44.18 1.35 -16.26
N GLY F 98 44.77 1.21 -15.07
CA GLY F 98 44.04 0.73 -13.92
C GLY F 98 43.91 1.85 -12.91
N LEU F 99 42.75 1.94 -12.26
CA LEU F 99 42.54 2.97 -11.27
C LEU F 99 42.12 2.42 -9.93
N SER F 100 42.48 3.11 -8.86
CA SER F 100 42.09 2.69 -7.53
C SER F 100 42.24 3.83 -6.56
N GLN F 101 41.27 3.97 -5.67
CA GLN F 101 41.28 5.02 -4.68
C GLN F 101 40.78 4.41 -3.38
N THR F 102 41.39 4.76 -2.26
CA THR F 102 41.01 4.19 -0.97
C THR F 102 39.94 4.97 -0.23
N GLU F 103 40.16 6.27 -0.07
CA GLU F 103 39.24 7.11 0.66
C GLU F 103 38.60 8.18 -0.20
N ALA F 104 37.53 8.76 0.34
CA ALA F 104 36.77 9.82 -0.32
C ALA F 104 37.62 10.55 -1.35
N PHE F 105 38.29 11.61 -0.92
CA PHE F 105 39.12 12.38 -1.84
C PHE F 105 40.59 12.12 -1.58
N GLY F 106 40.97 10.85 -1.54
CA GLY F 106 42.35 10.48 -1.30
C GLY F 106 43.15 10.41 -2.58
N ASN F 107 44.23 9.66 -2.56
CA ASN F 107 45.10 9.51 -3.72
C ASN F 107 44.60 8.49 -4.72
N ILE F 108 44.78 8.79 -6.00
CA ILE F 108 44.35 7.91 -7.06
C ILE F 108 45.55 7.14 -7.62
N LYS F 109 45.60 5.85 -7.35
CA LYS F 109 46.69 5.03 -7.83
C LYS F 109 46.46 4.54 -9.25
N ILE F 110 47.39 4.89 -10.12
CA ILE F 110 47.32 4.49 -11.52
C ILE F 110 48.34 3.40 -11.85
N ASP F 111 47.85 2.27 -12.33
CA ASP F 111 48.74 1.18 -12.73
C ASP F 111 48.49 0.96 -14.21
N ALA F 112 49.49 0.43 -14.91
CA ALA F 112 49.34 0.19 -16.34
C ALA F 112 48.79 -1.18 -16.65
N LYS F 113 48.23 -1.31 -17.85
CA LYS F 113 47.68 -2.57 -18.32
C LYS F 113 48.40 -2.84 -19.63
N PRO F 114 48.45 -4.11 -20.05
CA PRO F 114 49.14 -4.44 -21.30
C PRO F 114 48.78 -3.50 -22.47
N ALA F 115 47.51 -3.11 -22.56
CA ALA F 115 47.05 -2.24 -23.64
C ALA F 115 47.71 -0.85 -23.71
N LEU F 116 48.19 -0.34 -22.58
CA LEU F 116 48.80 0.99 -22.56
C LEU F 116 49.93 1.05 -23.59
N PHE F 117 50.41 -0.13 -24.00
CA PHE F 117 51.51 -0.19 -24.96
C PHE F 117 51.09 -0.74 -26.33
N GLU F 118 51.78 -0.39 -27.32
N LYS G 40 -4.24 -18.07 9.02
CA LYS G 40 -4.46 -16.65 9.43
C LYS G 40 -4.33 -15.75 8.20
N ALA G 41 -5.47 -15.23 7.76
CA ALA G 41 -5.53 -14.37 6.59
C ALA G 41 -5.27 -12.89 6.92
N ILE G 42 -5.36 -12.54 8.20
CA ILE G 42 -5.12 -11.17 8.63
C ILE G 42 -3.66 -10.83 8.42
N VAL G 43 -2.88 -11.83 8.01
CA VAL G 43 -1.46 -11.64 7.73
C VAL G 43 -1.28 -11.54 6.22
N GLN G 44 -2.01 -12.38 5.49
CA GLN G 44 -1.96 -12.39 4.05
C GLN G 44 -2.41 -11.00 3.56
N MET G 45 -3.43 -10.46 4.23
CA MET G 45 -3.98 -9.14 3.92
C MET G 45 -3.01 -8.04 4.29
N ALA G 46 -2.43 -8.14 5.48
CA ALA G 46 -1.47 -7.14 5.93
C ALA G 46 -0.30 -7.12 4.96
N LYS G 47 -0.02 -8.27 4.35
CA LYS G 47 1.07 -8.38 3.40
C LYS G 47 0.76 -7.60 2.13
N ILE G 48 -0.34 -7.95 1.47
CA ILE G 48 -0.71 -7.25 0.26
C ILE G 48 -0.81 -5.75 0.49
N LEU G 49 -1.11 -5.34 1.71
CA LEU G 49 -1.23 -3.93 2.05
C LEU G 49 0.14 -3.34 2.37
N ARG G 50 0.95 -4.09 3.09
CA ARG G 50 2.28 -3.63 3.45
C ARG G 50 3.10 -3.33 2.20
N LYS G 51 2.82 -4.06 1.14
CA LYS G 51 3.51 -3.89 -0.11
C LYS G 51 2.99 -2.65 -0.83
N GLU G 52 1.74 -2.73 -1.27
CA GLU G 52 1.10 -1.64 -1.98
C GLU G 52 1.22 -0.26 -1.32
N LEU G 53 1.36 -0.22 0.00
CA LEU G 53 1.49 1.07 0.69
C LEU G 53 2.94 1.56 0.69
N SER G 54 3.80 0.79 0.02
CA SER G 54 5.22 1.11 -0.12
C SER G 54 5.41 1.61 -1.56
N GLU G 55 4.34 1.57 -2.33
CA GLU G 55 4.37 2.00 -3.71
C GLU G 55 3.32 3.08 -3.93
N GLU G 56 2.66 3.49 -2.85
CA GLU G 56 1.63 4.51 -2.96
C GLU G 56 1.20 5.03 -1.59
N LYS G 57 0.54 6.17 -1.59
CA LYS G 57 0.07 6.79 -0.37
C LYS G 57 -1.34 6.37 0.03
N GLU G 58 -2.17 6.13 -0.97
CA GLU G 58 -3.56 5.76 -0.76
C GLU G 58 -3.85 4.44 -1.44
N VAL G 59 -4.77 3.67 -0.88
CA VAL G 59 -5.16 2.40 -1.48
C VAL G 59 -6.65 2.25 -1.24
N ILE G 60 -7.37 1.86 -2.28
CA ILE G 60 -8.81 1.66 -2.14
C ILE G 60 -9.08 0.19 -1.79
N PHE G 61 -10.03 -0.04 -0.89
CA PHE G 61 -10.37 -1.38 -0.48
C PHE G 61 -10.69 -2.28 -1.68
N THR G 62 -11.53 -1.79 -2.59
CA THR G 62 -11.90 -2.57 -3.77
C THR G 62 -10.68 -3.09 -4.54
N ASP G 63 -9.65 -2.25 -4.64
CA ASP G 63 -8.43 -2.63 -5.35
C ASP G 63 -7.71 -3.74 -4.61
N VAL G 64 -7.53 -3.58 -3.31
CA VAL G 64 -6.85 -4.61 -2.52
C VAL G 64 -7.54 -5.95 -2.75
N LEU G 65 -8.88 -5.96 -2.76
CA LEU G 65 -9.60 -7.20 -3.00
C LEU G 65 -9.20 -7.70 -4.38
N LYS G 66 -9.28 -6.81 -5.36
CA LYS G 66 -8.94 -7.12 -6.74
C LYS G 66 -7.67 -7.96 -6.86
N SER G 67 -6.58 -7.54 -6.20
CA SER G 67 -5.35 -8.30 -6.27
C SER G 67 -5.35 -9.53 -5.37
N GLN G 68 -6.22 -10.48 -5.71
CA GLN G 68 -6.37 -11.74 -4.99
C GLN G 68 -7.19 -12.70 -5.87
N ALA G 69 -7.27 -12.38 -7.16
CA ALA G 69 -8.01 -13.19 -8.14
C ALA G 69 -8.24 -12.38 -9.43
N LYS G 78 -17.54 -13.05 -2.85
CA LYS G 78 -18.47 -12.46 -1.88
C LYS G 78 -18.12 -12.89 -0.46
N ARG G 79 -17.71 -14.13 -0.33
CA ARG G 79 -17.27 -14.70 0.93
C ARG G 79 -15.90 -14.08 1.18
N GLU G 80 -15.29 -13.62 0.10
CA GLU G 80 -13.97 -13.03 0.14
C GLU G 80 -14.06 -11.53 0.41
N ALA G 81 -15.10 -10.90 -0.12
CA ALA G 81 -15.26 -9.47 0.10
C ALA G 81 -15.47 -9.24 1.60
N SER G 82 -16.34 -10.03 2.21
CA SER G 82 -16.59 -9.87 3.63
C SER G 82 -15.36 -10.29 4.43
N ARG G 83 -14.72 -11.38 4.02
CA ARG G 83 -13.53 -11.83 4.72
C ARG G 83 -12.48 -10.71 4.75
N GLY G 84 -12.25 -10.08 3.60
CA GLY G 84 -11.27 -9.01 3.53
C GLY G 84 -11.70 -7.81 4.34
N PHE G 85 -13.00 -7.52 4.27
CA PHE G 85 -13.57 -6.40 5.00
C PHE G 85 -13.27 -6.53 6.50
N PHE G 86 -13.45 -7.73 7.05
CA PHE G 86 -13.17 -7.97 8.45
C PHE G 86 -11.68 -7.73 8.70
N ASP G 87 -10.85 -8.24 7.80
CA ASP G 87 -9.40 -8.11 7.90
C ASP G 87 -8.92 -6.66 8.09
N ILE G 88 -9.47 -5.76 7.28
CA ILE G 88 -9.15 -4.34 7.39
C ILE G 88 -9.56 -3.84 8.77
N LEU G 89 -10.83 -4.05 9.12
CA LEU G 89 -11.35 -3.65 10.41
C LEU G 89 -10.42 -4.11 11.52
N SER G 90 -9.96 -5.36 11.42
CA SER G 90 -9.06 -5.91 12.43
C SER G 90 -7.75 -5.16 12.45
N LEU G 91 -7.16 -4.96 11.26
CA LEU G 91 -5.88 -4.26 11.12
C LEU G 91 -5.95 -2.81 11.56
N ALA G 92 -7.08 -2.17 11.32
CA ALA G 92 -7.26 -0.80 11.72
C ALA G 92 -7.34 -0.73 13.24
N THR G 93 -8.04 -1.70 13.83
CA THR G 93 -8.17 -1.75 15.27
C THR G 93 -6.81 -2.00 15.93
N GLU G 94 -6.00 -2.89 15.34
CA GLU G 94 -4.68 -3.17 15.90
C GLU G 94 -3.81 -1.91 15.79
N GLY G 95 -4.17 -1.03 14.84
CA GLY G 95 -3.43 0.20 14.66
C GLY G 95 -2.40 0.15 13.55
N CYS G 96 -2.50 -0.85 12.69
CA CYS G 96 -1.58 -1.03 11.59
C CYS G 96 -1.99 -0.24 10.37
N ILE G 97 -3.25 0.19 10.34
CA ILE G 97 -3.77 0.89 9.19
C ILE G 97 -4.76 1.99 9.56
N GLY G 98 -5.04 2.86 8.59
CA GLY G 98 -5.98 3.94 8.81
C GLY G 98 -7.11 3.82 7.81
N LEU G 99 -8.35 4.07 8.24
CA LEU G 99 -9.50 3.95 7.35
C LEU G 99 -10.30 5.22 7.29
N SER G 100 -10.98 5.43 6.18
CA SER G 100 -11.80 6.61 5.99
C SER G 100 -12.76 6.38 4.82
N GLN G 101 -14.00 6.83 4.99
CA GLN G 101 -15.03 6.68 3.96
C GLN G 101 -15.80 7.99 3.93
N THR G 102 -16.15 8.45 2.74
CA THR G 102 -16.85 9.71 2.63
C THR G 102 -18.36 9.56 2.64
N GLU G 103 -18.87 8.64 1.85
CA GLU G 103 -20.30 8.46 1.75
C GLU G 103 -20.73 7.07 2.22
N ALA G 104 -22.05 6.92 2.37
CA ALA G 104 -22.69 5.67 2.80
C ALA G 104 -21.93 4.42 2.38
N PHE G 105 -22.14 3.98 1.15
CA PHE G 105 -21.45 2.78 0.71
C PHE G 105 -20.42 3.12 -0.34
N GLY G 106 -19.63 4.13 -0.03
CA GLY G 106 -18.60 4.57 -0.95
C GLY G 106 -17.30 3.82 -0.81
N ASN G 107 -16.24 4.40 -1.38
CA ASN G 107 -14.92 3.79 -1.36
C ASN G 107 -14.22 3.91 -0.04
N ILE G 108 -13.49 2.86 0.34
CA ILE G 108 -12.78 2.86 1.60
C ILE G 108 -11.30 3.17 1.36
N LYS G 109 -10.85 4.33 1.82
CA LYS G 109 -9.47 4.73 1.64
C LYS G 109 -8.59 4.16 2.73
N ILE G 110 -7.64 3.32 2.33
CA ILE G 110 -6.72 2.70 3.27
C ILE G 110 -5.33 3.33 3.24
N ASP G 111 -4.87 3.86 4.36
CA ASP G 111 -3.53 4.45 4.44
C ASP G 111 -2.73 3.72 5.53
N ALA G 112 -1.42 3.57 5.33
CA ALA G 112 -0.59 2.85 6.29
C ALA G 112 -0.14 3.68 7.49
N LYS G 113 0.14 2.97 8.60
CA LYS G 113 0.61 3.59 9.83
C LYS G 113 1.96 2.93 10.09
N PRO G 114 2.85 3.61 10.83
CA PRO G 114 4.17 3.04 11.13
C PRO G 114 4.14 1.59 11.60
N ALA G 115 3.09 1.24 12.33
CA ALA G 115 2.98 -0.12 12.85
C ALA G 115 2.83 -1.20 11.79
N LEU G 116 2.23 -0.88 10.65
CA LEU G 116 2.06 -1.86 9.58
C LEU G 116 3.41 -2.52 9.25
N PHE G 117 4.51 -1.88 9.64
CA PHE G 117 5.82 -2.42 9.36
C PHE G 117 6.53 -2.94 10.64
N GLU G 118 7.41 -3.83 10.51
N LYS H 40 -18.32 -24.92 2.36
CA LYS H 40 -18.70 -26.16 3.09
C LYS H 40 -17.81 -27.34 2.66
N ALA H 41 -16.93 -27.75 3.57
CA ALA H 41 -16.00 -28.85 3.32
C ALA H 41 -16.61 -30.19 3.67
N ILE H 42 -17.66 -30.18 4.51
CA ILE H 42 -18.31 -31.42 4.90
C ILE H 42 -18.91 -32.09 3.66
N VAL H 43 -18.91 -31.36 2.56
CA VAL H 43 -19.43 -31.87 1.30
C VAL H 43 -18.24 -32.44 0.50
N GLN H 44 -17.17 -31.67 0.41
CA GLN H 44 -15.97 -32.08 -0.30
C GLN H 44 -15.53 -33.42 0.27
N MET H 45 -15.60 -33.57 1.59
CA MET H 45 -15.21 -34.79 2.27
C MET H 45 -16.21 -35.92 2.02
N ALA H 46 -17.49 -35.56 1.89
CA ALA H 46 -18.51 -36.56 1.65
C ALA H 46 -18.39 -37.07 0.23
N LYS H 47 -17.78 -36.24 -0.62
CA LYS H 47 -17.57 -36.59 -2.03
C LYS H 47 -16.45 -37.61 -2.13
N ILE H 48 -15.27 -37.24 -1.67
CA ILE H 48 -14.11 -38.13 -1.71
C ILE H 48 -14.47 -39.48 -1.09
N LEU H 49 -15.36 -39.48 -0.09
CA LEU H 49 -15.76 -40.72 0.57
C LEU H 49 -16.82 -41.45 -0.24
N ARG H 50 -17.75 -40.70 -0.79
CA ARG H 50 -18.81 -41.30 -1.58
C ARG H 50 -18.21 -42.03 -2.78
N LYS H 51 -17.09 -41.53 -3.26
CA LYS H 51 -16.41 -42.13 -4.40
C LYS H 51 -15.71 -43.40 -3.93
N GLU H 52 -14.66 -43.23 -3.13
CA GLU H 52 -13.86 -44.33 -2.60
C GLU H 52 -14.66 -45.48 -1.99
N LEU H 53 -15.84 -45.21 -1.47
CA LEU H 53 -16.66 -46.26 -0.87
C LEU H 53 -17.51 -46.96 -1.93
N SER H 54 -17.24 -46.63 -3.18
CA SER H 54 -17.94 -47.22 -4.31
C SER H 54 -16.92 -48.11 -5.02
N GLU H 55 -15.68 -48.02 -4.56
CA GLU H 55 -14.58 -48.80 -5.11
C GLU H 55 -13.95 -49.68 -4.01
N GLU H 56 -14.58 -49.71 -2.85
CA GLU H 56 -14.07 -50.49 -1.73
C GLU H 56 -15.07 -50.54 -0.58
N LYS H 57 -14.93 -51.54 0.28
CA LYS H 57 -15.81 -51.73 1.43
C LYS H 57 -15.38 -50.92 2.63
N GLU H 58 -14.07 -50.89 2.84
CA GLU H 58 -13.45 -50.21 3.97
C GLU H 58 -12.56 -49.07 3.49
N VAL H 59 -12.48 -48.02 4.30
CA VAL H 59 -11.62 -46.89 4.00
C VAL H 59 -11.01 -46.44 5.32
N ILE H 60 -9.72 -46.16 5.31
CA ILE H 60 -9.05 -45.71 6.53
C ILE H 60 -8.99 -44.20 6.53
N PHE H 61 -9.24 -43.59 7.69
CA PHE H 61 -9.22 -42.14 7.80
C PHE H 61 -7.93 -41.54 7.24
N THR H 62 -6.79 -42.10 7.64
CA THR H 62 -5.50 -41.60 7.17
C THR H 62 -5.41 -41.55 5.66
N ASP H 63 -6.03 -42.52 4.98
CA ASP H 63 -6.01 -42.58 3.52
C ASP H 63 -6.85 -41.46 2.91
N VAL H 64 -8.05 -41.25 3.43
CA VAL H 64 -8.92 -40.20 2.94
C VAL H 64 -8.21 -38.86 3.04
N LEU H 65 -7.46 -38.65 4.12
CA LEU H 65 -6.73 -37.41 4.29
C LEU H 65 -5.67 -37.35 3.19
N LYS H 66 -4.96 -38.45 3.02
CA LYS H 66 -3.91 -38.58 2.01
C LYS H 66 -4.35 -38.00 0.67
N SER H 67 -5.51 -38.43 0.18
CA SER H 67 -6.00 -37.93 -1.11
C SER H 67 -6.62 -36.54 -1.01
N GLN H 68 -5.76 -35.56 -0.73
CA GLN H 68 -6.14 -34.15 -0.62
C GLN H 68 -4.88 -33.31 -0.64
N ALA H 69 -3.77 -33.91 -1.08
CA ALA H 69 -2.47 -33.26 -1.17
C ALA H 69 -1.34 -34.29 -1.33
N LYS H 78 -2.07 -30.56 9.36
CA LYS H 78 -2.47 -30.67 10.77
C LYS H 78 -3.78 -29.91 11.03
N ARG H 79 -3.90 -28.76 10.38
CA ARG H 79 -5.08 -27.93 10.45
C ARG H 79 -6.08 -28.68 9.60
N GLU H 80 -5.53 -29.48 8.71
CA GLU H 80 -6.31 -30.29 7.79
C GLU H 80 -6.75 -31.57 8.48
N ALA H 81 -5.83 -32.21 9.21
CA ALA H 81 -6.14 -33.46 9.90
C ALA H 81 -7.31 -33.26 10.86
N SER H 82 -7.25 -32.21 11.66
CA SER H 82 -8.33 -31.92 12.59
C SER H 82 -9.58 -31.49 11.82
N ARG H 83 -9.39 -30.78 10.72
CA ARG H 83 -10.53 -30.33 9.89
C ARG H 83 -11.29 -31.56 9.32
N GLY H 84 -10.54 -32.54 8.83
CA GLY H 84 -11.17 -33.72 8.28
C GLY H 84 -11.77 -34.58 9.37
N PHE H 85 -11.09 -34.61 10.51
CA PHE H 85 -11.54 -35.38 11.65
C PHE H 85 -12.94 -34.95 12.08
N PHE H 86 -13.18 -33.64 12.06
CA PHE H 86 -14.47 -33.10 12.43
C PHE H 86 -15.48 -33.57 11.41
N ASP H 87 -15.15 -33.36 10.13
CA ASP H 87 -16.00 -33.74 9.01
C ASP H 87 -16.58 -35.16 9.13
N ILE H 88 -15.71 -36.11 9.45
CA ILE H 88 -16.12 -37.50 9.64
C ILE H 88 -17.16 -37.56 10.74
N LEU H 89 -16.80 -37.02 11.89
CA LEU H 89 -17.67 -36.99 13.06
C LEU H 89 -19.05 -36.42 12.69
N SER H 90 -19.03 -35.38 11.87
CA SER H 90 -20.25 -34.74 11.43
C SER H 90 -21.05 -35.69 10.54
N LEU H 91 -20.38 -36.26 9.54
CA LEU H 91 -21.02 -37.21 8.62
C LEU H 91 -21.58 -38.42 9.34
N ALA H 92 -20.81 -38.94 10.29
CA ALA H 92 -21.25 -40.09 11.06
C ALA H 92 -22.50 -39.71 11.85
N THR H 93 -22.50 -38.51 12.43
CA THR H 93 -23.65 -38.05 13.19
C THR H 93 -24.88 -37.90 12.29
N GLU H 94 -24.68 -37.40 11.08
CA GLU H 94 -25.80 -37.25 10.14
C GLU H 94 -26.34 -38.63 9.72
N GLY H 95 -25.46 -39.64 9.75
CA GLY H 95 -25.87 -40.98 9.40
C GLY H 95 -25.45 -41.44 8.02
N CYS H 96 -24.54 -40.70 7.39
CA CYS H 96 -24.06 -41.04 6.06
C CYS H 96 -22.87 -41.98 6.11
N ILE H 97 -22.34 -42.18 7.31
CA ILE H 97 -21.15 -42.97 7.43
C ILE H 97 -21.07 -43.72 8.75
N GLY H 98 -20.29 -44.80 8.76
CA GLY H 98 -20.10 -45.59 9.95
C GLY H 98 -18.66 -45.45 10.39
N LEU H 99 -18.42 -45.45 11.71
CA LEU H 99 -17.07 -45.33 12.24
C LEU H 99 -16.78 -46.42 13.25
N SER H 100 -15.51 -46.85 13.28
CA SER H 100 -15.07 -47.88 14.21
C SER H 100 -13.57 -47.77 14.42
N GLN H 101 -13.14 -47.92 15.66
CA GLN H 101 -11.74 -47.83 16.02
C GLN H 101 -11.49 -48.96 17.02
N THR H 102 -10.36 -49.64 16.88
CA THR H 102 -10.03 -50.76 17.75
C THR H 102 -9.24 -50.39 18.99
N GLU H 103 -8.19 -49.61 18.80
CA GLU H 103 -7.33 -49.22 19.91
C GLU H 103 -7.19 -47.71 20.08
N ALA H 104 -6.82 -47.31 21.29
CA ALA H 104 -6.61 -45.92 21.66
C ALA H 104 -6.49 -45.02 20.45
N PHE H 105 -5.28 -44.84 19.94
CA PHE H 105 -5.15 -43.97 18.79
C PHE H 105 -4.85 -44.78 17.55
N GLY H 106 -5.68 -45.81 17.34
CA GLY H 106 -5.53 -46.66 16.19
C GLY H 106 -6.13 -46.10 14.93
N ASN H 107 -6.28 -46.95 13.93
CA ASN H 107 -6.85 -46.57 12.64
C ASN H 107 -8.34 -46.43 12.72
N ILE H 108 -8.88 -45.48 11.98
CA ILE H 108 -10.31 -45.26 11.98
C ILE H 108 -10.92 -45.84 10.72
N LYS H 109 -11.73 -46.87 10.90
CA LYS H 109 -12.37 -47.53 9.78
C LYS H 109 -13.69 -46.88 9.42
N ILE H 110 -13.75 -46.32 8.21
CA ILE H 110 -14.93 -45.65 7.68
C ILE H 110 -15.67 -46.52 6.66
N ASP H 111 -16.92 -46.86 6.94
CA ASP H 111 -17.69 -47.64 6.00
C ASP H 111 -18.93 -46.80 5.64
N ALA H 112 -19.42 -46.91 4.40
CA ALA H 112 -20.56 -46.13 3.96
C ALA H 112 -21.92 -46.68 4.40
N LYS H 113 -22.90 -45.78 4.51
CA LYS H 113 -24.25 -46.14 4.88
C LYS H 113 -25.11 -45.75 3.70
N PRO H 114 -26.28 -46.39 3.54
CA PRO H 114 -27.14 -46.05 2.40
C PRO H 114 -27.30 -44.55 2.19
N ALA H 115 -27.40 -43.81 3.28
CA ALA H 115 -27.56 -42.37 3.22
C ALA H 115 -26.44 -41.64 2.48
N LEU H 116 -25.23 -42.19 2.48
CA LEU H 116 -24.09 -41.54 1.81
C LEU H 116 -24.42 -41.28 0.34
N PHE H 117 -25.54 -41.83 -0.12
CA PHE H 117 -25.92 -41.63 -1.51
C PHE H 117 -27.31 -40.97 -1.68
N GLU H 118 -27.55 -40.39 -2.76
#